data_9LQF
#
_entry.id   9LQF
#
_cell.length_a   77.940
_cell.length_b   109.930
_cell.length_c   94.220
_cell.angle_alpha   90.00
_cell.angle_beta   111.07
_cell.angle_gamma   90.00
#
_symmetry.space_group_name_H-M   'P 1 21 1'
#
loop_
_entity.id
_entity.type
_entity.pdbx_description
1 polymer 'SAM lyase'
2 non-polymer '(2~{S})-4-[[(2~{S},3~{S},4~{R},5~{R})-5-(6-aminopurin-9-yl)-3-[[(2~{R},3~{S},4~{R},5~{R})-5-(6-aminopurin-9-yl)-3,4-bis(oxidanyl)oxolan-2-yl]methoxy-oxidanyl-phosphoryl]oxy-4-oxidanyl-oxolan-2-yl]methylsulfanyl]-2-azanyl-butanoic acid'
3 non-polymer GLYCEROL
4 water water
#
_entity_poly.entity_id   1
_entity_poly.type   'polypeptide(L)'
_entity_poly.pdbx_seq_one_letter_code
;SMGKTLRFEIVSGVNKGYFHTNSQSESLDLVGGIWQKIAKEEFEKSNIYVSAVIKPSKTVYNQEWGCPENGEETVVLTGV
ANEEFVDDIEKWKDTVIKLAKELKNQMKQSTLTCEFIETELHYFK
;
_entity_poly.pdbx_strand_id   A,D,E,B,C,F,G,H,I,J,K,L
#
loop_
_chem_comp.id
_chem_comp.type
_chem_comp.name
_chem_comp.formula
A1EL0 non-polymer '(2~{S})-4-[[(2~{S},3~{S},4~{R},5~{R})-5-(6-aminopurin-9-yl)-3-[[(2~{R},3~{S},4~{R},5~{R})-5-(6-aminopurin-9-yl)-3,4-bis(oxidanyl)oxolan-2-yl]methoxy-oxidanyl-phosphoryl]oxy-4-oxidanyl-oxolan-2-yl]methylsulfanyl]-2-azanyl-butanoic acid' 'C24 H32 N11 O11 P S'
GOL non-polymer GLYCEROL 'C3 H8 O3'
#
# COMPACT_ATOMS: atom_id res chain seq x y z
N GLY A 3 31.52 0.10 21.11
CA GLY A 3 31.70 -0.41 19.75
C GLY A 3 32.56 0.51 18.88
N LYS A 4 33.33 -0.09 17.96
CA LYS A 4 34.19 0.73 17.12
C LYS A 4 34.40 0.19 15.71
N THR A 5 33.74 -0.89 15.28
CA THR A 5 33.77 -1.28 13.87
C THR A 5 32.47 -2.00 13.55
N LEU A 6 32.42 -2.66 12.39
CA LEU A 6 31.24 -3.38 11.94
C LEU A 6 31.57 -4.84 11.67
N ARG A 7 30.56 -5.68 11.83
CA ARG A 7 30.60 -7.05 11.32
C ARG A 7 29.42 -7.26 10.40
N PHE A 8 29.56 -8.22 9.48
CA PHE A 8 28.44 -8.55 8.60
C PHE A 8 27.99 -9.97 8.88
N GLU A 9 26.76 -10.26 8.49
CA GLU A 9 26.26 -11.62 8.46
C GLU A 9 25.37 -11.82 7.24
N ILE A 10 25.67 -12.85 6.45
CA ILE A 10 24.93 -13.18 5.25
C ILE A 10 24.36 -14.58 5.46
N VAL A 11 23.13 -14.80 5.01
CA VAL A 11 22.51 -16.12 5.07
C VAL A 11 22.14 -16.54 3.66
N SER A 12 22.64 -17.70 3.24
CA SER A 12 22.39 -18.18 1.88
C SER A 12 22.02 -19.65 1.89
N GLY A 13 21.07 -20.03 1.04
CA GLY A 13 20.87 -21.43 0.74
C GLY A 13 22.08 -22.03 0.04
N VAL A 14 22.15 -23.36 0.01
CA VAL A 14 23.29 -24.10 -0.61
C VAL A 14 22.92 -24.68 -1.99
N ASN A 15 21.68 -24.49 -2.42
CA ASN A 15 21.23 -24.95 -3.76
C ASN A 15 21.69 -26.39 -4.05
N LYS A 16 21.19 -27.36 -3.29
CA LYS A 16 21.52 -28.78 -3.56
C LYS A 16 20.94 -29.17 -4.95
N GLY A 17 19.82 -28.56 -5.38
CA GLY A 17 19.27 -28.92 -6.67
C GLY A 17 20.17 -28.58 -7.84
N TYR A 18 20.94 -27.49 -7.74
CA TYR A 18 21.85 -27.07 -8.79
C TYR A 18 23.25 -27.62 -8.58
N PHE A 19 23.78 -27.52 -7.36
CA PHE A 19 25.14 -27.96 -7.07
C PHE A 19 25.23 -29.42 -6.67
N HIS A 20 24.10 -30.09 -6.46
CA HIS A 20 24.04 -31.53 -6.22
C HIS A 20 25.02 -31.95 -5.13
N THR A 21 24.87 -31.34 -3.97
CA THR A 21 25.66 -31.64 -2.78
C THR A 21 24.80 -32.38 -1.77
N ASN A 22 25.46 -33.12 -0.87
CA ASN A 22 24.74 -34.03 0.01
C ASN A 22 25.44 -34.18 1.36
N SER A 23 25.90 -33.08 1.92
CA SER A 23 26.42 -33.11 3.28
C SER A 23 26.66 -31.68 3.75
N GLN A 24 26.90 -31.55 5.05
CA GLN A 24 27.31 -30.27 5.61
C GLN A 24 28.70 -29.89 5.14
N SER A 25 29.59 -30.87 4.98
CA SER A 25 30.96 -30.59 4.53
C SER A 25 30.98 -30.06 3.11
N GLU A 26 30.34 -30.78 2.18
CA GLU A 26 30.35 -30.34 0.79
C GLU A 26 29.61 -29.03 0.61
N SER A 27 28.66 -28.72 1.50
CA SER A 27 28.00 -27.42 1.43
C SER A 27 28.93 -26.30 1.87
N LEU A 28 29.66 -26.50 2.98
CA LEU A 28 30.63 -25.50 3.42
C LEU A 28 31.76 -25.36 2.40
N ASP A 29 32.18 -26.49 1.80
CA ASP A 29 33.23 -26.45 0.79
C ASP A 29 32.79 -25.66 -0.43
N LEU A 30 31.56 -25.89 -0.89
CA LEU A 30 31.03 -25.19 -2.05
C LEU A 30 30.99 -23.68 -1.81
N VAL A 31 30.29 -23.27 -0.75
CA VAL A 31 30.15 -21.84 -0.47
C VAL A 31 31.51 -21.22 -0.16
N GLY A 32 32.34 -21.92 0.60
CA GLY A 32 33.65 -21.40 0.95
C GLY A 32 34.53 -21.18 -0.27
N GLY A 33 34.58 -22.17 -1.15
CA GLY A 33 35.34 -22.00 -2.38
C GLY A 33 34.82 -20.87 -3.24
N ILE A 34 33.49 -20.72 -3.32
CA ILE A 34 32.89 -19.62 -4.05
C ILE A 34 33.23 -18.29 -3.40
N TRP A 35 33.10 -18.20 -2.07
CA TRP A 35 33.46 -16.96 -1.39
C TRP A 35 34.91 -16.60 -1.64
N GLN A 36 35.79 -17.59 -1.50
CA GLN A 36 37.22 -17.37 -1.72
C GLN A 36 37.49 -16.78 -3.10
N LYS A 37 36.74 -17.22 -4.11
CA LYS A 37 36.97 -16.72 -5.46
C LYS A 37 36.42 -15.30 -5.63
N ILE A 38 35.18 -15.05 -5.18
CA ILE A 38 34.60 -13.73 -5.38
C ILE A 38 35.29 -12.71 -4.47
N ALA A 39 35.75 -13.12 -3.29
CA ALA A 39 36.49 -12.20 -2.43
C ALA A 39 37.80 -11.79 -3.07
N LYS A 40 38.51 -12.75 -3.66
CA LYS A 40 39.78 -12.42 -4.32
C LYS A 40 39.53 -11.51 -5.51
N GLU A 41 38.49 -11.78 -6.29
N GLU A 41 38.48 -11.77 -6.29
CA GLU A 41 38.16 -10.93 -7.44
CA GLU A 41 38.18 -10.92 -7.44
C GLU A 41 37.90 -9.50 -7.00
C GLU A 41 37.88 -9.49 -7.01
N GLU A 42 37.14 -9.32 -5.92
CA GLU A 42 36.83 -7.97 -5.47
C GLU A 42 38.07 -7.29 -4.89
N PHE A 43 38.92 -8.07 -4.22
CA PHE A 43 40.17 -7.56 -3.66
C PHE A 43 41.06 -7.00 -4.74
N GLU A 44 41.12 -7.67 -5.89
CA GLU A 44 41.91 -7.15 -7.00
C GLU A 44 41.37 -5.81 -7.49
N LYS A 45 40.05 -5.62 -7.46
CA LYS A 45 39.47 -4.39 -8.01
C LYS A 45 39.54 -3.25 -7.02
N SER A 46 39.38 -3.53 -5.74
CA SER A 46 39.18 -2.48 -4.75
C SER A 46 40.27 -2.42 -3.68
N ASN A 47 41.17 -3.40 -3.62
CA ASN A 47 42.16 -3.52 -2.56
C ASN A 47 41.53 -3.75 -1.19
N ILE A 48 40.27 -4.20 -1.16
CA ILE A 48 39.60 -4.58 0.09
C ILE A 48 39.34 -6.08 0.03
N TYR A 49 39.94 -6.84 0.96
CA TYR A 49 39.70 -8.27 1.06
C TYR A 49 38.72 -8.55 2.20
N VAL A 50 37.64 -9.25 1.90
CA VAL A 50 36.62 -9.55 2.90
C VAL A 50 36.71 -11.04 3.20
N SER A 51 37.32 -11.39 4.32
CA SER A 51 37.33 -12.78 4.75
C SER A 51 35.97 -13.13 5.37
N ALA A 52 35.69 -14.43 5.46
CA ALA A 52 34.38 -14.83 5.98
C ALA A 52 34.50 -16.09 6.83
N VAL A 53 33.80 -16.08 7.95
CA VAL A 53 33.61 -17.26 8.77
C VAL A 53 32.28 -17.89 8.37
N ILE A 54 32.30 -19.18 8.06
CA ILE A 54 31.15 -19.85 7.46
C ILE A 54 30.66 -20.94 8.40
N LYS A 55 29.38 -20.88 8.78
CA LYS A 55 28.80 -21.82 9.72
C LYS A 55 27.69 -22.61 9.07
N PRO A 56 27.60 -23.90 9.36
CA PRO A 56 26.49 -24.69 8.84
C PRO A 56 25.20 -24.36 9.59
N SER A 57 24.07 -24.49 8.89
CA SER A 57 22.80 -24.15 9.51
C SER A 57 21.64 -24.77 8.75
N LYS A 58 20.46 -24.58 9.31
CA LYS A 58 19.21 -24.74 8.60
C LYS A 58 18.37 -23.50 8.84
N THR A 59 17.54 -23.16 7.86
CA THR A 59 16.65 -22.02 8.00
C THR A 59 15.22 -22.51 7.95
N VAL A 60 14.44 -22.12 8.95
CA VAL A 60 13.09 -22.63 9.16
C VAL A 60 12.10 -21.54 8.77
N TYR A 61 11.25 -21.82 7.78
CA TYR A 61 10.16 -20.90 7.47
C TYR A 61 8.95 -21.73 7.04
N ASN A 62 7.91 -21.05 6.57
CA ASN A 62 6.64 -21.71 6.33
C ASN A 62 6.75 -22.70 5.17
N GLN A 63 6.27 -23.93 5.38
CA GLN A 63 6.35 -24.92 4.33
C GLN A 63 5.57 -24.51 3.09
N GLU A 64 4.60 -23.63 3.22
CA GLU A 64 3.84 -23.17 2.06
C GLU A 64 4.55 -22.08 1.28
N TRP A 65 5.71 -21.62 1.75
CA TRP A 65 6.53 -20.69 1.01
C TRP A 65 7.74 -21.38 0.41
N GLY A 66 7.80 -22.71 0.50
CA GLY A 66 8.87 -23.49 -0.09
C GLY A 66 9.74 -24.23 0.88
N CYS A 67 9.60 -24.02 2.19
CA CYS A 67 10.55 -24.59 3.13
C CYS A 67 10.30 -26.09 3.29
N PRO A 68 11.34 -26.92 3.22
CA PRO A 68 11.17 -28.34 3.59
C PRO A 68 10.77 -28.47 5.04
N GLU A 69 10.18 -29.62 5.37
CA GLU A 69 9.86 -29.91 6.77
C GLU A 69 11.14 -29.87 7.60
N ASN A 70 11.10 -29.16 8.72
CA ASN A 70 12.22 -28.93 9.65
C ASN A 70 13.26 -27.95 9.14
N GLY A 71 13.12 -27.43 7.92
CA GLY A 71 14.00 -26.36 7.48
C GLY A 71 14.86 -26.65 6.27
N GLU A 72 15.34 -25.58 5.64
CA GLU A 72 16.20 -25.67 4.47
C GLU A 72 17.66 -25.54 4.87
N GLU A 73 18.51 -26.37 4.26
CA GLU A 73 19.94 -26.28 4.53
C GLU A 73 20.48 -24.93 4.06
N THR A 74 21.23 -24.26 4.93
CA THR A 74 21.75 -22.93 4.63
C THR A 74 23.17 -22.81 5.18
N VAL A 75 23.79 -21.69 4.86
CA VAL A 75 25.09 -21.35 5.42
C VAL A 75 25.02 -19.92 5.93
N VAL A 76 25.71 -19.67 7.05
CA VAL A 76 25.79 -18.33 7.64
C VAL A 76 27.22 -17.86 7.50
N LEU A 77 27.43 -16.74 6.80
CA LEU A 77 28.75 -16.16 6.60
C LEU A 77 28.87 -14.88 7.42
N THR A 78 29.94 -14.77 8.20
CA THR A 78 30.15 -13.59 9.02
C THR A 78 31.57 -13.08 8.83
N GLY A 79 31.78 -11.79 9.09
CA GLY A 79 33.12 -11.25 9.10
C GLY A 79 33.12 -9.86 9.68
N VAL A 80 34.31 -9.41 10.07
CA VAL A 80 34.44 -8.15 10.80
C VAL A 80 35.43 -7.26 10.05
N ALA A 81 35.16 -5.96 10.02
CA ALA A 81 36.07 -5.01 9.40
C ALA A 81 37.17 -4.70 10.41
N ASN A 82 38.38 -5.17 10.11
CA ASN A 82 39.54 -4.99 10.97
C ASN A 82 40.28 -3.74 10.54
N GLU A 83 40.47 -2.82 11.49
CA GLU A 83 41.13 -1.54 11.22
C GLU A 83 42.53 -1.71 10.64
N GLU A 84 43.21 -2.83 10.91
CA GLU A 84 44.53 -3.03 10.32
C GLU A 84 44.47 -3.30 8.83
N PHE A 85 43.29 -3.68 8.32
CA PHE A 85 43.09 -4.04 6.93
C PHE A 85 42.17 -3.09 6.19
N VAL A 86 41.38 -2.29 6.91
CA VAL A 86 40.27 -1.52 6.37
C VAL A 86 40.47 -0.07 6.79
N ASP A 87 40.74 0.83 5.84
CA ASP A 87 40.89 2.25 6.12
C ASP A 87 39.56 2.98 6.16
N ASP A 88 38.56 2.48 5.43
CA ASP A 88 37.35 3.23 5.12
C ASP A 88 36.18 2.28 5.31
N ILE A 89 35.47 2.44 6.42
CA ILE A 89 34.41 1.49 6.75
C ILE A 89 33.27 1.54 5.74
N GLU A 90 33.01 2.71 5.13
CA GLU A 90 31.91 2.78 4.17
C GLU A 90 32.26 2.05 2.88
N LYS A 91 33.52 2.14 2.44
CA LYS A 91 33.97 1.36 1.29
C LYS A 91 33.94 -0.13 1.60
N TRP A 92 34.27 -0.51 2.84
CA TRP A 92 34.19 -1.91 3.22
C TRP A 92 32.74 -2.41 3.16
N LYS A 93 31.82 -1.60 3.68
CA LYS A 93 30.40 -1.92 3.65
C LYS A 93 29.92 -2.11 2.21
N ASP A 94 30.29 -1.20 1.32
CA ASP A 94 29.90 -1.34 -0.08
C ASP A 94 30.49 -2.59 -0.71
N THR A 95 31.70 -2.97 -0.28
CA THR A 95 32.32 -4.17 -0.80
C THR A 95 31.58 -5.41 -0.32
N VAL A 96 31.24 -5.46 0.97
CA VAL A 96 30.46 -6.58 1.48
C VAL A 96 29.16 -6.73 0.70
N ILE A 97 28.44 -5.61 0.49
CA ILE A 97 27.16 -5.68 -0.22
C ILE A 97 27.36 -6.20 -1.64
N LYS A 98 28.44 -5.76 -2.30
CA LYS A 98 28.71 -6.24 -3.64
C LYS A 98 28.97 -7.75 -3.63
N LEU A 99 29.73 -8.23 -2.64
CA LEU A 99 29.97 -9.67 -2.50
C LEU A 99 28.69 -10.43 -2.18
N ALA A 100 27.82 -9.84 -1.35
CA ALA A 100 26.56 -10.51 -1.02
C ALA A 100 25.69 -10.70 -2.25
N LYS A 101 25.55 -9.64 -3.06
CA LYS A 101 24.81 -9.76 -4.31
C LYS A 101 25.46 -10.77 -5.24
N GLU A 102 26.79 -10.79 -5.29
CA GLU A 102 27.45 -11.76 -6.15
C GLU A 102 27.28 -13.18 -5.63
N LEU A 103 27.32 -13.37 -4.30
CA LEU A 103 27.08 -14.69 -3.74
C LEU A 103 25.67 -15.17 -4.04
N LYS A 104 24.70 -14.27 -3.93
CA LYS A 104 23.32 -14.59 -4.28
C LYS A 104 23.23 -15.07 -5.73
N ASN A 105 23.91 -14.38 -6.65
CA ASN A 105 23.89 -14.78 -8.05
C ASN A 105 24.53 -16.16 -8.24
N GLN A 106 25.73 -16.36 -7.68
CA GLN A 106 26.44 -17.62 -7.87
C GLN A 106 25.69 -18.78 -7.23
N MET A 107 25.06 -18.56 -6.08
CA MET A 107 24.29 -19.61 -5.45
C MET A 107 22.90 -19.77 -6.06
N LYS A 108 22.52 -18.90 -6.99
CA LYS A 108 21.21 -18.94 -7.65
C LYS A 108 20.07 -18.81 -6.63
N GLN A 109 20.20 -17.83 -5.74
CA GLN A 109 19.25 -17.63 -4.67
C GLN A 109 18.21 -16.58 -5.07
N SER A 110 16.94 -16.89 -4.83
CA SER A 110 15.91 -15.90 -5.11
C SER A 110 16.01 -14.70 -4.19
N THR A 111 16.31 -14.93 -2.91
CA THR A 111 16.51 -13.87 -1.93
C THR A 111 17.78 -14.16 -1.13
N LEU A 112 18.23 -13.12 -0.42
CA LEU A 112 19.43 -13.21 0.42
C LEU A 112 19.44 -12.03 1.38
N THR A 113 19.83 -12.27 2.62
CA THR A 113 19.92 -11.24 3.63
C THR A 113 21.39 -10.93 3.91
N CYS A 114 21.67 -9.64 4.15
CA CYS A 114 23.00 -9.16 4.52
C CYS A 114 22.82 -8.12 5.62
N GLU A 115 23.38 -8.39 6.79
CA GLU A 115 23.23 -7.51 7.94
C GLU A 115 24.56 -6.91 8.35
N PHE A 116 24.52 -5.69 8.89
CA PHE A 116 25.68 -5.06 9.52
C PHE A 116 25.35 -4.80 10.99
N ILE A 117 26.27 -5.19 11.86
CA ILE A 117 26.14 -5.07 13.30
C ILE A 117 27.35 -4.32 13.83
N GLU A 118 27.12 -3.39 14.76
CA GLU A 118 28.24 -2.72 15.41
C GLU A 118 28.94 -3.67 16.37
N THR A 119 30.27 -3.64 16.36
CA THR A 119 31.05 -4.52 17.20
C THR A 119 32.31 -3.79 17.65
N GLU A 120 32.90 -4.29 18.73
CA GLU A 120 34.18 -3.79 19.23
C GLU A 120 35.21 -4.91 19.08
N LEU A 121 36.16 -4.74 18.16
CA LEU A 121 37.10 -5.80 17.83
C LEU A 121 38.37 -5.67 18.64
N HIS A 122 38.75 -6.77 19.29
CA HIS A 122 40.07 -6.94 19.89
C HIS A 122 40.82 -7.97 19.05
N TYR A 123 41.91 -7.54 18.42
CA TYR A 123 42.68 -8.37 17.50
C TYR A 123 44.02 -8.73 18.15
N PHE A 124 44.25 -10.01 18.38
CA PHE A 124 45.49 -10.45 19.02
C PHE A 124 46.38 -11.12 17.98
N LYS A 125 47.62 -10.65 17.89
CA LYS A 125 48.54 -11.13 16.88
C LYS A 125 49.94 -11.29 17.45
N LYS B 4 20.35 -4.51 29.44
CA LYS B 4 21.39 -4.14 28.48
C LYS B 4 22.76 -4.68 28.92
N THR B 5 23.43 -5.40 28.04
CA THR B 5 24.63 -6.12 28.46
C THR B 5 25.50 -6.37 27.22
N LEU B 6 26.51 -7.21 27.36
CA LEU B 6 27.44 -7.52 26.27
C LEU B 6 27.44 -9.01 25.97
N ARG B 7 27.70 -9.35 24.72
CA ARG B 7 28.12 -10.70 24.38
C ARG B 7 29.49 -10.64 23.73
N PHE B 8 30.23 -11.74 23.82
CA PHE B 8 31.52 -11.83 23.15
C PHE B 8 31.44 -12.84 22.01
N GLU B 9 32.31 -12.66 21.03
CA GLU B 9 32.50 -13.71 20.02
C GLU B 9 33.99 -13.87 19.72
N ILE B 10 34.47 -15.12 19.79
CA ILE B 10 35.86 -15.46 19.52
C ILE B 10 35.88 -16.44 18.36
N VAL B 11 36.84 -16.26 17.46
CA VAL B 11 37.03 -17.17 16.35
C VAL B 11 38.44 -17.74 16.44
N SER B 12 38.54 -19.07 16.55
CA SER B 12 39.82 -19.73 16.73
C SER B 12 39.97 -20.84 15.70
N GLY B 13 41.19 -21.01 15.18
CA GLY B 13 41.48 -22.21 14.43
C GLY B 13 41.58 -23.42 15.35
N VAL B 14 41.59 -24.60 14.74
CA VAL B 14 41.59 -25.84 15.50
C VAL B 14 42.94 -26.56 15.50
N ASN B 15 43.86 -26.17 14.62
CA ASN B 15 45.21 -26.74 14.56
C ASN B 15 45.20 -28.26 14.48
N LYS B 16 44.50 -28.76 13.45
CA LYS B 16 44.37 -30.20 13.19
C LYS B 16 45.68 -30.96 13.35
N GLY B 17 46.78 -30.36 12.88
CA GLY B 17 48.05 -31.07 12.90
C GLY B 17 48.63 -31.17 14.30
N TYR B 18 48.63 -30.06 15.05
CA TYR B 18 49.22 -30.08 16.39
C TYR B 18 48.46 -31.02 17.33
N PHE B 19 47.15 -31.11 17.18
CA PHE B 19 46.33 -31.91 18.07
C PHE B 19 45.98 -33.28 17.50
N HIS B 20 46.39 -33.56 16.26
CA HIS B 20 46.19 -34.87 15.64
C HIS B 20 44.72 -35.26 15.61
N THR B 21 43.84 -34.31 15.30
CA THR B 21 42.43 -34.62 15.12
C THR B 21 42.11 -34.74 13.64
N ASN B 22 41.00 -35.42 13.35
CA ASN B 22 40.66 -35.78 11.97
C ASN B 22 39.18 -35.64 11.65
N SER B 23 38.39 -35.02 12.52
CA SER B 23 37.00 -34.76 12.22
C SER B 23 36.60 -33.44 12.85
N GLN B 24 35.58 -32.82 12.26
CA GLN B 24 35.06 -31.56 12.79
C GLN B 24 34.50 -31.75 14.20
N SER B 25 33.89 -32.89 14.48
CA SER B 25 33.36 -33.11 15.81
C SER B 25 34.46 -33.32 16.84
N GLU B 26 35.60 -33.92 16.45
CA GLU B 26 36.72 -34.01 17.38
C GLU B 26 37.29 -32.63 17.67
N SER B 27 37.36 -31.76 16.65
CA SER B 27 37.86 -30.40 16.88
C SER B 27 36.92 -29.62 17.79
N LEU B 28 35.62 -29.80 17.62
CA LEU B 28 34.65 -29.15 18.50
C LEU B 28 34.78 -29.66 19.93
N ASP B 29 34.92 -30.99 20.10
CA ASP B 29 35.10 -31.53 21.44
C ASP B 29 36.44 -31.10 22.04
N LEU B 30 37.47 -30.95 21.20
CA LEU B 30 38.75 -30.45 21.68
C LEU B 30 38.63 -29.04 22.26
N VAL B 31 38.06 -28.12 21.48
CA VAL B 31 37.96 -26.74 21.94
C VAL B 31 37.00 -26.63 23.12
N GLY B 32 35.91 -27.40 23.10
CA GLY B 32 34.99 -27.39 24.25
C GLY B 32 35.67 -27.80 25.54
N GLY B 33 36.47 -28.86 25.49
CA GLY B 33 37.17 -29.28 26.69
C GLY B 33 38.22 -28.29 27.13
N ILE B 34 38.91 -27.66 26.19
CA ILE B 34 39.90 -26.66 26.55
C ILE B 34 39.24 -25.44 27.18
N TRP B 35 38.12 -24.99 26.61
CA TRP B 35 37.41 -23.86 27.22
C TRP B 35 36.92 -24.21 28.61
N GLN B 36 36.35 -25.41 28.77
CA GLN B 36 35.87 -25.85 30.06
C GLN B 36 36.96 -25.75 31.12
N LYS B 37 38.17 -26.17 30.78
CA LYS B 37 39.29 -26.14 31.72
C LYS B 37 39.70 -24.71 32.07
N ILE B 38 39.83 -23.84 31.06
CA ILE B 38 40.31 -22.49 31.35
C ILE B 38 39.21 -21.64 31.99
N ALA B 39 37.94 -21.89 31.66
CA ALA B 39 36.87 -21.14 32.33
C ALA B 39 36.76 -21.55 33.79
N LYS B 40 36.99 -22.82 34.08
CA LYS B 40 36.94 -23.27 35.47
C LYS B 40 38.07 -22.65 36.28
N GLU B 41 39.27 -22.62 35.72
CA GLU B 41 40.39 -21.98 36.40
C GLU B 41 40.13 -20.50 36.67
N GLU B 42 39.60 -19.78 35.67
CA GLU B 42 39.34 -18.36 35.90
C GLU B 42 38.23 -18.15 36.93
N PHE B 43 37.24 -19.05 36.95
CA PHE B 43 36.19 -18.97 37.95
C PHE B 43 36.77 -19.13 39.36
N GLU B 44 37.70 -20.08 39.53
CA GLU B 44 38.34 -20.24 40.83
C GLU B 44 39.05 -18.96 41.27
N LYS B 45 39.68 -18.26 40.32
CA LYS B 45 40.43 -17.05 40.68
C LYS B 45 39.51 -15.88 41.02
N SER B 46 38.48 -15.66 40.20
CA SER B 46 37.75 -14.40 40.18
C SER B 46 36.25 -14.52 40.49
N ASN B 47 35.73 -15.72 40.60
CA ASN B 47 34.30 -15.99 40.72
C ASN B 47 33.51 -15.56 39.47
N ILE B 48 34.19 -15.28 38.37
CA ILE B 48 33.53 -15.00 37.09
C ILE B 48 33.68 -16.24 36.22
N TYR B 49 32.55 -16.89 35.94
CA TYR B 49 32.53 -18.02 35.03
C TYR B 49 32.03 -17.53 33.67
N VAL B 50 32.85 -17.71 32.65
CA VAL B 50 32.50 -17.30 31.28
C VAL B 50 32.11 -18.58 30.54
N SER B 51 30.80 -18.82 30.43
CA SER B 51 30.34 -19.94 29.63
C SER B 51 30.39 -19.56 28.15
N ALA B 52 30.45 -20.56 27.30
CA ALA B 52 30.58 -20.30 25.86
C ALA B 52 29.74 -21.27 25.06
N VAL B 53 29.07 -20.74 24.05
CA VAL B 53 28.39 -21.55 23.03
C VAL B 53 29.36 -21.68 21.86
N ILE B 54 29.67 -22.91 21.48
CA ILE B 54 30.71 -23.15 20.48
C ILE B 54 30.09 -23.77 19.23
N LYS B 55 30.44 -23.21 18.07
CA LYS B 55 29.88 -23.68 16.81
C LYS B 55 30.99 -24.07 15.85
N PRO B 56 30.80 -25.14 15.08
CA PRO B 56 31.76 -25.47 14.02
C PRO B 56 31.67 -24.46 12.89
N SER B 57 32.79 -24.30 12.18
CA SER B 57 32.86 -23.31 11.13
C SER B 57 34.07 -23.59 10.26
N LYS B 58 34.09 -22.93 9.10
CA LYS B 58 35.29 -22.80 8.28
C LYS B 58 35.51 -21.32 8.00
N THR B 59 36.75 -20.88 8.03
CA THR B 59 37.06 -19.48 7.80
C THR B 59 37.81 -19.36 6.48
N VAL B 60 37.34 -18.46 5.62
CA VAL B 60 37.83 -18.31 4.26
C VAL B 60 38.65 -17.02 4.19
N TYR B 61 39.91 -17.13 3.77
CA TYR B 61 40.71 -15.95 3.46
C TYR B 61 41.64 -16.34 2.31
N ASN B 62 42.64 -15.50 2.06
CA ASN B 62 43.41 -15.62 0.83
C ASN B 62 44.40 -16.77 0.94
N GLN B 63 44.41 -17.64 -0.08
CA GLN B 63 45.35 -18.75 -0.07
C GLN B 63 46.80 -18.28 -0.06
N GLU B 64 47.06 -17.10 -0.63
CA GLU B 64 48.43 -16.58 -0.62
C GLU B 64 48.91 -16.23 0.77
N TRP B 65 47.98 -16.03 1.71
CA TRP B 65 48.31 -15.65 3.07
C TRP B 65 48.20 -16.83 4.04
N GLY B 66 48.08 -18.05 3.53
CA GLY B 66 48.10 -19.25 4.35
C GLY B 66 46.81 -20.03 4.37
N CYS B 67 45.74 -19.56 3.76
CA CYS B 67 44.48 -20.27 3.87
C CYS B 67 44.48 -21.49 2.94
N PRO B 68 44.00 -22.64 3.41
CA PRO B 68 43.78 -23.77 2.50
C PRO B 68 42.66 -23.46 1.53
N GLU B 69 42.64 -24.19 0.42
CA GLU B 69 41.53 -24.06 -0.51
C GLU B 69 40.22 -24.36 0.22
N ASN B 70 39.22 -23.51 -0.05
CA ASN B 70 37.86 -23.61 0.49
C ASN B 70 37.75 -23.22 1.96
N GLY B 71 38.88 -23.02 2.64
CA GLY B 71 38.87 -22.44 3.96
C GLY B 71 39.51 -23.35 5.00
N GLU B 72 39.68 -22.78 6.18
CA GLU B 72 40.35 -23.41 7.31
C GLU B 72 39.31 -23.77 8.39
N GLU B 73 39.46 -24.94 9.00
CA GLU B 73 38.52 -25.37 10.02
C GLU B 73 38.66 -24.49 11.25
N THR B 74 37.54 -23.98 11.75
CA THR B 74 37.56 -23.06 12.88
C THR B 74 36.41 -23.37 13.83
N VAL B 75 36.51 -22.84 15.04
CA VAL B 75 35.43 -22.86 16.02
C VAL B 75 35.07 -21.42 16.35
N VAL B 76 33.79 -21.14 16.46
CA VAL B 76 33.29 -19.85 16.92
C VAL B 76 32.74 -20.01 18.33
N LEU B 77 33.25 -19.22 19.27
CA LEU B 77 32.80 -19.26 20.66
C LEU B 77 32.10 -17.95 21.00
N THR B 78 30.90 -18.05 21.57
CA THR B 78 30.11 -16.86 21.90
C THR B 78 29.48 -17.00 23.28
N GLY B 79 29.32 -15.89 23.97
CA GLY B 79 28.65 -15.97 25.26
C GLY B 79 28.19 -14.59 25.69
N VAL B 80 27.28 -14.57 26.65
CA VAL B 80 26.63 -13.34 27.07
C VAL B 80 26.93 -13.10 28.55
N ALA B 81 27.08 -11.84 28.94
CA ALA B 81 27.24 -11.47 30.34
C ALA B 81 25.85 -11.44 30.97
N ASN B 82 25.58 -12.41 31.83
CA ASN B 82 24.26 -12.51 32.45
C ASN B 82 24.32 -11.81 33.81
N GLU B 83 23.48 -10.79 33.98
CA GLU B 83 23.45 -10.01 35.21
C GLU B 83 23.15 -10.87 36.44
N GLU B 84 22.48 -12.01 36.25
CA GLU B 84 22.27 -12.94 37.36
C GLU B 84 23.59 -13.46 37.90
N PHE B 85 24.62 -13.54 37.05
CA PHE B 85 25.91 -14.09 37.42
C PHE B 85 27.03 -13.07 37.45
N VAL B 86 26.88 -11.93 36.77
CA VAL B 86 27.95 -10.95 36.58
C VAL B 86 27.52 -9.63 37.18
N ASP B 87 28.28 -9.14 38.16
CA ASP B 87 27.97 -7.87 38.79
C ASP B 87 28.70 -6.69 38.16
N ASP B 88 29.79 -6.93 37.43
CA ASP B 88 30.64 -5.85 36.91
C ASP B 88 31.00 -6.18 35.47
N ILE B 89 30.34 -5.50 34.53
CA ILE B 89 30.54 -5.81 33.12
C ILE B 89 31.99 -5.56 32.71
N GLU B 90 32.66 -4.57 33.32
CA GLU B 90 34.04 -4.31 32.94
C GLU B 90 34.96 -5.44 33.37
N LYS B 91 34.76 -5.99 34.57
CA LYS B 91 35.58 -7.12 35.01
C LYS B 91 35.32 -8.35 34.15
N TRP B 92 34.05 -8.59 33.79
CA TRP B 92 33.71 -9.69 32.87
C TRP B 92 34.44 -9.52 31.55
N LYS B 93 34.40 -8.31 30.99
CA LYS B 93 35.02 -8.06 29.70
C LYS B 93 36.54 -8.24 29.76
N ASP B 94 37.15 -7.81 30.86
CA ASP B 94 38.57 -8.09 31.06
C ASP B 94 38.80 -9.58 31.20
N THR B 95 37.88 -10.29 31.83
CA THR B 95 38.00 -11.74 31.97
C THR B 95 37.92 -12.43 30.61
N VAL B 96 36.94 -12.04 29.79
CA VAL B 96 36.82 -12.61 28.45
C VAL B 96 38.12 -12.41 27.68
N ILE B 97 38.70 -11.23 27.77
CA ILE B 97 39.93 -10.92 27.03
C ILE B 97 41.07 -11.82 27.50
N LYS B 98 41.20 -12.04 28.82
CA LYS B 98 42.20 -12.96 29.33
C LYS B 98 41.98 -14.36 28.79
N LEU B 99 40.72 -14.83 28.81
CA LEU B 99 40.42 -16.17 28.33
C LEU B 99 40.69 -16.30 26.84
N ALA B 100 40.36 -15.27 26.06
CA ALA B 100 40.65 -15.30 24.63
C ALA B 100 42.14 -15.43 24.37
N LYS B 101 42.95 -14.68 25.12
CA LYS B 101 44.40 -14.77 24.96
C LYS B 101 44.90 -16.16 25.36
N GLU B 102 44.31 -16.74 26.42
CA GLU B 102 44.73 -18.07 26.83
C GLU B 102 44.30 -19.13 25.81
N LEU B 103 43.09 -19.00 25.26
CA LEU B 103 42.69 -19.91 24.20
C LEU B 103 43.62 -19.80 23.00
N LYS B 104 44.00 -18.58 22.64
CA LYS B 104 44.92 -18.40 21.52
C LYS B 104 46.23 -19.15 21.76
N ASN B 105 46.76 -19.03 22.98
CA ASN B 105 48.00 -19.71 23.33
C ASN B 105 47.84 -21.23 23.31
N GLN B 106 46.79 -21.74 23.95
CA GLN B 106 46.67 -23.20 24.07
C GLN B 106 46.32 -23.84 22.73
N MET B 107 45.64 -23.12 21.85
CA MET B 107 45.34 -23.61 20.52
C MET B 107 46.46 -23.33 19.53
N LYS B 108 47.54 -22.69 19.98
CA LYS B 108 48.72 -22.40 19.15
C LYS B 108 48.32 -21.66 17.88
N GLN B 109 47.55 -20.60 18.06
CA GLN B 109 47.09 -19.75 16.97
C GLN B 109 47.95 -18.49 16.90
N SER B 110 48.32 -18.11 15.68
N SER B 110 48.32 -18.11 15.68
CA SER B 110 49.13 -16.91 15.50
CA SER B 110 49.13 -16.91 15.51
C SER B 110 48.31 -15.63 15.66
C SER B 110 48.31 -15.63 15.66
N THR B 111 47.03 -15.67 15.28
CA THR B 111 46.12 -14.55 15.48
C THR B 111 44.78 -15.08 15.97
N LEU B 112 44.02 -14.18 16.59
CA LEU B 112 42.70 -14.54 17.14
C LEU B 112 41.90 -13.25 17.32
N THR B 113 40.62 -13.29 16.91
CA THR B 113 39.72 -12.16 17.11
C THR B 113 38.81 -12.41 18.30
N CYS B 114 38.55 -11.35 19.06
CA CYS B 114 37.59 -11.36 20.16
C CYS B 114 36.75 -10.09 20.07
N GLU B 115 35.45 -10.23 19.80
CA GLU B 115 34.56 -9.08 19.64
C GLU B 115 33.63 -8.98 20.84
N PHE B 116 33.22 -7.74 21.14
CA PHE B 116 32.13 -7.47 22.05
C PHE B 116 31.00 -6.75 21.32
N ILE B 117 29.78 -7.17 21.58
CA ILE B 117 28.59 -6.66 20.90
C ILE B 117 27.54 -6.37 21.95
N GLU B 118 26.89 -5.21 21.85
CA GLU B 118 25.84 -4.87 22.79
C GLU B 118 24.58 -5.68 22.51
N THR B 119 23.95 -6.17 23.57
CA THR B 119 22.81 -7.06 23.43
C THR B 119 21.84 -6.83 24.58
N GLU B 120 20.56 -7.11 24.31
CA GLU B 120 19.52 -7.06 25.33
C GLU B 120 19.15 -8.49 25.68
N LEU B 121 19.48 -8.91 26.89
CA LEU B 121 19.33 -10.30 27.32
C LEU B 121 18.01 -10.49 28.08
N HIS B 122 17.19 -11.42 27.59
CA HIS B 122 16.03 -11.90 28.34
C HIS B 122 16.36 -13.31 28.81
N TYR B 123 16.40 -13.50 30.12
CA TYR B 123 16.79 -14.76 30.72
C TYR B 123 15.57 -15.38 31.39
N PHE B 124 15.15 -16.54 30.90
CA PHE B 124 13.96 -17.23 31.39
C PHE B 124 14.39 -18.40 32.25
N LYS B 125 13.89 -18.46 33.49
CA LYS B 125 14.28 -19.51 34.43
C LYS B 125 13.07 -19.95 35.25
N MET C 2 17.76 3.20 5.74
CA MET C 2 18.76 2.64 6.63
C MET C 2 18.70 1.11 6.65
N GLY C 3 17.53 0.56 6.95
CA GLY C 3 17.40 -0.85 7.25
C GLY C 3 17.61 -1.19 8.71
N LYS C 4 17.63 -0.20 9.59
CA LYS C 4 17.77 -0.42 11.03
C LYS C 4 16.64 -1.29 11.54
N THR C 5 16.99 -2.35 12.26
CA THR C 5 16.00 -3.32 12.75
C THR C 5 16.62 -4.08 13.92
N LEU C 6 15.99 -5.20 14.29
CA LEU C 6 16.45 -6.05 15.37
C LEU C 6 16.65 -7.48 14.87
N ARG C 7 17.62 -8.16 15.48
CA ARG C 7 17.74 -9.60 15.34
C ARG C 7 17.59 -10.22 16.72
N PHE C 8 17.16 -11.48 16.77
CA PHE C 8 17.09 -12.21 18.02
C PHE C 8 18.06 -13.37 17.96
N GLU C 9 18.54 -13.78 19.14
CA GLU C 9 19.32 -15.02 19.26
C GLU C 9 18.84 -15.79 20.48
N ILE C 10 18.51 -17.06 20.27
CA ILE C 10 18.02 -17.97 21.30
C ILE C 10 18.97 -19.16 21.39
N VAL C 11 19.28 -19.60 22.59
CA VAL C 11 20.10 -20.79 22.80
C VAL C 11 19.28 -21.81 23.58
N SER C 12 19.07 -22.98 22.99
CA SER C 12 18.25 -24.04 23.61
C SER C 12 19.04 -25.32 23.71
N GLY C 13 18.90 -26.03 24.83
CA GLY C 13 19.33 -27.40 24.88
C GLY C 13 18.43 -28.27 24.02
N VAL C 14 18.85 -29.52 23.81
CA VAL C 14 18.09 -30.44 22.96
C VAL C 14 17.44 -31.56 23.74
N ASN C 15 17.69 -31.64 25.05
CA ASN C 15 17.04 -32.58 25.97
C ASN C 15 17.06 -34.02 25.43
N LYS C 16 18.28 -34.56 25.40
CA LYS C 16 18.45 -35.96 25.01
C LYS C 16 17.72 -36.90 25.95
N GLY C 17 17.59 -36.53 27.23
CA GLY C 17 16.88 -37.38 28.16
C GLY C 17 15.40 -37.48 27.89
N TYR C 18 14.85 -36.55 27.12
CA TYR C 18 13.44 -36.56 26.78
C TYR C 18 13.18 -37.01 25.35
N PHE C 19 13.95 -36.50 24.38
CA PHE C 19 13.73 -36.84 22.98
C PHE C 19 14.64 -37.93 22.46
N HIS C 20 15.77 -38.16 23.14
CA HIS C 20 16.67 -39.28 22.82
C HIS C 20 17.22 -39.20 21.40
N THR C 21 17.52 -38.00 20.94
CA THR C 21 18.23 -37.90 19.66
C THR C 21 19.67 -38.38 19.85
N ASN C 22 20.29 -38.82 18.74
CA ASN C 22 21.61 -39.43 18.82
C ASN C 22 22.63 -38.82 17.87
N SER C 23 22.32 -37.68 17.26
CA SER C 23 23.29 -36.97 16.45
C SER C 23 22.89 -35.52 16.39
N GLN C 24 23.87 -34.67 16.04
CA GLN C 24 23.60 -33.24 15.96
C GLN C 24 22.64 -32.92 14.83
N SER C 25 22.75 -33.62 13.70
CA SER C 25 21.79 -33.38 12.62
C SER C 25 20.37 -33.73 13.07
N GLU C 26 20.23 -34.75 13.91
CA GLU C 26 18.89 -35.16 14.33
C GLU C 26 18.33 -34.22 15.39
N SER C 27 19.18 -33.65 16.25
CA SER C 27 18.67 -32.67 17.19
C SER C 27 18.40 -31.34 16.50
N LEU C 28 19.11 -31.06 15.41
CA LEU C 28 18.80 -29.86 14.63
C LEU C 28 17.43 -29.96 13.99
N ASP C 29 17.12 -31.13 13.42
CA ASP C 29 15.82 -31.35 12.81
C ASP C 29 14.71 -31.34 13.86
N LEU C 30 15.00 -31.88 15.06
CA LEU C 30 14.04 -31.81 16.15
C LEU C 30 13.67 -30.37 16.49
N VAL C 31 14.68 -29.54 16.78
CA VAL C 31 14.38 -28.15 17.11
C VAL C 31 13.77 -27.43 15.92
N GLY C 32 14.23 -27.74 14.70
CA GLY C 32 13.66 -27.10 13.53
C GLY C 32 12.18 -27.38 13.35
N GLY C 33 11.78 -28.64 13.54
CA GLY C 33 10.37 -28.98 13.44
C GLY C 33 9.53 -28.30 14.51
N ILE C 34 10.06 -28.23 15.74
CA ILE C 34 9.29 -27.62 16.81
C ILE C 34 9.12 -26.12 16.55
N TRP C 35 10.17 -25.45 16.11
CA TRP C 35 10.06 -24.03 15.81
C TRP C 35 9.09 -23.81 14.64
N GLN C 36 9.23 -24.63 13.59
CA GLN C 36 8.33 -24.51 12.44
C GLN C 36 6.88 -24.55 12.87
N LYS C 37 6.54 -25.46 13.79
CA LYS C 37 5.15 -25.59 14.20
C LYS C 37 4.71 -24.45 15.10
N ILE C 38 5.58 -23.96 16.01
CA ILE C 38 5.10 -22.85 16.83
C ILE C 38 5.10 -21.55 16.04
N ALA C 39 6.03 -21.37 15.09
CA ALA C 39 5.98 -20.19 14.24
C ALA C 39 4.71 -20.18 13.38
N LYS C 40 4.32 -21.35 12.87
CA LYS C 40 3.13 -21.42 12.02
C LYS C 40 1.87 -21.07 12.81
N GLU C 41 1.72 -21.66 14.00
CA GLU C 41 0.57 -21.35 14.84
C GLU C 41 0.48 -19.86 15.10
N GLU C 42 1.61 -19.25 15.47
CA GLU C 42 1.60 -17.82 15.74
C GLU C 42 1.27 -17.01 14.49
N PHE C 43 1.78 -17.42 13.33
CA PHE C 43 1.47 -16.72 12.10
C PHE C 43 -0.02 -16.79 11.77
N GLU C 44 -0.65 -17.94 12.02
CA GLU C 44 -2.06 -18.07 11.67
C GLU C 44 -2.93 -17.15 12.52
N LYS C 45 -2.50 -16.85 13.74
CA LYS C 45 -3.27 -16.04 14.67
C LYS C 45 -3.02 -14.54 14.50
N SER C 46 -1.78 -14.14 14.24
CA SER C 46 -1.39 -12.74 14.29
C SER C 46 -0.84 -12.20 12.98
N ASN C 47 -0.60 -13.04 11.98
CA ASN C 47 0.03 -12.67 10.71
C ASN C 47 1.48 -12.24 10.88
N ILE C 48 2.11 -12.61 12.00
CA ILE C 48 3.54 -12.38 12.22
C ILE C 48 4.23 -13.73 12.17
N TYR C 49 4.98 -13.99 11.11
CA TYR C 49 5.77 -15.21 10.95
C TYR C 49 7.21 -14.92 11.34
N VAL C 50 7.72 -15.64 12.33
CA VAL C 50 9.09 -15.45 12.80
C VAL C 50 9.91 -16.63 12.31
N SER C 51 10.64 -16.45 11.21
CA SER C 51 11.55 -17.49 10.73
C SER C 51 12.76 -17.57 11.65
N ALA C 52 13.48 -18.70 11.57
CA ALA C 52 14.69 -18.84 12.37
C ALA C 52 15.75 -19.59 11.58
N VAL C 53 16.97 -19.04 11.61
CA VAL C 53 18.15 -19.79 11.23
C VAL C 53 18.59 -20.57 12.45
N ILE C 54 18.85 -21.86 12.31
CA ILE C 54 19.23 -22.68 13.45
C ILE C 54 20.61 -23.28 13.18
N LYS C 55 21.49 -23.23 14.18
CA LYS C 55 22.85 -23.71 14.04
C LYS C 55 23.14 -24.77 15.10
N PRO C 56 23.84 -25.85 14.74
CA PRO C 56 24.30 -26.79 15.76
C PRO C 56 25.41 -26.17 16.58
N SER C 57 25.51 -26.63 17.84
CA SER C 57 26.45 -26.01 18.76
C SER C 57 26.62 -26.90 19.97
N LYS C 58 27.62 -26.56 20.80
CA LYS C 58 27.72 -27.11 22.14
C LYS C 58 27.93 -25.94 23.10
N THR C 59 27.35 -26.03 24.29
CA THR C 59 27.45 -24.95 25.25
C THR C 59 28.28 -25.42 26.44
N VAL C 60 29.34 -24.69 26.74
CA VAL C 60 30.31 -25.10 27.74
C VAL C 60 30.06 -24.33 29.02
N TYR C 61 29.80 -25.06 30.10
CA TYR C 61 29.75 -24.45 31.42
C TYR C 61 30.29 -25.47 32.42
N ASN C 62 30.24 -25.11 33.70
CA ASN C 62 30.92 -25.89 34.73
C ASN C 62 30.26 -27.25 34.88
N GLN C 63 31.06 -28.32 34.83
CA GLN C 63 30.54 -29.66 35.09
C GLN C 63 29.91 -29.75 36.47
N GLU C 64 30.41 -28.96 37.42
CA GLU C 64 29.81 -28.89 38.74
C GLU C 64 28.32 -28.56 38.69
N TRP C 65 27.91 -27.75 37.72
CA TRP C 65 26.53 -27.31 37.60
C TRP C 65 25.72 -28.17 36.64
N GLY C 66 26.30 -29.28 36.17
CA GLY C 66 25.57 -30.23 35.36
C GLY C 66 26.01 -30.33 33.92
N CYS C 67 27.01 -29.58 33.50
CA CYS C 67 27.42 -29.64 32.09
C CYS C 67 28.14 -30.95 31.79
N PRO C 68 27.80 -31.65 30.71
CA PRO C 68 28.64 -32.78 30.27
C PRO C 68 30.05 -32.32 29.96
N GLU C 69 31.00 -33.26 30.04
CA GLU C 69 32.36 -32.99 29.58
C GLU C 69 32.35 -32.53 28.14
N ASN C 70 33.12 -31.48 27.85
CA ASN C 70 33.27 -30.82 26.55
C ASN C 70 32.05 -30.02 26.14
N GLY C 71 30.97 -30.00 26.91
CA GLY C 71 29.83 -29.18 26.54
C GLY C 71 28.53 -29.93 26.35
N GLU C 72 27.43 -29.21 26.49
CA GLU C 72 26.10 -29.75 26.29
C GLU C 72 25.65 -29.47 24.86
N GLU C 73 25.04 -30.47 24.22
CA GLU C 73 24.54 -30.24 22.86
C GLU C 73 23.42 -29.21 22.88
N THR C 74 23.55 -28.17 22.05
CA THR C 74 22.58 -27.08 22.00
C THR C 74 22.31 -26.69 20.55
N VAL C 75 21.27 -25.89 20.37
CA VAL C 75 20.95 -25.29 19.08
C VAL C 75 20.80 -23.79 19.28
N VAL C 76 21.41 -23.01 18.40
CA VAL C 76 21.27 -21.56 18.38
C VAL C 76 20.27 -21.17 17.29
N LEU C 77 19.25 -20.40 17.67
CA LEU C 77 18.25 -19.92 16.72
C LEU C 77 18.35 -18.41 16.60
N THR C 78 18.39 -17.91 15.37
CA THR C 78 18.47 -16.48 15.15
C THR C 78 17.47 -16.07 14.08
N GLY C 79 17.07 -14.81 14.12
CA GLY C 79 16.20 -14.28 13.09
C GLY C 79 16.21 -12.78 13.17
N VAL C 80 15.66 -12.14 12.15
CA VAL C 80 15.74 -10.69 12.00
C VAL C 80 14.39 -10.16 11.52
N ALA C 81 13.99 -9.01 12.04
CA ALA C 81 12.75 -8.37 11.62
C ALA C 81 12.96 -7.67 10.28
N ASN C 82 12.27 -8.15 9.25
CA ASN C 82 12.36 -7.62 7.89
C ASN C 82 11.18 -6.68 7.68
N GLU C 83 11.47 -5.39 7.44
CA GLU C 83 10.41 -4.39 7.33
C GLU C 83 9.46 -4.65 6.16
N GLU C 84 9.83 -5.54 5.23
CA GLU C 84 8.89 -5.90 4.18
C GLU C 84 7.75 -6.76 4.71
N PHE C 85 7.97 -7.47 5.81
CA PHE C 85 6.96 -8.33 6.42
C PHE C 85 6.43 -7.82 7.74
N VAL C 86 7.18 -6.95 8.40
CA VAL C 86 6.89 -6.52 9.76
C VAL C 86 6.25 -5.15 9.71
N ASP C 87 5.03 -5.04 10.23
CA ASP C 87 4.36 -3.75 10.36
C ASP C 87 4.69 -3.03 11.66
N ASP C 88 5.11 -3.76 12.69
CA ASP C 88 5.21 -3.19 14.03
C ASP C 88 6.35 -3.92 14.74
N ILE C 89 7.51 -3.27 14.84
CA ILE C 89 8.68 -3.94 15.39
C ILE C 89 8.45 -4.32 16.85
N GLU C 90 7.66 -3.52 17.59
CA GLU C 90 7.43 -3.86 18.99
C GLU C 90 6.60 -5.13 19.13
N LYS C 91 5.59 -5.29 18.25
CA LYS C 91 4.80 -6.52 18.25
C LYS C 91 5.63 -7.71 17.79
N TRP C 92 6.52 -7.50 16.82
CA TRP C 92 7.44 -8.57 16.44
C TRP C 92 8.29 -9.01 17.63
N LYS C 93 8.81 -8.04 18.39
CA LYS C 93 9.65 -8.36 19.53
C LYS C 93 8.86 -9.13 20.59
N ASP C 94 7.63 -8.72 20.88
CA ASP C 94 6.78 -9.45 21.81
C ASP C 94 6.50 -10.87 21.31
N THR C 95 6.34 -11.03 20.00
CA THR C 95 6.11 -12.35 19.42
C THR C 95 7.34 -13.23 19.58
N VAL C 96 8.54 -12.67 19.37
CA VAL C 96 9.76 -13.48 19.54
C VAL C 96 9.84 -14.00 20.97
N ILE C 97 9.57 -13.13 21.95
CA ILE C 97 9.67 -13.54 23.34
C ILE C 97 8.65 -14.63 23.64
N LYS C 98 7.44 -14.49 23.09
CA LYS C 98 6.40 -15.50 23.29
C LYS C 98 6.83 -16.85 22.70
N LEU C 99 7.44 -16.81 21.51
CA LEU C 99 7.90 -18.05 20.87
C LEU C 99 9.07 -18.66 21.63
N ALA C 100 9.98 -17.81 22.15
CA ALA C 100 11.10 -18.32 22.92
C ALA C 100 10.62 -19.06 24.16
N LYS C 101 9.60 -18.52 24.83
CA LYS C 101 9.07 -19.18 26.01
C LYS C 101 8.35 -20.47 25.63
N GLU C 102 7.62 -20.46 24.51
CA GLU C 102 7.01 -21.70 24.01
C GLU C 102 8.08 -22.73 23.68
N LEU C 103 9.18 -22.31 23.07
CA LEU C 103 10.27 -23.23 22.77
C LEU C 103 10.85 -23.80 24.06
N LYS C 104 11.11 -22.93 25.03
CA LYS C 104 11.61 -23.38 26.34
C LYS C 104 10.71 -24.47 26.91
N ASN C 105 9.41 -24.22 26.91
CA ASN C 105 8.47 -25.19 27.46
C ASN C 105 8.49 -26.48 26.65
N GLN C 106 8.45 -26.37 25.32
CA GLN C 106 8.33 -27.57 24.50
C GLN C 106 9.60 -28.40 24.53
N MET C 107 10.77 -27.75 24.66
CA MET C 107 12.02 -28.47 24.83
C MET C 107 12.28 -28.84 26.28
N LYS C 108 11.35 -28.51 27.18
CA LYS C 108 11.47 -28.82 28.61
C LYS C 108 12.81 -28.37 29.17
N GLN C 109 13.19 -27.13 28.82
CA GLN C 109 14.40 -26.52 29.32
C GLN C 109 14.12 -25.80 30.62
N SER C 110 15.04 -25.92 31.58
N SER C 110 15.04 -25.91 31.58
CA SER C 110 14.88 -25.20 32.84
CA SER C 110 14.86 -25.20 32.84
C SER C 110 15.19 -23.72 32.66
C SER C 110 15.23 -23.72 32.71
N THR C 111 16.20 -23.40 31.86
CA THR C 111 16.55 -22.01 31.56
C THR C 111 16.70 -21.84 30.05
N LEU C 112 16.53 -20.60 29.60
CA LEU C 112 16.76 -20.29 28.19
C LEU C 112 17.06 -18.81 28.03
N THR C 113 18.04 -18.48 27.18
CA THR C 113 18.38 -17.09 26.85
C THR C 113 17.77 -16.66 25.53
N CYS C 114 17.30 -15.41 25.47
CA CYS C 114 16.79 -14.80 24.25
C CYS C 114 17.35 -13.39 24.23
N GLU C 115 18.20 -13.09 23.26
CA GLU C 115 18.83 -11.78 23.10
C GLU C 115 18.26 -11.03 21.91
N PHE C 116 18.21 -9.70 22.03
CA PHE C 116 17.92 -8.84 20.90
C PHE C 116 19.13 -7.95 20.64
N ILE C 117 19.48 -7.81 19.37
CA ILE C 117 20.68 -7.09 18.95
C ILE C 117 20.29 -6.17 17.80
N GLU C 118 20.75 -4.93 17.87
CA GLU C 118 20.51 -4.00 16.79
C GLU C 118 21.29 -4.40 15.55
N THR C 119 20.64 -4.32 14.40
CA THR C 119 21.24 -4.75 13.15
C THR C 119 20.69 -3.87 12.03
N GLU C 120 21.42 -3.83 10.93
CA GLU C 120 21.01 -3.12 9.73
C GLU C 120 20.86 -4.16 8.62
N LEU C 121 19.62 -4.41 8.21
CA LEU C 121 19.30 -5.46 7.24
C LEU C 121 19.23 -4.92 5.82
N HIS C 122 20.01 -5.53 4.93
CA HIS C 122 19.90 -5.33 3.50
C HIS C 122 19.31 -6.60 2.91
N TYR C 123 18.20 -6.46 2.21
CA TYR C 123 17.40 -7.58 1.73
C TYR C 123 17.38 -7.50 0.21
N PHE C 124 17.90 -8.55 -0.43
CA PHE C 124 18.01 -8.60 -1.88
C PHE C 124 17.04 -9.65 -2.41
N LYS C 125 16.25 -9.28 -3.42
CA LYS C 125 15.23 -10.16 -3.97
C LYS C 125 15.17 -10.02 -5.48
N SER D 1 10.51 2.90 9.84
CA SER D 1 9.63 1.84 9.40
C SER D 1 9.14 1.01 10.58
N MET D 2 8.26 0.05 10.29
CA MET D 2 7.79 -0.90 11.30
C MET D 2 7.20 -0.20 12.51
N GLY D 3 6.51 0.92 12.27
CA GLY D 3 5.89 1.68 13.35
C GLY D 3 6.69 2.85 13.86
N LYS D 4 7.95 2.99 13.47
CA LYS D 4 8.79 4.11 13.87
C LYS D 4 8.99 5.04 12.68
N THR D 5 9.33 6.28 12.98
CA THR D 5 9.64 7.25 11.94
C THR D 5 10.81 8.07 12.44
N LEU D 6 11.04 9.22 11.84
CA LEU D 6 12.15 10.10 12.19
C LEU D 6 11.63 11.47 12.57
N ARG D 7 12.43 12.09 13.43
CA ARG D 7 12.21 13.51 13.73
C ARG D 7 13.56 14.23 13.47
N PHE D 8 13.51 15.51 13.10
CA PHE D 8 14.73 16.27 12.93
C PHE D 8 14.79 17.39 13.95
N GLU D 9 16.01 17.84 14.24
CA GLU D 9 16.21 19.05 15.03
C GLU D 9 17.35 19.84 14.41
N ILE D 10 17.09 21.13 14.17
CA ILE D 10 18.07 22.05 13.61
C ILE D 10 18.25 23.19 14.60
N VAL D 11 19.51 23.61 14.83
CA VAL D 11 19.77 24.76 15.68
C VAL D 11 20.45 25.84 14.82
N SER D 12 19.87 27.03 14.80
CA SER D 12 20.39 28.11 13.98
C SER D 12 20.52 29.39 14.81
N GLY D 13 21.59 30.16 14.56
CA GLY D 13 21.60 31.54 15.03
C GLY D 13 20.54 32.36 14.29
N VAL D 14 20.38 33.61 14.73
CA VAL D 14 19.37 34.50 14.17
C VAL D 14 19.97 35.71 13.47
N ASN D 15 21.29 35.86 13.53
CA ASN D 15 22.04 36.88 12.78
C ASN D 15 21.39 38.26 12.86
N LYS D 16 21.22 38.72 14.11
CA LYS D 16 20.70 40.06 14.34
C LYS D 16 21.51 41.12 13.61
N GLY D 17 22.83 40.91 13.47
CA GLY D 17 23.67 41.91 12.83
C GLY D 17 23.40 42.06 11.35
N TYR D 18 22.88 41.02 10.71
CA TYR D 18 22.60 41.05 9.28
C TYR D 18 21.17 41.47 8.97
N PHE D 19 20.20 41.02 9.77
CA PHE D 19 18.80 41.33 9.57
C PHE D 19 18.34 42.53 10.37
N HIS D 20 19.14 42.97 11.34
CA HIS D 20 18.85 44.17 12.13
C HIS D 20 17.50 44.06 12.84
N THR D 21 17.23 42.88 13.40
CA THR D 21 16.09 42.67 14.26
C THR D 21 16.39 43.19 15.67
N ASN D 22 15.34 43.27 16.51
CA ASN D 22 15.50 43.88 17.81
C ASN D 22 14.77 43.17 18.94
N SER D 23 14.26 41.95 18.73
CA SER D 23 13.59 41.22 19.79
C SER D 23 13.60 39.74 19.44
N GLN D 24 13.43 38.90 20.48
CA GLN D 24 13.35 37.46 20.25
C GLN D 24 12.12 37.10 19.43
N SER D 25 10.99 37.76 19.70
CA SER D 25 9.80 37.48 18.90
C SER D 25 10.00 37.86 17.44
N GLU D 26 10.74 38.94 17.19
CA GLU D 26 11.06 39.31 15.81
C GLU D 26 12.00 38.29 15.18
N SER D 27 13.02 37.83 15.93
CA SER D 27 13.91 36.80 15.41
C SER D 27 13.16 35.51 15.12
N LEU D 28 12.20 35.15 15.98
CA LEU D 28 11.45 33.92 15.78
C LEU D 28 10.60 34.00 14.51
N ASP D 29 9.89 35.12 14.33
CA ASP D 29 9.10 35.30 13.12
C ASP D 29 9.98 35.33 11.88
N LEU D 30 11.16 35.93 11.99
CA LEU D 30 12.11 35.93 10.89
C LEU D 30 12.44 34.51 10.45
N VAL D 31 12.89 33.68 11.40
CA VAL D 31 13.26 32.31 11.04
C VAL D 31 12.05 31.54 10.55
N GLY D 32 10.90 31.76 11.19
CA GLY D 32 9.68 31.08 10.76
C GLY D 32 9.30 31.42 9.33
N GLY D 33 9.41 32.70 8.97
CA GLY D 33 9.06 33.10 7.61
C GLY D 33 10.03 32.55 6.58
N ILE D 34 11.32 32.48 6.91
CA ILE D 34 12.30 31.92 5.99
C ILE D 34 12.07 30.42 5.83
N TRP D 35 11.83 29.70 6.92
CA TRP D 35 11.50 28.29 6.80
C TRP D 35 10.24 28.10 5.98
N GLN D 36 9.22 28.93 6.23
CA GLN D 36 7.99 28.81 5.47
C GLN D 36 8.27 28.96 3.98
N LYS D 37 9.11 29.93 3.60
CA LYS D 37 9.38 30.14 2.19
C LYS D 37 10.14 28.96 1.60
N ILE D 38 11.19 28.50 2.28
CA ILE D 38 11.99 27.45 1.66
C ILE D 38 11.24 26.12 1.65
N ALA D 39 10.40 25.88 2.65
CA ALA D 39 9.64 24.63 2.64
C ALA D 39 8.65 24.62 1.48
N LYS D 40 8.00 25.75 1.24
CA LYS D 40 7.07 25.86 0.10
C LYS D 40 7.79 25.67 -1.23
N GLU D 41 8.97 26.27 -1.39
CA GLU D 41 9.70 26.18 -2.67
C GLU D 41 10.16 24.75 -2.94
N GLU D 42 10.54 24.04 -1.89
CA GLU D 42 10.87 22.63 -2.08
C GLU D 42 9.61 21.82 -2.38
N PHE D 43 8.52 22.13 -1.67
CA PHE D 43 7.24 21.43 -1.86
C PHE D 43 6.76 21.54 -3.31
N GLU D 44 6.97 22.69 -3.94
CA GLU D 44 6.56 22.85 -5.34
C GLU D 44 7.23 21.82 -6.25
N LYS D 45 8.47 21.46 -5.95
CA LYS D 45 9.25 20.55 -6.79
C LYS D 45 9.01 19.09 -6.44
N SER D 46 9.08 18.73 -5.16
CA SER D 46 9.12 17.34 -4.75
C SER D 46 7.80 16.84 -4.16
N ASN D 47 6.86 17.74 -3.86
CA ASN D 47 5.61 17.42 -3.18
C ASN D 47 5.84 16.86 -1.77
N ILE D 48 6.99 17.18 -1.18
CA ILE D 48 7.29 16.89 0.21
C ILE D 48 7.29 18.20 0.95
N TYR D 49 6.34 18.39 1.87
CA TYR D 49 6.31 19.58 2.70
C TYR D 49 6.86 19.22 4.08
N VAL D 50 7.88 19.97 4.51
CA VAL D 50 8.50 19.77 5.83
C VAL D 50 8.05 20.92 6.73
N SER D 51 7.07 20.66 7.61
CA SER D 51 6.71 21.66 8.61
C SER D 51 7.75 21.69 9.72
N ALA D 52 7.72 22.74 10.53
CA ALA D 52 8.66 22.84 11.63
C ALA D 52 8.03 23.52 12.83
N VAL D 53 8.31 22.95 14.01
CA VAL D 53 8.06 23.62 15.27
C VAL D 53 9.32 24.41 15.62
N ILE D 54 9.16 25.68 15.94
CA ILE D 54 10.33 26.53 16.20
C ILE D 54 10.25 27.08 17.61
N LYS D 55 11.37 26.97 18.33
CA LYS D 55 11.39 27.36 19.73
C LYS D 55 12.50 28.38 19.96
N PRO D 56 12.25 29.43 20.75
CA PRO D 56 13.31 30.37 21.12
C PRO D 56 14.29 29.72 22.08
N SER D 57 15.55 30.15 22.01
CA SER D 57 16.58 29.53 22.81
C SER D 57 17.79 30.46 22.88
N LYS D 58 18.74 30.08 23.73
CA LYS D 58 20.08 30.64 23.70
C LYS D 58 21.08 29.49 23.71
N THR D 59 22.19 29.67 23.00
CA THR D 59 23.19 28.62 22.89
C THR D 59 24.47 29.11 23.54
N VAL D 60 24.97 28.30 24.48
CA VAL D 60 26.09 28.68 25.34
C VAL D 60 27.32 27.94 24.86
N TYR D 61 28.38 28.67 24.51
CA TYR D 61 29.67 28.05 24.22
C TYR D 61 30.75 29.02 24.69
N ASN D 62 32.00 28.67 24.44
CA ASN D 62 33.13 29.45 24.96
C ASN D 62 33.11 30.87 24.42
N GLN D 63 33.12 31.85 25.35
CA GLN D 63 33.16 33.25 24.93
C GLN D 63 34.38 33.54 24.05
N GLU D 64 35.45 32.77 24.24
CA GLU D 64 36.64 32.97 23.42
C GLU D 64 36.39 32.66 21.95
N TRP D 65 35.41 31.80 21.66
CA TRP D 65 35.07 31.44 20.29
C TRP D 65 33.96 32.28 19.71
N GLY D 66 33.56 33.37 20.39
CA GLY D 66 32.59 34.32 19.87
C GLY D 66 31.28 34.35 20.60
N CYS D 67 31.06 33.48 21.55
CA CYS D 67 29.78 33.46 22.25
C CYS D 67 29.65 34.69 23.13
N PRO D 68 28.52 35.41 23.09
CA PRO D 68 28.29 36.45 24.10
C PRO D 68 28.21 35.83 25.49
N GLU D 69 28.48 36.66 26.50
CA GLU D 69 28.26 36.19 27.86
C GLU D 69 26.81 35.76 28.02
N ASN D 70 26.62 34.57 28.61
CA ASN D 70 25.35 33.92 28.92
C ASN D 70 24.67 33.32 27.68
N GLY D 71 25.27 33.44 26.49
CA GLY D 71 24.77 32.72 25.32
C GLY D 71 24.32 33.56 24.14
N GLU D 72 24.32 32.95 22.96
CA GLU D 72 23.88 33.59 21.72
C GLU D 72 22.41 33.24 21.46
N GLU D 73 21.64 34.23 20.99
CA GLU D 73 20.24 33.99 20.66
C GLU D 73 20.12 33.05 19.47
N THR D 74 19.32 31.99 19.63
CA THR D 74 19.21 30.95 18.61
C THR D 74 17.76 30.51 18.51
N VAL D 75 17.49 29.76 17.46
CA VAL D 75 16.18 29.14 17.26
C VAL D 75 16.39 27.65 17.06
N VAL D 76 15.52 26.84 17.67
CA VAL D 76 15.53 25.40 17.50
C VAL D 76 14.33 25.04 16.65
N LEU D 77 14.57 24.35 15.53
CA LEU D 77 13.50 23.91 14.64
C LEU D 77 13.40 22.39 14.70
N THR D 78 12.19 21.86 14.87
CA THR D 78 12.01 20.43 14.94
C THR D 78 10.82 20.01 14.09
N GLY D 79 10.80 18.76 13.67
CA GLY D 79 9.67 18.26 12.90
C GLY D 79 9.75 16.75 12.81
N VAL D 80 8.66 16.14 12.34
CA VAL D 80 8.57 14.69 12.35
C VAL D 80 7.98 14.24 11.02
N ALA D 81 8.47 13.12 10.50
CA ALA D 81 7.95 12.61 9.24
C ALA D 81 6.68 11.85 9.56
N ASN D 82 5.56 12.36 9.08
CA ASN D 82 4.26 11.79 9.32
C ASN D 82 3.87 10.93 8.12
N GLU D 83 3.62 9.65 8.38
CA GLU D 83 3.34 8.67 7.35
C GLU D 83 2.06 8.98 6.56
N GLU D 84 1.19 9.83 7.11
CA GLU D 84 0.00 10.26 6.39
C GLU D 84 0.34 11.23 5.26
N PHE D 85 1.49 11.89 5.36
CA PHE D 85 1.94 12.85 4.37
C PHE D 85 3.18 12.37 3.62
N VAL D 86 3.97 11.49 4.22
CA VAL D 86 5.28 11.07 3.73
C VAL D 86 5.22 9.60 3.35
N ASP D 87 5.47 9.28 2.09
CA ASP D 87 5.51 7.88 1.67
C ASP D 87 6.92 7.32 1.58
N ASP D 88 7.95 8.16 1.64
CA ASP D 88 9.33 7.73 1.44
C ASP D 88 10.19 8.44 2.48
N ILE D 89 10.57 7.72 3.54
CA ILE D 89 11.29 8.35 4.65
C ILE D 89 12.66 8.84 4.21
N GLU D 90 13.32 8.11 3.31
CA GLU D 90 14.67 8.52 2.86
C GLU D 90 14.61 9.80 2.05
N LYS D 91 13.60 9.95 1.18
CA LYS D 91 13.43 11.20 0.46
C LYS D 91 13.11 12.36 1.40
N TRP D 92 12.31 12.10 2.43
CA TRP D 92 12.00 13.14 3.40
C TRP D 92 13.27 13.56 4.14
N LYS D 93 14.06 12.58 4.56
CA LYS D 93 15.33 12.86 5.22
C LYS D 93 16.25 13.68 4.31
N ASP D 94 16.35 13.29 3.03
CA ASP D 94 17.15 14.07 2.08
C ASP D 94 16.61 15.48 1.95
N THR D 95 15.27 15.63 1.98
CA THR D 95 14.65 16.95 1.88
C THR D 95 14.97 17.81 3.09
N VAL D 96 14.90 17.24 4.29
CA VAL D 96 15.26 17.99 5.49
C VAL D 96 16.70 18.49 5.40
N ILE D 97 17.60 17.62 4.95
CA ILE D 97 19.01 18.01 4.81
C ILE D 97 19.15 19.14 3.81
N LYS D 98 18.44 19.03 2.68
CA LYS D 98 18.47 20.10 1.70
C LYS D 98 17.98 21.42 2.30
N LEU D 99 16.89 21.38 3.08
CA LEU D 99 16.36 22.60 3.68
C LEU D 99 17.28 23.14 4.77
N ALA D 100 17.88 22.26 5.57
CA ALA D 100 18.81 22.72 6.59
C ALA D 100 19.96 23.50 5.95
N LYS D 101 20.48 22.98 4.85
CA LYS D 101 21.57 23.67 4.17
C LYS D 101 21.11 25.01 3.61
N GLU D 102 19.88 25.07 3.10
CA GLU D 102 19.35 26.33 2.61
C GLU D 102 19.10 27.31 3.75
N LEU D 103 18.61 26.83 4.89
CA LEU D 103 18.45 27.71 6.05
C LEU D 103 19.80 28.28 6.49
N LYS D 104 20.83 27.44 6.56
CA LYS D 104 22.17 27.92 6.89
C LYS D 104 22.61 29.05 5.95
N ASN D 105 22.37 28.88 4.65
CA ASN D 105 22.75 29.91 3.68
C ASN D 105 21.94 31.18 3.88
N GLN D 106 20.62 31.07 3.99
CA GLN D 106 19.80 32.27 4.08
C GLN D 106 20.01 33.01 5.40
N MET D 107 20.29 32.29 6.48
CA MET D 107 20.58 32.94 7.75
C MET D 107 22.01 33.42 7.85
N LYS D 108 22.84 33.17 6.83
CA LYS D 108 24.25 33.54 6.82
C LYS D 108 25.00 32.95 8.03
N GLN D 109 24.72 31.68 8.32
CA GLN D 109 25.35 31.02 9.46
C GLN D 109 26.66 30.37 9.05
N SER D 110 27.67 30.47 9.92
CA SER D 110 28.94 29.82 9.59
C SER D 110 28.84 28.31 9.75
N THR D 111 28.10 27.84 10.76
CA THR D 111 27.88 26.42 10.97
C THR D 111 26.42 26.19 11.34
N LEU D 112 26.01 24.94 11.23
CA LEU D 112 24.63 24.60 11.58
C LEU D 112 24.57 23.10 11.85
N THR D 113 23.78 22.71 12.84
CA THR D 113 23.56 21.30 13.15
C THR D 113 22.17 20.88 12.72
N CYS D 114 22.09 19.67 12.17
CA CYS D 114 20.83 19.03 11.80
C CYS D 114 20.91 17.59 12.28
N GLU D 115 20.02 17.21 13.19
CA GLU D 115 20.03 15.88 13.78
C GLU D 115 18.78 15.11 13.36
N PHE D 116 18.91 13.79 13.30
CA PHE D 116 17.77 12.90 13.12
C PHE D 116 17.70 11.94 14.30
N ILE D 117 16.50 11.78 14.85
CA ILE D 117 16.25 10.93 16.02
C ILE D 117 15.09 10.01 15.68
N GLU D 118 15.22 8.74 16.07
CA GLU D 118 14.11 7.80 15.91
C GLU D 118 12.97 8.15 16.87
N THR D 119 11.76 8.12 16.35
CA THR D 119 10.60 8.47 17.15
C THR D 119 9.42 7.57 16.78
N GLU D 120 8.50 7.42 17.72
CA GLU D 120 7.27 6.68 17.49
C GLU D 120 6.13 7.69 17.52
N LEU D 121 5.55 7.96 16.35
CA LEU D 121 4.56 9.02 16.20
C LEU D 121 3.14 8.46 16.31
N HIS D 122 2.37 9.03 17.22
CA HIS D 122 0.93 8.85 17.33
C HIS D 122 0.26 10.13 16.87
N TYR D 123 -0.52 10.03 15.80
CA TYR D 123 -1.13 11.20 15.17
C TYR D 123 -2.63 11.10 15.39
N PHE D 124 -3.19 12.08 16.07
CA PHE D 124 -4.61 12.10 16.40
C PHE D 124 -5.30 13.13 15.51
N LYS D 125 -6.32 12.69 14.78
CA LYS D 125 -7.03 13.62 13.89
C LYS D 125 -8.53 13.37 13.89
N GLY E 3 18.22 2.30 33.53
CA GLY E 3 18.16 3.65 33.02
C GLY E 3 17.34 3.84 31.74
N LYS E 4 17.25 2.79 30.93
CA LYS E 4 16.61 2.87 29.61
C LYS E 4 15.09 2.99 29.73
N THR E 5 14.53 4.06 29.17
CA THR E 5 13.12 4.34 29.37
C THR E 5 12.59 5.10 28.15
N LEU E 6 11.42 5.73 28.30
CA LEU E 6 10.76 6.47 27.23
C LEU E 6 10.57 7.92 27.65
N ARG E 7 10.62 8.82 26.67
CA ARG E 7 10.13 10.17 26.86
C ARG E 7 9.04 10.42 25.82
N PHE E 8 8.19 11.38 26.13
CA PHE E 8 7.15 11.79 25.19
C PHE E 8 7.32 13.24 24.78
N GLU E 9 6.77 13.58 23.62
CA GLU E 9 6.66 14.96 23.19
C GLU E 9 5.31 15.15 22.52
N ILE E 10 4.54 16.12 23.00
CA ILE E 10 3.25 16.49 22.44
C ILE E 10 3.35 17.92 21.95
N VAL E 11 2.79 18.19 20.77
CA VAL E 11 2.70 19.54 20.23
C VAL E 11 1.24 19.89 20.08
N SER E 12 0.83 21.01 20.65
CA SER E 12 -0.56 21.42 20.63
C SER E 12 -0.63 22.91 20.33
N GLY E 13 -1.69 23.31 19.62
CA GLY E 13 -2.01 24.71 19.54
C GLY E 13 -2.55 25.21 20.85
N VAL E 14 -2.76 26.52 20.93
CA VAL E 14 -3.25 27.15 22.16
C VAL E 14 -4.65 27.74 22.03
N ASN E 15 -5.21 27.78 20.82
CA ASN E 15 -6.60 28.16 20.58
C ASN E 15 -6.95 29.49 21.28
N LYS E 16 -6.21 30.52 20.90
CA LYS E 16 -6.47 31.87 21.42
C LYS E 16 -7.92 32.28 21.20
N GLY E 17 -8.54 31.81 20.11
CA GLY E 17 -9.91 32.21 19.83
C GLY E 17 -10.92 31.58 20.75
N TYR E 18 -10.69 30.32 21.14
CA TYR E 18 -11.63 29.62 22.01
C TYR E 18 -11.51 30.11 23.45
N PHE E 19 -10.29 30.38 23.91
CA PHE E 19 -10.06 30.78 25.29
C PHE E 19 -9.95 32.29 25.47
N HIS E 20 -9.83 33.04 24.37
CA HIS E 20 -9.78 34.50 24.42
C HIS E 20 -8.58 35.01 25.22
N THR E 21 -7.46 34.30 25.12
CA THR E 21 -6.24 34.72 25.79
C THR E 21 -5.53 35.80 24.99
N ASN E 22 -4.57 36.46 25.64
CA ASN E 22 -3.87 37.60 25.04
C ASN E 22 -2.43 37.28 24.69
N SER E 23 -1.62 36.91 25.67
CA SER E 23 -0.18 36.79 25.51
C SER E 23 0.25 35.32 25.44
N GLN E 24 1.50 35.11 25.03
CA GLN E 24 2.11 33.79 25.11
C GLN E 24 2.16 33.32 26.57
N SER E 25 2.51 34.22 27.49
CA SER E 25 2.54 33.87 28.91
C SER E 25 1.20 33.30 29.35
N GLU E 26 0.12 33.96 28.98
CA GLU E 26 -1.20 33.49 29.38
C GLU E 26 -1.53 32.14 28.73
N SER E 27 -1.14 31.95 27.47
CA SER E 27 -1.40 30.67 26.81
C SER E 27 -0.59 29.55 27.46
N LEU E 28 0.67 29.81 27.78
CA LEU E 28 1.47 28.80 28.46
C LEU E 28 0.88 28.44 29.83
N ASP E 29 0.48 29.46 30.60
CA ASP E 29 -0.18 29.22 31.88
C ASP E 29 -1.47 28.43 31.69
N LEU E 30 -2.20 28.71 30.61
CA LEU E 30 -3.45 28.00 30.35
C LEU E 30 -3.20 26.52 30.09
N VAL E 31 -2.26 26.21 29.20
CA VAL E 31 -1.96 24.81 28.92
C VAL E 31 -1.40 24.14 30.17
N GLY E 32 -0.53 24.84 30.89
CA GLY E 32 0.01 24.29 32.13
C GLY E 32 -1.08 23.90 33.11
N GLY E 33 -2.04 24.78 33.32
CA GLY E 33 -3.12 24.47 34.25
C GLY E 33 -3.99 23.32 33.77
N ILE E 34 -4.22 23.24 32.45
CA ILE E 34 -5.00 22.13 31.92
C ILE E 34 -4.25 20.81 32.11
N TRP E 35 -2.95 20.81 31.81
CA TRP E 35 -2.20 19.57 32.02
C TRP E 35 -2.19 19.19 33.49
N GLN E 36 -2.00 20.17 34.38
CA GLN E 36 -1.97 19.90 35.81
C GLN E 36 -3.28 19.25 36.26
N LYS E 37 -4.41 19.73 35.74
CA LYS E 37 -5.69 19.14 36.11
C LYS E 37 -5.86 17.73 35.56
N ILE E 38 -5.59 17.54 34.25
CA ILE E 38 -5.85 16.20 33.71
C ILE E 38 -4.85 15.19 34.25
N ALA E 39 -3.59 15.60 34.50
CA ALA E 39 -2.64 14.66 35.07
C ALA E 39 -3.05 14.23 36.47
N LYS E 40 -3.54 15.17 37.29
CA LYS E 40 -4.00 14.81 38.62
C LYS E 40 -5.18 13.86 38.54
N GLU E 41 -6.12 14.14 37.63
CA GLU E 41 -7.32 13.31 37.54
C GLU E 41 -6.99 11.90 37.08
N GLU E 42 -6.03 11.76 36.15
CA GLU E 42 -5.60 10.41 35.77
C GLU E 42 -4.82 9.73 36.89
N PHE E 43 -4.01 10.50 37.62
CA PHE E 43 -3.30 9.95 38.79
C PHE E 43 -4.26 9.34 39.80
N GLU E 44 -5.43 9.95 39.99
CA GLU E 44 -6.42 9.39 40.90
C GLU E 44 -6.98 8.04 40.41
N LYS E 45 -7.06 7.87 39.09
CA LYS E 45 -7.63 6.65 38.52
C LYS E 45 -6.63 5.51 38.41
N SER E 46 -5.34 5.82 38.18
CA SER E 46 -4.37 4.80 37.85
C SER E 46 -3.13 4.80 38.73
N ASN E 47 -2.99 5.77 39.64
CA ASN E 47 -1.79 5.98 40.43
C ASN E 47 -0.55 6.21 39.57
N ILE E 48 -0.74 6.67 38.33
CA ILE E 48 0.37 7.10 37.48
C ILE E 48 0.24 8.60 37.27
N TYR E 49 1.21 9.37 37.77
CA TYR E 49 1.27 10.81 37.57
C TYR E 49 2.27 11.11 36.46
N VAL E 50 1.81 11.81 35.42
CA VAL E 50 2.67 12.16 34.29
C VAL E 50 2.92 13.67 34.36
N SER E 51 4.11 14.06 34.81
CA SER E 51 4.48 15.47 34.80
C SER E 51 4.84 15.89 33.38
N ALA E 52 4.92 17.20 33.15
CA ALA E 52 5.31 17.66 31.82
C ALA E 52 6.09 18.97 31.89
N VAL E 53 7.11 19.06 31.05
CA VAL E 53 7.84 20.30 30.81
C VAL E 53 7.20 20.95 29.60
N ILE E 54 6.78 22.21 29.73
CA ILE E 54 6.11 22.89 28.63
C ILE E 54 6.95 24.08 28.16
N LYS E 55 7.05 24.21 26.83
CA LYS E 55 7.90 25.20 26.17
C LYS E 55 7.06 26.00 25.18
N PRO E 56 7.26 27.31 25.09
CA PRO E 56 6.62 28.09 24.03
C PRO E 56 7.25 27.77 22.68
N SER E 57 6.46 27.94 21.63
CA SER E 57 6.91 27.60 20.30
C SER E 57 5.98 28.26 19.29
N LYS E 58 6.38 28.19 18.02
CA LYS E 58 5.49 28.45 16.90
C LYS E 58 5.66 27.31 15.92
N THR E 59 4.58 26.93 15.24
CA THR E 59 4.65 25.84 14.28
C THR E 59 4.38 26.41 12.90
N VAL E 60 5.27 26.09 11.96
CA VAL E 60 5.28 26.68 10.62
C VAL E 60 4.84 25.60 9.65
N TYR E 61 3.75 25.86 8.92
CA TYR E 61 3.35 24.96 7.84
C TYR E 61 2.74 25.81 6.73
N ASN E 62 2.18 25.16 5.72
CA ASN E 62 1.77 25.88 4.52
C ASN E 62 0.60 26.81 4.81
N GLN E 63 0.76 28.09 4.44
CA GLN E 63 -0.32 29.04 4.63
C GLN E 63 -1.60 28.60 3.92
N GLU E 64 -1.47 27.90 2.80
CA GLU E 64 -2.64 27.37 2.08
C GLU E 64 -3.48 26.45 2.95
N TRP E 65 -2.90 25.85 3.99
CA TRP E 65 -3.61 24.93 4.86
C TRP E 65 -4.06 25.59 6.16
N GLY E 66 -3.94 26.91 6.27
CA GLY E 66 -4.43 27.62 7.42
C GLY E 66 -3.37 28.19 8.34
N CYS E 67 -2.10 28.00 8.05
CA CYS E 67 -1.05 28.54 8.91
C CYS E 67 -0.93 30.04 8.71
N PRO E 68 -0.91 30.85 9.77
CA PRO E 68 -0.61 32.27 9.61
C PRO E 68 0.81 32.47 9.08
N GLU E 69 1.02 33.64 8.49
CA GLU E 69 2.37 33.99 8.07
C GLU E 69 3.30 33.94 9.28
N ASN E 70 4.42 33.23 9.12
CA ASN E 70 5.48 33.07 10.13
C ASN E 70 5.12 32.09 11.25
N GLY E 71 4.00 31.39 11.16
CA GLY E 71 3.72 30.34 12.12
C GLY E 71 2.58 30.59 13.10
N GLU E 72 2.05 29.50 13.65
CA GLU E 72 0.98 29.53 14.64
C GLU E 72 1.56 29.31 16.02
N GLU E 73 1.04 30.01 17.02
CA GLU E 73 1.52 29.85 18.38
C GLU E 73 1.17 28.46 18.91
N THR E 74 2.17 27.75 19.42
CA THR E 74 1.98 26.39 19.90
C THR E 74 2.72 26.19 21.21
N VAL E 75 2.45 25.06 21.86
CA VAL E 75 3.18 24.64 23.05
C VAL E 75 3.71 23.23 22.81
N VAL E 76 4.89 22.97 23.33
CA VAL E 76 5.50 21.64 23.27
C VAL E 76 5.56 21.12 24.69
N LEU E 77 4.96 19.94 24.92
CA LEU E 77 5.00 19.29 26.23
C LEU E 77 5.84 18.03 26.16
N THR E 78 6.70 17.83 27.15
CA THR E 78 7.57 16.66 27.14
C THR E 78 7.63 16.09 28.54
N GLY E 79 7.94 14.80 28.62
CA GLY E 79 8.06 14.16 29.93
C GLY E 79 8.77 12.84 29.75
N VAL E 80 9.21 12.28 30.87
CA VAL E 80 10.00 11.06 30.84
C VAL E 80 9.49 10.12 31.92
N ALA E 81 9.49 8.83 31.61
CA ALA E 81 9.05 7.83 32.58
C ALA E 81 10.21 7.54 33.51
N ASN E 82 10.01 7.83 34.79
CA ASN E 82 11.02 7.61 35.81
C ASN E 82 10.65 6.36 36.60
N GLU E 83 11.53 5.36 36.60
CA GLU E 83 11.22 4.09 37.27
C GLU E 83 11.05 4.24 38.77
N GLU E 84 11.49 5.36 39.37
CA GLU E 84 11.17 5.59 40.77
C GLU E 84 9.68 5.85 40.99
N PHE E 85 8.97 6.26 39.95
CA PHE E 85 7.55 6.57 40.01
C PHE E 85 6.70 5.64 39.15
N VAL E 86 7.31 4.97 38.17
CA VAL E 86 6.64 4.20 37.12
C VAL E 86 7.11 2.76 37.24
N ASP E 87 6.19 1.85 37.53
CA ASP E 87 6.54 0.43 37.59
C ASP E 87 6.43 -0.26 36.24
N ASP E 88 5.57 0.22 35.36
CA ASP E 88 5.21 -0.49 34.13
C ASP E 88 5.26 0.51 32.98
N ILE E 89 6.28 0.37 32.12
CA ILE E 89 6.48 1.34 31.04
C ILE E 89 5.30 1.33 30.08
N GLU E 90 4.73 0.16 29.82
CA GLU E 90 3.58 0.06 28.91
C GLU E 90 2.37 0.80 29.46
N LYS E 91 2.11 0.67 30.77
CA LYS E 91 1.01 1.41 31.36
C LYS E 91 1.25 2.90 31.32
N TRP E 92 2.50 3.32 31.53
CA TRP E 92 2.82 4.74 31.47
C TRP E 92 2.56 5.28 30.06
N LYS E 93 2.97 4.52 29.05
CA LYS E 93 2.77 4.95 27.66
C LYS E 93 1.28 5.09 27.34
N ASP E 94 0.49 4.08 27.74
CA ASP E 94 -0.96 4.17 27.58
C ASP E 94 -1.53 5.37 28.31
N THR E 95 -0.96 5.71 29.47
CA THR E 95 -1.44 6.87 30.22
C THR E 95 -1.12 8.17 29.50
N VAL E 96 0.08 8.26 28.93
CA VAL E 96 0.43 9.45 28.16
C VAL E 96 -0.48 9.59 26.94
N ILE E 97 -0.74 8.48 26.25
CA ILE E 97 -1.63 8.53 25.08
C ILE E 97 -3.01 9.01 25.49
N LYS E 98 -3.53 8.47 26.60
CA LYS E 98 -4.81 8.90 27.14
C LYS E 98 -4.82 10.40 27.44
N LEU E 99 -3.75 10.91 28.08
CA LEU E 99 -3.67 12.34 28.39
C LEU E 99 -3.52 13.20 27.14
N ALA E 100 -2.76 12.72 26.15
CA ALA E 100 -2.65 13.47 24.90
C ALA E 100 -4.01 13.61 24.21
N LYS E 101 -4.81 12.54 24.20
CA LYS E 101 -6.16 12.66 23.63
C LYS E 101 -7.02 13.60 24.45
N GLU E 102 -6.90 13.56 25.77
CA GLU E 102 -7.66 14.49 26.59
C GLU E 102 -7.23 15.92 26.35
N LEU E 103 -5.93 16.16 26.21
CA LEU E 103 -5.43 17.50 25.91
C LEU E 103 -5.96 17.99 24.57
N LYS E 104 -5.92 17.14 23.54
CA LYS E 104 -6.48 17.51 22.24
C LYS E 104 -7.91 17.96 22.37
N ASN E 105 -8.70 17.23 23.16
CA ASN E 105 -10.11 17.55 23.32
C ASN E 105 -10.28 18.85 24.11
N GLN E 106 -9.55 19.01 25.22
CA GLN E 106 -9.70 20.22 26.04
C GLN E 106 -9.29 21.47 25.27
N MET E 107 -8.24 21.37 24.46
CA MET E 107 -7.78 22.50 23.68
C MET E 107 -8.53 22.65 22.37
N LYS E 108 -9.52 21.78 22.11
CA LYS E 108 -10.33 21.81 20.89
C LYS E 108 -9.44 21.83 19.66
N GLN E 109 -8.45 20.95 19.66
CA GLN E 109 -7.52 20.86 18.54
C GLN E 109 -8.05 19.87 17.51
N SER E 110 -7.92 20.25 16.23
CA SER E 110 -8.32 19.36 15.16
C SER E 110 -7.36 18.19 15.04
N THR E 111 -6.07 18.42 15.24
CA THR E 111 -5.06 17.38 15.18
C THR E 111 -4.06 17.61 16.31
N LEU E 112 -3.30 16.57 16.62
CA LEU E 112 -2.29 16.65 17.69
C LEU E 112 -1.32 15.50 17.49
N THR E 113 -0.04 15.78 17.72
CA THR E 113 0.98 14.74 17.65
C THR E 113 1.44 14.36 19.05
N CYS E 114 1.73 13.09 19.24
CA CYS E 114 2.31 12.58 20.48
C CYS E 114 3.38 11.58 20.10
N GLU E 115 4.65 11.87 20.42
CA GLU E 115 5.74 10.98 20.05
C GLU E 115 6.34 10.34 21.29
N PHE E 116 6.86 9.13 21.11
CA PHE E 116 7.69 8.49 22.12
C PHE E 116 9.08 8.26 21.56
N ILE E 117 10.08 8.54 22.39
CA ILE E 117 11.49 8.48 22.02
C ILE E 117 12.21 7.71 23.11
N GLU E 118 13.12 6.81 22.72
CA GLU E 118 13.92 6.08 23.69
C GLU E 118 14.98 6.99 24.30
N THR E 119 15.13 6.90 25.63
CA THR E 119 16.05 7.79 26.33
C THR E 119 16.66 7.02 27.49
N GLU E 120 17.83 7.49 27.92
CA GLU E 120 18.52 6.95 29.10
C GLU E 120 18.48 8.01 30.18
N LEU E 121 17.72 7.75 31.24
CA LEU E 121 17.45 8.73 32.27
C LEU E 121 18.42 8.54 33.43
N HIS E 122 19.15 9.60 33.77
CA HIS E 122 19.92 9.69 35.00
C HIS E 122 19.18 10.65 35.92
N TYR E 123 18.77 10.15 37.08
CA TYR E 123 17.96 10.92 38.03
C TYR E 123 18.79 11.16 39.28
N PHE E 124 19.07 12.43 39.57
CA PHE E 124 19.89 12.80 40.71
C PHE E 124 19.00 13.35 41.82
N LYS E 125 19.16 12.82 43.03
CA LYS E 125 18.33 13.27 44.13
C LYS E 125 19.16 13.26 45.41
N GLY F 3 27.66 9.63 11.50
CA GLY F 3 27.16 10.69 12.36
C GLY F 3 26.43 10.23 13.61
N LYS F 4 26.35 8.91 13.83
CA LYS F 4 25.69 8.37 15.01
C LYS F 4 26.38 8.85 16.29
N THR F 5 25.62 9.45 17.18
CA THR F 5 26.22 10.07 18.36
C THR F 5 25.14 10.13 19.46
N LEU F 6 25.40 10.96 20.48
CA LEU F 6 24.49 11.13 21.60
C LEU F 6 24.16 12.60 21.77
N ARG F 7 22.96 12.86 22.25
CA ARG F 7 22.62 14.18 22.75
C ARG F 7 22.16 14.04 24.19
N PHE F 8 22.28 15.12 24.95
CA PHE F 8 21.80 15.13 26.33
C PHE F 8 20.67 16.13 26.45
N GLU F 9 19.83 15.93 27.46
CA GLU F 9 18.90 16.96 27.88
C GLU F 9 18.83 16.99 29.39
N ILE F 10 18.95 18.18 29.96
CA ILE F 10 18.84 18.43 31.40
C ILE F 10 17.68 19.38 31.67
N VAL F 11 16.91 19.12 32.73
CA VAL F 11 15.87 20.05 33.16
C VAL F 11 16.19 20.53 34.57
N SER F 12 16.25 21.84 34.74
CA SER F 12 16.62 22.46 36.02
C SER F 12 15.59 23.51 36.41
N GLY F 13 15.26 23.56 37.70
CA GLY F 13 14.62 24.75 38.22
C GLY F 13 15.57 25.94 38.24
N VAL F 14 15.01 27.11 38.49
CA VAL F 14 15.80 28.35 38.47
C VAL F 14 16.00 28.93 39.85
N ASN F 15 15.33 28.40 40.87
CA ASN F 15 15.50 28.76 42.27
C ASN F 15 15.43 30.28 42.48
N LYS F 16 14.26 30.84 42.14
CA LYS F 16 14.00 32.25 42.40
C LYS F 16 14.21 32.60 43.86
N GLY F 17 13.89 31.68 44.76
CA GLY F 17 14.05 31.92 46.19
C GLY F 17 15.48 32.09 46.63
N TYR F 18 16.43 31.55 45.89
CA TYR F 18 17.84 31.66 46.22
C TYR F 18 18.53 32.81 45.50
N PHE F 19 18.27 32.96 44.19
CA PHE F 19 18.94 33.97 43.38
C PHE F 19 18.17 35.28 43.32
N HIS F 20 16.87 35.26 43.60
CA HIS F 20 16.03 36.45 43.64
C HIS F 20 15.98 37.14 42.27
N THR F 21 15.89 36.35 41.21
CA THR F 21 15.59 36.92 39.91
C THR F 21 14.10 37.26 39.82
N ASN F 22 13.72 37.91 38.73
CA ASN F 22 12.34 38.37 38.58
C ASN F 22 11.72 38.07 37.22
N SER F 23 12.47 37.55 36.26
CA SER F 23 11.94 37.33 34.93
C SER F 23 12.50 36.05 34.35
N GLN F 24 11.77 35.51 33.36
CA GLN F 24 12.26 34.35 32.62
C GLN F 24 13.58 34.68 31.93
N SER F 25 13.69 35.89 31.37
CA SER F 25 14.92 36.27 30.70
C SER F 25 16.10 36.31 31.67
N GLU F 26 15.87 36.81 32.89
CA GLU F 26 16.94 36.83 33.88
C GLU F 26 17.31 35.42 34.34
N SER F 27 16.33 34.55 34.51
CA SER F 27 16.63 33.18 34.90
C SER F 27 17.39 32.46 33.79
N LEU F 28 17.00 32.69 32.54
CA LEU F 28 17.70 32.08 31.40
C LEU F 28 19.16 32.52 31.38
N ASP F 29 19.40 33.83 31.56
CA ASP F 29 20.78 34.33 31.58
C ASP F 29 21.55 33.77 32.76
N LEU F 30 20.88 33.63 33.91
CA LEU F 30 21.54 33.09 35.10
C LEU F 30 22.04 31.67 34.84
N VAL F 31 21.16 30.81 34.33
CA VAL F 31 21.56 29.42 34.07
C VAL F 31 22.59 29.35 32.96
N GLY F 32 22.42 30.17 31.92
CA GLY F 32 23.40 30.19 30.84
C GLY F 32 24.77 30.63 31.32
N GLY F 33 24.82 31.62 32.20
CA GLY F 33 26.11 32.03 32.75
C GLY F 33 26.74 30.95 33.62
N ILE F 34 25.91 30.24 34.38
CA ILE F 34 26.42 29.18 35.23
C ILE F 34 26.93 28.03 34.38
N TRP F 35 26.18 27.64 33.34
CA TRP F 35 26.67 26.61 32.44
C TRP F 35 27.97 27.04 31.77
N GLN F 36 28.03 28.28 31.31
CA GLN F 36 29.23 28.75 30.63
C GLN F 36 30.45 28.61 31.52
N LYS F 37 30.30 28.95 32.80
CA LYS F 37 31.42 28.88 33.73
C LYS F 37 31.83 27.44 34.01
N ILE F 38 30.87 26.56 34.29
CA ILE F 38 31.24 25.21 34.63
C ILE F 38 31.73 24.43 33.40
N ALA F 39 31.21 24.75 32.21
CA ALA F 39 31.72 24.09 31.02
C ALA F 39 33.17 24.49 30.76
N LYS F 40 33.48 25.79 30.90
CA LYS F 40 34.85 26.26 30.76
C LYS F 40 35.78 25.62 31.78
N GLU F 41 35.34 25.53 33.03
CA GLU F 41 36.21 24.99 34.07
C GLU F 41 36.48 23.51 33.85
N GLU F 42 35.50 22.77 33.35
CA GLU F 42 35.74 21.38 33.00
C GLU F 42 36.63 21.24 31.77
N PHE F 43 36.38 22.09 30.76
CA PHE F 43 37.19 22.08 29.54
C PHE F 43 38.67 22.31 29.83
N GLU F 44 38.96 23.14 30.83
CA GLU F 44 40.36 23.43 31.17
C GLU F 44 41.10 22.16 31.62
N LYS F 45 40.37 21.20 32.19
CA LYS F 45 40.96 19.97 32.73
C LYS F 45 40.99 18.84 31.72
N SER F 46 39.89 18.63 30.98
CA SER F 46 39.72 17.43 30.18
C SER F 46 39.80 17.67 28.68
N ASN F 47 39.86 18.93 28.25
CA ASN F 47 39.81 19.29 26.83
C ASN F 47 38.48 18.87 26.19
N ILE F 48 37.45 18.59 26.97
CA ILE F 48 36.10 18.34 26.44
C ILE F 48 35.23 19.55 26.77
N TYR F 49 34.77 20.26 25.74
CA TYR F 49 33.86 21.39 25.94
C TYR F 49 32.44 20.95 25.61
N VAL F 50 31.53 21.14 26.56
CA VAL F 50 30.13 20.76 26.39
C VAL F 50 29.33 22.04 26.25
N SER F 51 28.98 22.41 25.01
CA SER F 51 28.06 23.51 24.81
C SER F 51 26.63 23.09 25.10
N ALA F 52 25.75 24.07 25.24
CA ALA F 52 24.36 23.76 25.56
C ALA F 52 23.42 24.76 24.92
N VAL F 53 22.34 24.23 24.36
CA VAL F 53 21.20 25.02 23.93
C VAL F 53 20.24 25.09 25.11
N ILE F 54 19.86 26.31 25.53
CA ILE F 54 19.02 26.47 26.70
C ILE F 54 17.69 27.10 26.30
N LYS F 55 16.62 26.53 26.83
CA LYS F 55 15.27 27.03 26.46
C LYS F 55 14.46 27.30 27.71
N PRO F 56 13.67 28.38 27.70
CA PRO F 56 12.79 28.63 28.84
C PRO F 56 11.64 27.65 28.84
N SER F 57 11.11 27.38 30.02
CA SER F 57 10.08 26.35 30.13
C SER F 57 9.35 26.53 31.46
N LYS F 58 8.24 25.80 31.59
CA LYS F 58 7.59 25.59 32.88
C LYS F 58 7.37 24.09 33.05
N THR F 59 7.57 23.60 34.26
CA THR F 59 7.41 22.17 34.55
C THR F 59 6.21 21.98 35.46
N VAL F 60 5.28 21.13 35.03
CA VAL F 60 4.01 20.95 35.68
C VAL F 60 4.04 19.64 36.45
N TYR F 61 3.81 19.69 37.76
CA TYR F 61 3.63 18.50 38.56
C TYR F 61 2.62 18.81 39.65
N ASN F 62 2.41 17.86 40.54
CA ASN F 62 1.32 17.96 41.50
C ASN F 62 1.58 19.10 42.46
N GLN F 63 0.57 19.97 42.63
CA GLN F 63 0.71 21.11 43.54
C GLN F 63 1.01 20.65 44.97
N GLU F 64 0.54 19.48 45.35
CA GLU F 64 0.82 18.98 46.69
C GLU F 64 2.28 18.66 46.93
N TRP F 65 3.05 18.46 45.88
CA TRP F 65 4.48 18.19 45.98
C TRP F 65 5.30 19.46 45.86
N GLY F 66 4.67 20.63 45.87
CA GLY F 66 5.38 21.89 45.83
C GLY F 66 5.28 22.65 44.52
N CYS F 67 4.63 22.10 43.50
CA CYS F 67 4.53 22.81 42.22
C CYS F 67 3.57 23.99 42.35
N PRO F 68 3.97 25.19 41.91
CA PRO F 68 3.00 26.28 41.80
C PRO F 68 1.88 25.94 40.83
N GLU F 69 0.74 26.59 41.02
CA GLU F 69 -0.34 26.46 40.05
C GLU F 69 0.16 26.86 38.66
N ASN F 70 -0.05 25.99 37.69
CA ASN F 70 0.29 26.15 36.27
C ASN F 70 1.78 25.90 36.00
N GLY F 71 2.56 25.51 37.00
CA GLY F 71 3.89 25.00 36.75
C GLY F 71 4.99 25.86 37.32
N GLU F 72 6.15 25.24 37.51
CA GLU F 72 7.32 25.91 38.06
C GLU F 72 8.24 26.37 36.92
N GLU F 73 8.79 27.57 37.06
CA GLU F 73 9.74 28.07 36.06
C GLU F 73 10.98 27.20 35.99
N THR F 74 11.31 26.72 34.79
CA THR F 74 12.43 25.81 34.61
C THR F 74 13.21 26.19 33.34
N VAL F 75 14.41 25.59 33.23
CA VAL F 75 15.23 25.72 32.03
C VAL F 75 15.56 24.33 31.52
N VAL F 76 15.51 24.16 30.19
CA VAL F 76 15.89 22.92 29.53
C VAL F 76 17.21 23.15 28.81
N LEU F 77 18.21 22.32 29.11
CA LEU F 77 19.50 22.40 28.46
C LEU F 77 19.73 21.15 27.61
N THR F 78 20.14 21.34 26.36
CA THR F 78 20.38 20.22 25.46
C THR F 78 21.73 20.40 24.77
N GLY F 79 22.32 19.30 24.34
CA GLY F 79 23.55 19.43 23.56
C GLY F 79 23.85 18.12 22.88
N VAL F 80 24.75 18.17 21.91
CA VAL F 80 25.06 16.99 21.10
C VAL F 80 26.56 16.80 21.05
N ALA F 81 27.00 15.55 21.09
CA ALA F 81 28.41 15.22 21.00
C ALA F 81 28.81 15.22 19.53
N ASN F 82 29.65 16.17 19.14
CA ASN F 82 30.09 16.33 17.77
C ASN F 82 31.45 15.65 17.61
N GLU F 83 31.54 14.66 16.74
CA GLU F 83 32.77 13.89 16.59
C GLU F 83 33.95 14.74 16.13
N GLU F 84 33.71 15.93 15.56
CA GLU F 84 34.82 16.82 15.26
C GLU F 84 35.45 17.41 16.50
N PHE F 85 34.76 17.40 17.64
CA PHE F 85 35.25 17.95 18.89
C PHE F 85 35.45 16.91 19.98
N VAL F 86 34.86 15.72 19.82
CA VAL F 86 34.75 14.66 20.83
C VAL F 86 35.36 13.42 20.21
N ASP F 87 36.47 12.93 20.77
CA ASP F 87 37.02 11.67 20.27
C ASP F 87 36.37 10.46 20.92
N ASP F 88 35.91 10.59 22.16
CA ASP F 88 35.49 9.45 22.98
C ASP F 88 34.11 9.75 23.56
N ILE F 89 33.10 9.08 23.03
CA ILE F 89 31.71 9.34 23.43
C ILE F 89 31.48 9.00 24.91
N GLU F 90 32.16 7.98 25.43
CA GLU F 90 31.98 7.63 26.84
C GLU F 90 32.55 8.70 27.75
N LYS F 91 33.71 9.27 27.41
CA LYS F 91 34.25 10.35 28.22
C LYS F 91 33.36 11.59 28.12
N TRP F 92 32.81 11.86 26.93
CA TRP F 92 31.85 12.96 26.79
C TRP F 92 30.64 12.72 27.67
N LYS F 93 30.12 11.50 27.69
CA LYS F 93 28.97 11.19 28.54
C LYS F 93 29.31 11.41 30.02
N ASP F 94 30.48 10.94 30.45
CA ASP F 94 30.93 11.19 31.81
C ASP F 94 31.03 12.68 32.10
N THR F 95 31.51 13.46 31.13
CA THR F 95 31.62 14.90 31.33
C THR F 95 30.25 15.53 31.51
N VAL F 96 29.29 15.16 30.65
CA VAL F 96 27.95 15.72 30.78
C VAL F 96 27.36 15.40 32.15
N ILE F 97 27.55 14.16 32.62
CA ILE F 97 27.01 13.78 33.92
C ILE F 97 27.65 14.61 35.02
N LYS F 98 28.97 14.79 34.95
CA LYS F 98 29.67 15.63 35.92
C LYS F 98 29.10 17.03 35.92
N LEU F 99 28.91 17.62 34.74
CA LEU F 99 28.38 18.97 34.65
C LEU F 99 26.94 19.04 35.15
N ALA F 100 26.13 18.01 34.88
CA ALA F 100 24.75 18.00 35.36
C ALA F 100 24.71 18.05 36.89
N LYS F 101 25.56 17.26 37.55
CA LYS F 101 25.62 17.28 39.01
C LYS F 101 26.11 18.63 39.51
N GLU F 102 27.10 19.23 38.83
CA GLU F 102 27.56 20.55 39.25
C GLU F 102 26.46 21.58 39.10
N LEU F 103 25.68 21.48 37.99
CA LEU F 103 24.57 22.39 37.80
C LEU F 103 23.53 22.22 38.91
N LYS F 104 23.21 20.98 39.27
CA LYS F 104 22.25 20.74 40.34
C LYS F 104 22.71 21.38 41.64
N ASN F 105 24.00 21.24 41.97
CA ASN F 105 24.53 21.82 43.19
C ASN F 105 24.52 23.35 43.14
N GLN F 106 24.96 23.95 42.03
CA GLN F 106 25.04 25.40 41.97
C GLN F 106 23.66 26.05 41.93
N MET F 107 22.68 25.39 41.31
CA MET F 107 21.31 25.88 41.33
C MET F 107 20.56 25.46 42.58
N LYS F 108 21.21 24.75 43.50
CA LYS F 108 20.61 24.25 44.74
C LYS F 108 19.29 23.53 44.48
N GLN F 109 19.31 22.62 43.51
CA GLN F 109 18.13 21.83 43.17
C GLN F 109 18.10 20.56 44.00
N SER F 110 16.91 20.19 44.47
N SER F 110 16.91 20.20 44.47
CA SER F 110 16.77 18.94 45.22
CA SER F 110 16.74 18.96 45.21
C SER F 110 16.91 17.74 44.30
C SER F 110 16.88 17.75 44.31
N THR F 111 16.41 17.86 43.07
CA THR F 111 16.47 16.79 42.09
C THR F 111 16.77 17.39 40.72
N LEU F 112 17.25 16.55 39.82
CA LEU F 112 17.57 16.99 38.47
C LEU F 112 17.60 15.77 37.56
N THR F 113 17.06 15.91 36.35
CA THR F 113 17.12 14.86 35.35
C THR F 113 18.17 15.18 34.30
N CYS F 114 18.88 14.14 33.86
CA CYS F 114 19.84 14.22 32.77
C CYS F 114 19.63 13.01 31.87
N GLU F 115 19.23 13.25 30.62
CA GLU F 115 18.91 12.16 29.71
C GLU F 115 19.90 12.12 28.57
N PHE F 116 20.12 10.91 28.05
CA PHE F 116 20.92 10.72 26.84
C PHE F 116 20.05 10.05 25.79
N ILE F 117 20.09 10.61 24.59
CA ILE F 117 19.29 10.15 23.46
C ILE F 117 20.21 9.94 22.27
N GLU F 118 20.02 8.81 21.58
CA GLU F 118 20.80 8.56 20.37
C GLU F 118 20.28 9.43 19.23
N THR F 119 21.23 10.02 18.49
CA THR F 119 20.91 10.96 17.44
C THR F 119 21.93 10.77 16.33
N GLU F 120 21.55 11.15 15.12
CA GLU F 120 22.45 11.13 13.97
C GLU F 120 22.71 12.59 13.60
N LEU F 121 23.94 13.05 13.81
CA LEU F 121 24.28 14.46 13.67
C LEU F 121 24.87 14.75 12.29
N HIS F 122 24.27 15.70 11.60
CA HIS F 122 24.82 16.28 10.38
C HIS F 122 25.31 17.68 10.71
N TYR F 123 26.59 17.91 10.51
CA TYR F 123 27.26 19.15 10.89
C TYR F 123 27.72 19.83 9.61
N PHE F 124 27.21 21.04 9.37
CA PHE F 124 27.53 21.80 8.16
C PHE F 124 28.41 22.98 8.51
N LYS F 125 29.57 23.08 7.87
CA LYS F 125 30.49 24.17 8.20
C LYS F 125 31.17 24.71 6.94
N GLY G 3 -23.62 -6.87 -33.79
CA GLY G 3 -24.56 -6.24 -32.90
C GLY G 3 -24.19 -6.38 -31.44
N LYS G 4 -24.49 -5.34 -30.65
CA LYS G 4 -24.21 -5.33 -29.22
C LYS G 4 -25.23 -6.20 -28.48
N THR G 5 -24.73 -7.12 -27.65
CA THR G 5 -25.60 -8.15 -27.07
C THR G 5 -24.96 -8.67 -25.79
N LEU G 6 -25.44 -9.81 -25.30
CA LEU G 6 -24.91 -10.45 -24.10
C LEU G 6 -24.46 -11.86 -24.43
N ARG G 7 -23.44 -12.31 -23.71
CA ARG G 7 -23.08 -13.71 -23.67
C ARG G 7 -23.20 -14.17 -22.23
N PHE G 8 -23.45 -15.46 -22.02
CA PHE G 8 -23.44 -16.03 -20.68
C PHE G 8 -22.28 -16.99 -20.52
N GLU G 9 -21.88 -17.21 -19.26
CA GLU G 9 -20.93 -18.27 -18.94
C GLU G 9 -21.36 -18.96 -17.64
N ILE G 10 -21.53 -20.28 -17.70
CA ILE G 10 -21.90 -21.11 -16.56
C ILE G 10 -20.77 -22.09 -16.26
N VAL G 11 -20.46 -22.27 -14.98
CA VAL G 11 -19.48 -23.28 -14.55
C VAL G 11 -20.20 -24.29 -13.66
N SER G 12 -20.07 -25.58 -14.00
CA SER G 12 -20.75 -26.65 -13.28
C SER G 12 -19.79 -27.81 -13.05
N GLY G 13 -19.91 -28.46 -11.90
CA GLY G 13 -19.27 -29.75 -11.71
C GLY G 13 -19.94 -30.82 -12.55
N VAL G 14 -19.29 -31.98 -12.63
CA VAL G 14 -19.81 -33.09 -13.43
C VAL G 14 -20.31 -34.24 -12.58
N ASN G 15 -20.16 -34.16 -11.25
CA ASN G 15 -20.70 -35.13 -10.31
C ASN G 15 -20.40 -36.57 -10.74
N LYS G 16 -19.10 -36.86 -10.84
CA LYS G 16 -18.67 -38.24 -11.10
C LYS G 16 -19.24 -39.20 -10.07
N GLY G 17 -19.43 -38.73 -8.82
CA GLY G 17 -20.00 -39.59 -7.80
C GLY G 17 -21.43 -40.01 -8.12
N TYR G 18 -22.23 -39.10 -8.66
CA TYR G 18 -23.62 -39.43 -8.94
C TYR G 18 -23.79 -40.11 -10.30
N PHE G 19 -23.06 -39.65 -11.32
CA PHE G 19 -23.26 -40.11 -12.68
C PHE G 19 -22.27 -41.17 -13.12
N HIS G 20 -21.13 -41.31 -12.45
CA HIS G 20 -20.16 -42.37 -12.72
C HIS G 20 -19.63 -42.30 -14.15
N THR G 21 -19.05 -41.16 -14.51
CA THR G 21 -18.60 -40.87 -15.87
C THR G 21 -17.12 -40.51 -15.80
N ASN G 22 -16.24 -41.52 -15.95
CA ASN G 22 -14.82 -41.29 -15.69
C ASN G 22 -14.19 -40.41 -16.76
N SER G 23 -14.60 -40.55 -18.01
CA SER G 23 -13.94 -39.84 -19.10
C SER G 23 -14.36 -38.38 -19.14
N GLN G 24 -13.46 -37.53 -19.67
CA GLN G 24 -13.80 -36.14 -19.93
C GLN G 24 -14.84 -36.04 -21.04
N SER G 25 -14.62 -36.75 -22.15
CA SER G 25 -15.60 -36.76 -23.23
C SER G 25 -16.95 -37.27 -22.75
N GLU G 26 -16.95 -38.21 -21.80
CA GLU G 26 -18.19 -38.67 -21.20
C GLU G 26 -18.82 -37.61 -20.31
N SER G 27 -18.00 -36.73 -19.72
CA SER G 27 -18.55 -35.62 -18.95
C SER G 27 -19.13 -34.54 -19.84
N LEU G 28 -18.47 -34.27 -20.98
CA LEU G 28 -19.02 -33.31 -21.93
C LEU G 28 -20.33 -33.80 -22.51
N ASP G 29 -20.41 -35.10 -22.86
CA ASP G 29 -21.67 -35.64 -23.39
C ASP G 29 -22.76 -35.71 -22.32
N LEU G 30 -22.38 -35.96 -21.06
CA LEU G 30 -23.36 -35.94 -19.97
C LEU G 30 -24.00 -34.56 -19.84
N VAL G 31 -23.16 -33.53 -19.64
CA VAL G 31 -23.66 -32.18 -19.50
C VAL G 31 -24.31 -31.72 -20.80
N GLY G 32 -23.72 -32.07 -21.94
CA GLY G 32 -24.27 -31.68 -23.22
C GLY G 32 -25.67 -32.23 -23.44
N GLY G 33 -25.87 -33.51 -23.14
CA GLY G 33 -27.18 -34.10 -23.31
C GLY G 33 -28.20 -33.53 -22.35
N ILE G 34 -27.80 -33.22 -21.11
CA ILE G 34 -28.72 -32.61 -20.17
C ILE G 34 -29.09 -31.20 -20.63
N TRP G 35 -28.10 -30.42 -21.05
CA TRP G 35 -28.39 -29.07 -21.55
C TRP G 35 -29.31 -29.13 -22.76
N GLN G 36 -29.07 -30.08 -23.67
CA GLN G 36 -29.92 -30.22 -24.86
C GLN G 36 -31.37 -30.46 -24.47
N LYS G 37 -31.61 -31.29 -23.45
CA LYS G 37 -32.98 -31.59 -23.04
C LYS G 37 -33.66 -30.38 -22.40
N ILE G 38 -32.98 -29.69 -21.49
CA ILE G 38 -33.63 -28.57 -20.80
C ILE G 38 -33.75 -27.38 -21.72
N ALA G 39 -32.78 -27.18 -22.63
CA ALA G 39 -32.91 -26.10 -23.60
C ALA G 39 -34.09 -26.35 -24.53
N LYS G 40 -34.28 -27.59 -24.97
CA LYS G 40 -35.43 -27.90 -25.82
C LYS G 40 -36.74 -27.68 -25.09
N GLU G 41 -36.81 -28.12 -23.83
CA GLU G 41 -38.05 -27.94 -23.07
C GLU G 41 -38.39 -26.47 -22.93
N GLU G 42 -37.40 -25.65 -22.55
CA GLU G 42 -37.64 -24.23 -22.42
C GLU G 42 -37.93 -23.56 -23.76
N PHE G 43 -37.32 -24.04 -24.85
CA PHE G 43 -37.66 -23.55 -26.17
C PHE G 43 -39.13 -23.77 -26.48
N GLU G 44 -39.65 -24.93 -26.13
CA GLU G 44 -41.07 -25.20 -26.38
C GLU G 44 -41.96 -24.26 -25.60
N LYS G 45 -41.54 -23.84 -24.40
CA LYS G 45 -42.36 -23.00 -23.55
C LYS G 45 -42.24 -21.52 -23.88
N SER G 46 -41.07 -21.07 -24.35
CA SER G 46 -40.79 -19.65 -24.46
C SER G 46 -40.48 -19.19 -25.87
N ASN G 47 -40.28 -20.13 -26.81
CA ASN G 47 -39.77 -19.88 -28.16
C ASN G 47 -38.36 -19.28 -28.16
N ILE G 48 -37.63 -19.39 -27.05
CA ILE G 48 -36.23 -18.96 -26.97
C ILE G 48 -35.38 -20.21 -26.80
N TYR G 49 -34.52 -20.51 -27.78
CA TYR G 49 -33.56 -21.60 -27.69
C TYR G 49 -32.19 -21.05 -27.27
N VAL G 50 -31.67 -21.57 -26.18
CA VAL G 50 -30.35 -21.15 -25.69
C VAL G 50 -29.38 -22.27 -26.00
N SER G 51 -28.60 -22.11 -27.06
CA SER G 51 -27.53 -23.06 -27.34
C SER G 51 -26.33 -22.81 -26.44
N ALA G 52 -25.44 -23.79 -26.38
CA ALA G 52 -24.31 -23.68 -25.46
C ALA G 52 -23.07 -24.33 -26.05
N VAL G 53 -21.96 -23.60 -25.96
CA VAL G 53 -20.64 -24.14 -26.20
C VAL G 53 -20.09 -24.63 -24.86
N ILE G 54 -19.64 -25.88 -24.81
CA ILE G 54 -19.25 -26.52 -23.56
C ILE G 54 -17.77 -26.88 -23.64
N LYS G 55 -16.99 -26.39 -22.70
CA LYS G 55 -15.56 -26.62 -22.66
C LYS G 55 -15.20 -27.46 -21.43
N PRO G 56 -14.31 -28.44 -21.59
CA PRO G 56 -13.80 -29.16 -20.43
C PRO G 56 -12.87 -28.28 -19.62
N SER G 57 -12.79 -28.56 -18.32
CA SER G 57 -12.04 -27.69 -17.43
C SER G 57 -11.83 -28.41 -16.11
N LYS G 58 -11.06 -27.77 -15.24
CA LYS G 58 -10.98 -28.12 -13.84
C LYS G 58 -11.07 -26.84 -13.03
N THR G 59 -11.68 -26.95 -11.87
CA THR G 59 -11.86 -25.78 -11.02
C THR G 59 -11.07 -26.00 -9.75
N VAL G 60 -10.23 -25.02 -9.43
CA VAL G 60 -9.22 -25.11 -8.39
C VAL G 60 -9.68 -24.22 -7.24
N TYR G 61 -9.92 -24.83 -6.08
CA TYR G 61 -10.15 -24.04 -4.88
C TYR G 61 -9.55 -24.82 -3.71
N ASN G 62 -9.82 -24.38 -2.50
CA ASN G 62 -9.08 -24.87 -1.34
C ASN G 62 -9.47 -26.31 -1.04
N GLN G 63 -8.47 -27.19 -0.90
CA GLN G 63 -8.75 -28.58 -0.56
C GLN G 63 -9.49 -28.69 0.77
N GLU G 64 -9.24 -27.75 1.67
CA GLU G 64 -9.92 -27.70 2.95
C GLU G 64 -11.41 -27.42 2.80
N TRP G 65 -11.83 -26.82 1.69
CA TRP G 65 -13.25 -26.57 1.43
C TRP G 65 -13.90 -27.67 0.60
N GLY G 66 -13.15 -28.71 0.22
CA GLY G 66 -13.70 -29.85 -0.50
C GLY G 66 -13.09 -30.12 -1.86
N CYS G 67 -12.19 -29.27 -2.34
CA CYS G 67 -11.62 -29.48 -3.67
C CYS G 67 -10.63 -30.64 -3.66
N PRO G 68 -10.68 -31.52 -4.65
CA PRO G 68 -9.60 -32.50 -4.80
C PRO G 68 -8.27 -31.80 -5.05
N GLU G 69 -7.18 -32.48 -4.70
CA GLU G 69 -5.86 -31.97 -5.08
C GLU G 69 -5.82 -31.77 -6.59
N ASN G 70 -5.43 -30.57 -7.02
CA ASN G 70 -5.23 -30.13 -8.40
C ASN G 70 -6.53 -29.70 -9.09
N GLY G 71 -7.68 -29.80 -8.44
CA GLY G 71 -8.92 -29.29 -9.00
C GLY G 71 -10.00 -30.33 -9.21
N GLU G 72 -11.25 -29.86 -9.28
CA GLU G 72 -12.42 -30.70 -9.53
C GLU G 72 -12.76 -30.65 -11.02
N GLU G 73 -13.08 -31.80 -11.60
CA GLU G 73 -13.47 -31.80 -13.01
C GLU G 73 -14.75 -31.01 -13.19
N THR G 74 -14.72 -30.05 -14.12
CA THR G 74 -15.87 -29.20 -14.36
C THR G 74 -16.06 -29.00 -15.85
N VAL G 75 -17.19 -28.39 -16.20
CA VAL G 75 -17.43 -27.93 -17.56
C VAL G 75 -17.82 -26.45 -17.52
N VAL G 76 -17.43 -25.72 -18.56
CA VAL G 76 -17.82 -24.33 -18.73
C VAL G 76 -18.75 -24.25 -19.92
N LEU G 77 -19.95 -23.71 -19.70
CA LEU G 77 -20.93 -23.52 -20.76
C LEU G 77 -21.05 -22.04 -21.11
N THR G 78 -20.98 -21.72 -22.40
CA THR G 78 -21.13 -20.33 -22.84
C THR G 78 -22.08 -20.25 -24.03
N GLY G 79 -22.68 -19.08 -24.20
CA GLY G 79 -23.54 -18.86 -25.36
C GLY G 79 -23.83 -17.38 -25.51
N VAL G 80 -24.39 -17.01 -26.64
CA VAL G 80 -24.55 -15.61 -26.97
C VAL G 80 -25.94 -15.40 -27.55
N ALA G 81 -26.55 -14.26 -27.22
CA ALA G 81 -27.87 -13.94 -27.70
C ALA G 81 -27.74 -13.35 -29.10
N ASN G 82 -28.22 -14.08 -30.09
CA ASN G 82 -28.12 -13.71 -31.50
C ASN G 82 -29.43 -13.07 -31.95
N GLU G 83 -29.35 -11.84 -32.46
CA GLU G 83 -30.57 -11.10 -32.78
C GLU G 83 -31.38 -11.76 -33.89
N GLU G 84 -30.77 -12.64 -34.67
CA GLU G 84 -31.53 -13.41 -35.67
C GLU G 84 -32.50 -14.37 -35.00
N PHE G 85 -32.19 -14.77 -33.76
CA PHE G 85 -32.98 -15.75 -33.02
C PHE G 85 -33.69 -15.18 -31.81
N VAL G 86 -33.20 -14.07 -31.28
CA VAL G 86 -33.59 -13.48 -30.01
C VAL G 86 -34.10 -12.08 -30.30
N ASP G 87 -35.38 -11.83 -29.99
CA ASP G 87 -35.95 -10.49 -30.10
C ASP G 87 -35.81 -9.65 -28.84
N ASP G 88 -35.74 -10.28 -27.67
CA ASP G 88 -35.94 -9.61 -26.38
C ASP G 88 -34.82 -10.07 -25.46
N ILE G 89 -33.80 -9.23 -25.29
CA ILE G 89 -32.62 -9.63 -24.53
C ILE G 89 -32.95 -9.92 -23.07
N GLU G 90 -33.91 -9.19 -22.48
CA GLU G 90 -34.28 -9.46 -21.09
C GLU G 90 -34.93 -10.82 -20.94
N LYS G 91 -35.80 -11.17 -21.88
CA LYS G 91 -36.39 -12.51 -21.85
C LYS G 91 -35.32 -13.58 -22.08
N TRP G 92 -34.35 -13.31 -22.94
CA TRP G 92 -33.27 -14.27 -23.15
C TRP G 92 -32.49 -14.47 -21.85
N LYS G 93 -32.14 -13.36 -21.18
CA LYS G 93 -31.45 -13.42 -19.91
C LYS G 93 -32.24 -14.23 -18.87
N ASP G 94 -33.55 -13.94 -18.75
CA ASP G 94 -34.37 -14.71 -17.83
C ASP G 94 -34.32 -16.19 -18.15
N THR G 95 -34.29 -16.52 -19.45
CA THR G 95 -34.27 -17.91 -19.89
C THR G 95 -32.95 -18.59 -19.52
N VAL G 96 -31.83 -17.91 -19.74
CA VAL G 96 -30.53 -18.45 -19.36
C VAL G 96 -30.49 -18.73 -17.87
N ILE G 97 -31.01 -17.81 -17.07
CA ILE G 97 -30.98 -17.98 -15.61
C ILE G 97 -31.80 -19.20 -15.21
N LYS G 98 -32.98 -19.35 -15.80
CA LYS G 98 -33.81 -20.50 -15.50
C LYS G 98 -33.11 -21.80 -15.87
N LEU G 99 -32.42 -21.82 -17.02
CA LEU G 99 -31.67 -23.01 -17.43
C LEU G 99 -30.51 -23.30 -16.49
N ALA G 100 -29.85 -22.25 -16.02
CA ALA G 100 -28.73 -22.41 -15.10
C ALA G 100 -29.18 -23.09 -13.82
N LYS G 101 -30.31 -22.63 -13.28
CA LYS G 101 -30.85 -23.26 -12.07
C LYS G 101 -31.29 -24.69 -12.34
N GLU G 102 -31.86 -24.96 -13.51
CA GLU G 102 -32.22 -26.33 -13.83
C GLU G 102 -30.98 -27.21 -13.97
N LEU G 103 -29.92 -26.69 -14.61
CA LEU G 103 -28.67 -27.44 -14.72
C LEU G 103 -28.10 -27.76 -13.34
N LYS G 104 -28.08 -26.77 -12.44
CA LYS G 104 -27.61 -26.98 -11.08
C LYS G 104 -28.37 -28.10 -10.39
N ASN G 105 -29.69 -28.10 -10.54
CA ASN G 105 -30.52 -29.12 -9.90
C ASN G 105 -30.27 -30.50 -10.50
N GLN G 106 -30.21 -30.59 -11.84
CA GLN G 106 -30.05 -31.91 -12.46
C GLN G 106 -28.62 -32.43 -12.32
N MET G 107 -27.63 -31.56 -12.24
CA MET G 107 -26.28 -32.01 -11.94
C MET G 107 -26.06 -32.20 -10.45
N LYS G 108 -27.09 -31.94 -9.63
CA LYS G 108 -27.04 -32.07 -8.18
C LYS G 108 -25.84 -31.31 -7.61
N GLN G 109 -25.70 -30.07 -8.07
CA GLN G 109 -24.62 -29.19 -7.64
C GLN G 109 -25.09 -28.36 -6.46
N SER G 110 -24.21 -28.22 -5.45
N SER G 110 -24.20 -28.23 -5.45
CA SER G 110 -24.58 -27.41 -4.29
CA SER G 110 -24.54 -27.43 -4.29
C SER G 110 -24.56 -25.93 -4.63
C SER G 110 -24.54 -25.94 -4.62
N THR G 111 -23.62 -25.51 -5.49
CA THR G 111 -23.52 -24.11 -5.90
C THR G 111 -23.26 -24.08 -7.40
N LEU G 112 -23.57 -22.95 -8.02
CA LEU G 112 -23.30 -22.78 -9.44
C LEU G 112 -23.22 -21.30 -9.78
N THR G 113 -22.30 -20.94 -10.65
CA THR G 113 -22.16 -19.56 -11.11
C THR G 113 -22.70 -19.38 -12.52
N CYS G 114 -23.32 -18.24 -12.77
CA CYS G 114 -23.84 -17.87 -14.09
C CYS G 114 -23.56 -16.40 -14.30
N GLU G 115 -22.74 -16.09 -15.30
CA GLU G 115 -22.30 -14.72 -15.58
C GLU G 115 -22.89 -14.22 -16.88
N PHE G 116 -23.15 -12.92 -16.93
CA PHE G 116 -23.45 -12.24 -18.19
C PHE G 116 -22.40 -11.19 -18.46
N ILE G 117 -21.97 -11.13 -19.72
CA ILE G 117 -20.89 -10.26 -20.18
C ILE G 117 -21.37 -9.57 -21.45
N GLU G 118 -21.09 -8.27 -21.57
CA GLU G 118 -21.42 -7.59 -22.82
C GLU G 118 -20.45 -7.98 -23.93
N THR G 119 -21.02 -8.17 -25.12
CA THR G 119 -20.23 -8.63 -26.26
C THR G 119 -20.82 -8.03 -27.53
N GLU G 120 -19.98 -7.91 -28.56
CA GLU G 120 -20.40 -7.47 -29.88
C GLU G 120 -20.31 -8.67 -30.82
N LEU G 121 -21.46 -9.16 -31.27
CA LEU G 121 -21.52 -10.38 -32.06
C LEU G 121 -21.53 -10.06 -33.56
N HIS G 122 -20.62 -10.71 -34.28
CA HIS G 122 -20.62 -10.74 -35.73
C HIS G 122 -20.97 -12.15 -36.17
N TYR G 123 -22.07 -12.29 -36.92
CA TYR G 123 -22.60 -13.59 -37.31
C TYR G 123 -22.48 -13.76 -38.82
N PHE G 124 -21.74 -14.76 -39.24
CA PHE G 124 -21.52 -15.02 -40.66
C PHE G 124 -22.28 -16.27 -41.10
N LYS G 125 -23.10 -16.13 -42.14
CA LYS G 125 -23.91 -17.25 -42.61
C LYS G 125 -24.12 -17.25 -44.12
N LYS H 4 -7.47 -1.33 -21.34
CA LYS H 4 -8.63 -0.84 -22.08
C LYS H 4 -8.51 -1.21 -23.56
N THR H 5 -8.70 -2.49 -23.88
CA THR H 5 -8.49 -2.99 -25.25
C THR H 5 -9.61 -3.97 -25.58
N LEU H 6 -9.42 -4.76 -26.64
CA LEU H 6 -10.43 -5.71 -27.10
C LEU H 6 -9.88 -7.13 -27.09
N ARG H 7 -10.76 -8.10 -26.82
CA ARG H 7 -10.50 -9.50 -27.11
C ARG H 7 -11.54 -10.01 -28.09
N PHE H 8 -11.19 -11.06 -28.85
CA PHE H 8 -12.14 -11.69 -29.75
C PHE H 8 -12.41 -13.12 -29.31
N GLU H 9 -13.55 -13.64 -29.74
CA GLU H 9 -13.82 -15.07 -29.60
C GLU H 9 -14.54 -15.59 -30.84
N ILE H 10 -14.02 -16.66 -31.41
CA ILE H 10 -14.59 -17.33 -32.58
C ILE H 10 -14.92 -18.77 -32.24
N VAL H 11 -16.11 -19.24 -32.64
CA VAL H 11 -16.48 -20.65 -32.46
C VAL H 11 -16.62 -21.28 -33.84
N SER H 12 -15.88 -22.35 -34.08
CA SER H 12 -15.90 -23.02 -35.36
C SER H 12 -16.16 -24.51 -35.16
N GLY H 13 -16.96 -25.08 -36.04
CA GLY H 13 -17.03 -26.53 -36.13
C GLY H 13 -15.73 -27.09 -36.71
N VAL H 14 -15.62 -28.41 -36.71
CA VAL H 14 -14.37 -29.07 -37.07
C VAL H 14 -14.50 -29.98 -38.28
N ASN H 15 -15.70 -30.27 -38.75
CA ASN H 15 -15.94 -31.00 -40.00
C ASN H 15 -15.17 -32.32 -40.03
N LYS H 16 -15.52 -33.19 -39.08
CA LYS H 16 -14.86 -34.50 -39.00
C LYS H 16 -15.05 -35.30 -40.29
N GLY H 17 -16.22 -35.20 -40.90
CA GLY H 17 -16.54 -35.91 -42.12
C GLY H 17 -15.98 -35.30 -43.39
N TYR H 18 -15.15 -34.28 -43.27
CA TYR H 18 -14.45 -33.68 -44.40
C TYR H 18 -12.94 -33.70 -44.24
N PHE H 19 -12.43 -33.54 -43.02
CA PHE H 19 -11.00 -33.65 -42.75
C PHE H 19 -10.60 -35.03 -42.27
N HIS H 20 -11.57 -35.92 -42.00
CA HIS H 20 -11.31 -37.32 -41.65
C HIS H 20 -10.43 -37.44 -40.41
N THR H 21 -10.74 -36.66 -39.39
CA THR H 21 -10.11 -36.78 -38.09
C THR H 21 -10.94 -37.68 -37.18
N ASN H 22 -10.28 -38.25 -36.17
CA ASN H 22 -10.91 -39.27 -35.34
C ASN H 22 -10.88 -38.97 -33.85
N SER H 23 -10.30 -37.85 -33.43
CA SER H 23 -10.23 -37.53 -32.01
C SER H 23 -10.32 -36.03 -31.82
N GLN H 24 -10.57 -35.62 -30.56
CA GLN H 24 -10.59 -34.19 -30.23
C GLN H 24 -9.24 -33.55 -30.48
N SER H 25 -8.15 -34.22 -30.08
CA SER H 25 -6.82 -33.65 -30.24
C SER H 25 -6.45 -33.47 -31.71
N GLU H 26 -6.90 -34.38 -32.58
CA GLU H 26 -6.65 -34.21 -34.00
C GLU H 26 -7.41 -33.00 -34.56
N SER H 27 -8.59 -32.70 -34.02
CA SER H 27 -9.33 -31.51 -34.46
C SER H 27 -8.65 -30.24 -33.96
N LEU H 28 -8.14 -30.25 -32.73
CA LEU H 28 -7.47 -29.07 -32.19
C LEU H 28 -6.19 -28.77 -32.96
N ASP H 29 -5.39 -29.80 -33.22
CA ASP H 29 -4.19 -29.62 -34.04
C ASP H 29 -4.54 -29.21 -35.47
N LEU H 30 -5.65 -29.74 -36.00
CA LEU H 30 -6.09 -29.33 -37.33
C LEU H 30 -6.40 -27.83 -37.38
N VAL H 31 -7.23 -27.36 -36.46
CA VAL H 31 -7.60 -25.94 -36.46
C VAL H 31 -6.40 -25.07 -36.14
N GLY H 32 -5.55 -25.53 -35.22
CA GLY H 32 -4.36 -24.76 -34.87
C GLY H 32 -3.44 -24.55 -36.06
N GLY H 33 -3.26 -25.59 -36.88
CA GLY H 33 -2.42 -25.45 -38.05
C GLY H 33 -3.03 -24.54 -39.11
N ILE H 34 -4.36 -24.61 -39.29
CA ILE H 34 -5.01 -23.73 -40.24
C ILE H 34 -4.92 -22.28 -39.80
N TRP H 35 -5.16 -22.03 -38.51
CA TRP H 35 -5.05 -20.65 -38.03
C TRP H 35 -3.63 -20.14 -38.17
N GLN H 36 -2.66 -20.97 -37.82
CA GLN H 36 -1.26 -20.57 -37.96
C GLN H 36 -0.97 -20.13 -39.39
N LYS H 37 -1.47 -20.90 -40.36
CA LYS H 37 -1.24 -20.58 -41.75
C LYS H 37 -1.89 -19.24 -42.12
N ILE H 38 -3.18 -19.06 -41.78
CA ILE H 38 -3.86 -17.85 -42.25
C ILE H 38 -3.39 -16.61 -41.48
N ALA H 39 -3.01 -16.75 -40.22
CA ALA H 39 -2.50 -15.60 -39.48
C ALA H 39 -1.16 -15.15 -40.04
N LYS H 40 -0.33 -16.11 -40.46
CA LYS H 40 0.96 -15.77 -41.03
C LYS H 40 0.78 -15.03 -42.36
N GLU H 41 -0.11 -15.55 -43.22
CA GLU H 41 -0.36 -14.92 -44.51
C GLU H 41 -0.86 -13.49 -44.34
N GLU H 42 -1.75 -13.25 -43.37
CA GLU H 42 -2.25 -11.90 -43.16
C GLU H 42 -1.19 -10.99 -42.55
N PHE H 43 -0.33 -11.53 -41.68
CA PHE H 43 0.74 -10.72 -41.12
C PHE H 43 1.69 -10.22 -42.21
N GLU H 44 1.90 -11.04 -43.23
CA GLU H 44 2.76 -10.61 -44.33
C GLU H 44 2.15 -9.45 -45.09
N LYS H 45 0.81 -9.36 -45.12
CA LYS H 45 0.15 -8.32 -45.89
C LYS H 45 0.05 -7.03 -45.09
N SER H 46 -0.29 -7.13 -43.81
CA SER H 46 -0.74 -5.96 -43.06
C SER H 46 0.10 -5.62 -41.86
N ASN H 47 1.09 -6.43 -41.51
CA ASN H 47 1.87 -6.29 -40.29
C ASN H 47 1.05 -6.50 -39.03
N ILE H 48 -0.15 -7.05 -39.15
CA ILE H 48 -0.96 -7.38 -37.98
C ILE H 48 -0.99 -8.89 -37.88
N TYR H 49 -0.42 -9.42 -36.80
CA TYR H 49 -0.46 -10.84 -36.50
C TYR H 49 -1.50 -11.04 -35.42
N VAL H 50 -2.51 -11.85 -35.71
CA VAL H 50 -3.55 -12.18 -34.74
C VAL H 50 -3.24 -13.57 -34.19
N SER H 51 -2.69 -13.62 -33.00
CA SER H 51 -2.48 -14.90 -32.35
C SER H 51 -3.82 -15.38 -31.79
N ALA H 52 -3.92 -16.69 -31.54
CA ALA H 52 -5.17 -17.26 -31.06
C ALA H 52 -4.91 -18.35 -30.03
N VAL H 53 -5.62 -18.27 -28.92
CA VAL H 53 -5.67 -19.36 -27.95
C VAL H 53 -6.86 -20.25 -28.31
N ILE H 54 -6.61 -21.54 -28.51
CA ILE H 54 -7.66 -22.43 -29.02
C ILE H 54 -7.99 -23.48 -27.97
N LYS H 55 -9.29 -23.69 -27.73
CA LYS H 55 -9.74 -24.64 -26.73
C LYS H 55 -10.70 -25.66 -27.36
N PRO H 56 -10.64 -26.91 -26.92
CA PRO H 56 -11.60 -27.91 -27.37
C PRO H 56 -12.96 -27.65 -26.75
N SER H 57 -13.99 -28.15 -27.41
CA SER H 57 -15.35 -27.90 -26.94
C SER H 57 -16.33 -28.79 -27.69
N LYS H 58 -17.56 -28.81 -27.20
CA LYS H 58 -18.71 -29.33 -27.94
C LYS H 58 -19.82 -28.30 -27.85
N THR H 59 -20.54 -28.12 -28.95
CA THR H 59 -21.60 -27.12 -29.03
C THR H 59 -22.94 -27.81 -29.16
N VAL H 60 -23.88 -27.41 -28.31
CA VAL H 60 -25.15 -28.09 -28.12
C VAL H 60 -26.23 -27.20 -28.70
N TYR H 61 -27.01 -27.73 -29.64
CA TYR H 61 -28.18 -27.02 -30.13
C TYR H 61 -29.21 -28.07 -30.53
N ASN H 62 -30.30 -27.61 -31.13
CA ASN H 62 -31.46 -28.47 -31.35
C ASN H 62 -31.13 -29.58 -32.35
N GLN H 63 -31.43 -30.82 -32.01
CA GLN H 63 -31.18 -31.90 -32.95
C GLN H 63 -32.00 -31.72 -34.23
N GLU H 64 -33.17 -31.08 -34.13
CA GLU H 64 -33.95 -30.82 -35.33
C GLU H 64 -33.19 -30.02 -36.35
N TRP H 65 -32.23 -29.20 -35.90
CA TRP H 65 -31.49 -28.32 -36.80
C TRP H 65 -30.16 -28.90 -37.25
N GLY H 66 -29.90 -30.17 -36.93
CA GLY H 66 -28.70 -30.83 -37.38
C GLY H 66 -27.73 -31.22 -36.28
N CYS H 67 -27.97 -30.82 -35.04
CA CYS H 67 -27.01 -31.11 -33.99
C CYS H 67 -27.02 -32.60 -33.70
N PRO H 68 -25.87 -33.26 -33.62
CA PRO H 68 -25.83 -34.63 -33.11
C PRO H 68 -26.30 -34.67 -31.66
N GLU H 69 -26.80 -35.83 -31.24
CA GLU H 69 -27.15 -35.95 -29.83
C GLU H 69 -25.91 -35.68 -28.99
N ASN H 70 -26.08 -34.83 -27.97
CA ASN H 70 -25.08 -34.40 -26.98
C ASN H 70 -24.13 -33.33 -27.52
N GLY H 71 -24.21 -32.95 -28.79
CA GLY H 71 -23.47 -31.79 -29.26
C GLY H 71 -22.52 -32.11 -30.40
N GLU H 72 -22.04 -31.03 -31.01
CA GLU H 72 -21.16 -31.11 -32.16
C GLU H 72 -19.75 -30.69 -31.73
N GLU H 73 -18.75 -31.41 -32.21
CA GLU H 73 -17.36 -31.07 -31.88
C GLU H 73 -17.01 -29.69 -32.44
N THR H 74 -16.45 -28.83 -31.59
CA THR H 74 -16.12 -27.47 -31.99
C THR H 74 -14.78 -27.05 -31.39
N VAL H 75 -14.27 -25.92 -31.87
CA VAL H 75 -13.08 -25.27 -31.31
C VAL H 75 -13.41 -23.82 -31.02
N VAL H 76 -12.93 -23.31 -29.88
CA VAL H 76 -13.10 -21.91 -29.51
C VAL H 76 -11.73 -21.24 -29.62
N LEU H 77 -11.68 -20.16 -30.41
CA LEU H 77 -10.45 -19.40 -30.62
C LEU H 77 -10.62 -18.03 -29.99
N THR H 78 -9.66 -17.63 -29.17
CA THR H 78 -9.72 -16.32 -28.53
C THR H 78 -8.38 -15.61 -28.65
N GLY H 79 -8.42 -14.29 -28.57
CA GLY H 79 -7.19 -13.52 -28.57
C GLY H 79 -7.47 -12.09 -28.13
N VAL H 80 -6.41 -11.41 -27.73
CA VAL H 80 -6.53 -10.04 -27.24
C VAL H 80 -5.65 -9.15 -28.11
N ALA H 81 -6.10 -7.91 -28.33
CA ALA H 81 -5.29 -6.90 -29.00
C ALA H 81 -4.32 -6.30 -27.99
N ASN H 82 -3.03 -6.55 -28.19
CA ASN H 82 -1.96 -6.08 -27.31
C ASN H 82 -1.36 -4.82 -27.92
N GLU H 83 -1.39 -3.71 -27.18
CA GLU H 83 -0.89 -2.46 -27.72
C GLU H 83 0.63 -2.48 -27.93
N GLU H 84 1.33 -3.47 -27.40
CA GLU H 84 2.73 -3.66 -27.76
C GLU H 84 2.88 -4.03 -29.23
N PHE H 85 1.86 -4.65 -29.81
CA PHE H 85 1.89 -5.10 -31.19
C PHE H 85 0.88 -4.38 -32.08
N VAL H 86 -0.21 -3.87 -31.52
CA VAL H 86 -1.31 -3.30 -32.28
C VAL H 86 -1.32 -1.80 -32.08
N ASP H 87 -1.12 -1.06 -33.17
CA ASP H 87 -1.15 0.40 -33.17
C ASP H 87 -2.55 0.98 -33.32
N ASP H 88 -3.44 0.25 -34.00
CA ASP H 88 -4.76 0.77 -34.37
C ASP H 88 -5.78 -0.32 -34.07
N ILE H 89 -6.58 -0.11 -33.01
CA ILE H 89 -7.51 -1.16 -32.59
C ILE H 89 -8.54 -1.44 -33.67
N GLU H 90 -8.95 -0.43 -34.43
CA GLU H 90 -9.94 -0.66 -35.47
C GLU H 90 -9.38 -1.55 -36.57
N LYS H 91 -8.12 -1.33 -36.95
CA LYS H 91 -7.52 -2.17 -37.98
C LYS H 91 -7.34 -3.61 -37.48
N TRP H 92 -7.01 -3.79 -36.20
CA TRP H 92 -6.94 -5.13 -35.63
C TRP H 92 -8.29 -5.82 -35.72
N LYS H 93 -9.34 -5.10 -35.35
CA LYS H 93 -10.70 -5.67 -35.38
C LYS H 93 -11.07 -6.08 -36.80
N ASP H 94 -10.78 -5.24 -37.79
CA ASP H 94 -11.04 -5.61 -39.18
C ASP H 94 -10.22 -6.84 -39.60
N THR H 95 -9.01 -6.99 -39.04
CA THR H 95 -8.19 -8.15 -39.36
C THR H 95 -8.80 -9.42 -38.79
N VAL H 96 -9.21 -9.37 -37.52
CA VAL H 96 -9.85 -10.54 -36.89
C VAL H 96 -11.06 -10.98 -37.69
N ILE H 97 -11.89 -10.02 -38.10
CA ILE H 97 -13.09 -10.33 -38.88
C ILE H 97 -12.70 -11.00 -40.20
N LYS H 98 -11.68 -10.47 -40.88
CA LYS H 98 -11.22 -11.09 -42.11
C LYS H 98 -10.74 -12.53 -41.87
N LEU H 99 -10.01 -12.76 -40.77
CA LEU H 99 -9.51 -14.12 -40.51
C LEU H 99 -10.65 -15.06 -40.14
N ALA H 100 -11.62 -14.58 -39.36
CA ALA H 100 -12.77 -15.40 -39.03
C ALA H 100 -13.49 -15.87 -40.28
N LYS H 101 -13.67 -14.96 -41.24
CA LYS H 101 -14.32 -15.36 -42.49
C LYS H 101 -13.47 -16.37 -43.27
N GLU H 102 -12.15 -16.22 -43.23
CA GLU H 102 -11.27 -17.20 -43.89
C GLU H 102 -11.35 -18.56 -43.21
N LEU H 103 -11.37 -18.57 -41.87
CA LEU H 103 -11.48 -19.84 -41.15
C LEU H 103 -12.80 -20.52 -41.48
N LYS H 104 -13.89 -19.74 -41.53
CA LYS H 104 -15.19 -20.32 -41.88
C LYS H 104 -15.12 -21.03 -43.22
N ASN H 105 -14.45 -20.42 -44.21
CA ASN H 105 -14.33 -21.04 -45.53
C ASN H 105 -13.48 -22.30 -45.48
N GLN H 106 -12.27 -22.20 -44.92
CA GLN H 106 -11.37 -23.35 -44.98
C GLN H 106 -11.89 -24.52 -44.16
N MET H 107 -12.64 -24.25 -43.09
CA MET H 107 -13.27 -25.29 -42.31
C MET H 107 -14.60 -25.73 -42.90
N LYS H 108 -15.07 -25.08 -43.97
CA LYS H 108 -16.28 -25.47 -44.69
C LYS H 108 -17.49 -25.44 -43.77
N GLN H 109 -17.59 -24.39 -42.97
CA GLN H 109 -18.69 -24.19 -42.05
C GLN H 109 -19.77 -23.35 -42.69
N SER H 110 -21.03 -23.70 -42.43
CA SER H 110 -22.16 -22.92 -42.95
C SER H 110 -22.30 -21.60 -42.20
N THR H 111 -22.07 -21.61 -40.89
CA THR H 111 -22.13 -20.41 -40.08
C THR H 111 -20.93 -20.38 -39.15
N LEU H 112 -20.65 -19.19 -38.61
CA LEU H 112 -19.56 -19.00 -37.67
C LEU H 112 -19.81 -17.69 -36.92
N THR H 113 -19.53 -17.70 -35.61
CA THR H 113 -19.66 -16.50 -34.79
C THR H 113 -18.29 -15.93 -34.50
N CYS H 114 -18.22 -14.60 -34.41
CA CYS H 114 -17.02 -13.86 -34.05
C CYS H 114 -17.43 -12.71 -33.15
N GLU H 115 -16.98 -12.74 -31.90
CA GLU H 115 -17.38 -11.76 -30.91
C GLU H 115 -16.21 -10.87 -30.53
N PHE H 116 -16.51 -9.64 -30.10
CA PHE H 116 -15.54 -8.73 -29.49
C PHE H 116 -16.02 -8.28 -28.12
N ILE H 117 -15.10 -8.29 -27.16
CA ILE H 117 -15.39 -8.07 -25.75
C ILE H 117 -14.35 -7.09 -25.21
N GLU H 118 -14.80 -6.07 -24.49
CA GLU H 118 -13.86 -5.13 -23.89
C GLU H 118 -13.15 -5.79 -22.71
N THR H 119 -11.85 -5.50 -22.58
CA THR H 119 -11.04 -6.18 -21.59
C THR H 119 -9.91 -5.25 -21.17
N GLU H 120 -9.43 -5.44 -19.95
CA GLU H 120 -8.31 -4.66 -19.43
C GLU H 120 -7.11 -5.59 -19.39
N LEU H 121 -6.13 -5.33 -20.26
CA LEU H 121 -4.99 -6.21 -20.45
C LEU H 121 -3.81 -5.79 -19.57
N HIS H 122 -3.32 -6.73 -18.77
CA HIS H 122 -2.05 -6.57 -18.06
C HIS H 122 -1.07 -7.55 -18.69
N TYR H 123 0.00 -7.01 -19.27
CA TYR H 123 0.98 -7.77 -20.04
C TYR H 123 2.31 -7.76 -19.29
N PHE H 124 2.75 -8.93 -18.84
CA PHE H 124 3.96 -9.05 -18.03
C PHE H 124 5.07 -9.63 -18.88
N LYS H 125 6.20 -8.93 -18.96
CA LYS H 125 7.28 -9.36 -19.83
C LYS H 125 8.63 -9.05 -19.19
N GLY I 3 -24.66 -9.60 -8.84
CA GLY I 3 -23.97 -8.33 -8.76
C GLY I 3 -22.96 -8.10 -9.86
N LYS I 4 -22.73 -6.83 -10.17
CA LYS I 4 -21.71 -6.46 -11.13
C LYS I 4 -20.33 -6.61 -10.48
N THR I 5 -19.40 -7.23 -11.21
CA THR I 5 -18.10 -7.55 -10.62
C THR I 5 -17.09 -7.72 -11.76
N LEU I 6 -16.01 -8.44 -11.48
CA LEU I 6 -14.93 -8.63 -12.43
C LEU I 6 -14.60 -10.11 -12.56
N ARG I 7 -14.18 -10.50 -13.76
CA ARG I 7 -13.50 -11.78 -13.94
C ARG I 7 -12.09 -11.51 -14.43
N PHE I 8 -11.17 -12.42 -14.10
CA PHE I 8 -9.83 -12.39 -14.67
C PHE I 8 -9.66 -13.55 -15.64
N GLU I 9 -8.75 -13.36 -16.58
CA GLU I 9 -8.30 -14.48 -17.43
C GLU I 9 -6.80 -14.41 -17.63
N ILE I 10 -6.12 -15.52 -17.37
CA ILE I 10 -4.66 -15.64 -17.48
C ILE I 10 -4.36 -16.74 -18.49
N VAL I 11 -3.36 -16.52 -19.34
CA VAL I 11 -2.91 -17.55 -20.29
C VAL I 11 -1.46 -17.85 -19.96
N SER I 12 -1.16 -19.11 -19.68
CA SER I 12 0.20 -19.50 -19.33
C SER I 12 0.64 -20.70 -20.16
N GLY I 13 1.90 -20.70 -20.57
CA GLY I 13 2.51 -21.91 -21.07
C GLY I 13 2.70 -22.92 -19.96
N VAL I 14 3.07 -24.13 -20.33
CA VAL I 14 3.23 -25.23 -19.38
C VAL I 14 4.70 -25.64 -19.20
N ASN I 15 5.61 -25.07 -19.98
CA ASN I 15 7.06 -25.29 -19.84
C ASN I 15 7.41 -26.77 -19.74
N LYS I 16 7.11 -27.50 -20.82
CA LYS I 16 7.50 -28.91 -20.92
C LYS I 16 9.00 -29.10 -20.74
N GLY I 17 9.80 -28.10 -21.12
CA GLY I 17 11.24 -28.19 -20.98
C GLY I 17 11.70 -28.17 -19.53
N TYR I 18 10.85 -27.72 -18.62
CA TYR I 18 11.20 -27.63 -17.21
C TYR I 18 10.50 -28.66 -16.36
N PHE I 19 9.20 -28.88 -16.59
CA PHE I 19 8.41 -29.83 -15.81
C PHE I 19 8.24 -31.18 -16.48
N HIS I 20 8.42 -31.26 -17.80
CA HIS I 20 8.45 -32.53 -18.52
C HIS I 20 7.14 -33.29 -18.43
N THR I 21 6.01 -32.58 -18.42
CA THR I 21 4.73 -33.25 -18.64
C THR I 21 4.60 -33.67 -20.10
N ASN I 22 3.84 -34.73 -20.34
CA ASN I 22 3.72 -35.23 -21.71
C ASN I 22 2.28 -35.63 -22.02
N SER I 23 1.33 -34.86 -21.48
CA SER I 23 -0.07 -34.97 -21.88
C SER I 23 -0.77 -33.71 -21.41
N GLN I 24 -1.89 -33.37 -22.07
CA GLN I 24 -2.59 -32.15 -21.70
C GLN I 24 -3.31 -32.30 -20.37
N SER I 25 -3.73 -33.53 -20.04
CA SER I 25 -4.33 -33.75 -18.73
C SER I 25 -3.30 -33.59 -17.62
N GLU I 26 -2.04 -33.98 -17.88
CA GLU I 26 -1.01 -33.84 -16.87
C GLU I 26 -0.56 -32.40 -16.71
N SER I 27 -0.53 -31.62 -17.80
CA SER I 27 -0.15 -30.22 -17.63
C SER I 27 -1.27 -29.41 -16.96
N LEU I 28 -2.53 -29.81 -17.15
CA LEU I 28 -3.62 -29.19 -16.38
C LEU I 28 -3.42 -29.38 -14.89
N ASP I 29 -3.06 -30.60 -14.48
CA ASP I 29 -2.85 -30.87 -13.07
C ASP I 29 -1.62 -30.16 -12.52
N LEU I 30 -0.58 -30.01 -13.35
CA LEU I 30 0.59 -29.24 -12.95
C LEU I 30 0.22 -27.80 -12.64
N VAL I 31 -0.48 -27.15 -13.57
CA VAL I 31 -0.85 -25.75 -13.34
C VAL I 31 -1.90 -25.64 -12.25
N GLY I 32 -2.82 -26.61 -12.18
CA GLY I 32 -3.83 -26.59 -11.12
C GLY I 32 -3.21 -26.74 -9.74
N GLY I 33 -2.24 -27.64 -9.61
CA GLY I 33 -1.57 -27.79 -8.32
C GLY I 33 -0.78 -26.56 -7.92
N ILE I 34 -0.10 -25.93 -8.89
CA ILE I 34 0.63 -24.71 -8.58
C ILE I 34 -0.32 -23.58 -8.20
N TRP I 35 -1.43 -23.42 -8.94
CA TRP I 35 -2.40 -22.39 -8.59
C TRP I 35 -2.96 -22.64 -7.20
N GLN I 36 -3.35 -23.88 -6.92
CA GLN I 36 -3.88 -24.24 -5.61
C GLN I 36 -2.94 -23.81 -4.50
N LYS I 37 -1.63 -24.01 -4.70
CA LYS I 37 -0.67 -23.67 -3.66
C LYS I 37 -0.48 -22.17 -3.52
N ILE I 38 -0.37 -21.43 -4.64
CA ILE I 38 -0.16 -20.01 -4.47
C ILE I 38 -1.44 -19.31 -4.01
N ALA I 39 -2.61 -19.83 -4.39
CA ALA I 39 -3.85 -19.22 -3.92
C ALA I 39 -4.02 -19.42 -2.42
N LYS I 40 -3.68 -20.61 -1.91
CA LYS I 40 -3.70 -20.86 -0.48
C LYS I 40 -2.70 -19.97 0.25
N GLU I 41 -1.50 -19.81 -0.32
CA GLU I 41 -0.47 -19.01 0.33
C GLU I 41 -0.91 -17.54 0.45
N GLU I 42 -1.54 -17.01 -0.59
CA GLU I 42 -1.98 -15.61 -0.56
C GLU I 42 -3.18 -15.45 0.36
N PHE I 43 -4.07 -16.44 0.38
CA PHE I 43 -5.23 -16.41 1.27
C PHE I 43 -4.83 -16.26 2.73
N GLU I 44 -3.75 -16.93 3.14
CA GLU I 44 -3.27 -16.78 4.52
C GLU I 44 -2.83 -15.36 4.81
N LYS I 45 -2.32 -14.67 3.81
CA LYS I 45 -1.78 -13.33 4.10
C LYS I 45 -2.84 -12.25 3.97
N SER I 46 -3.74 -12.36 3.00
CA SER I 46 -4.68 -11.28 2.69
C SER I 46 -6.12 -11.61 3.01
N ASN I 47 -6.43 -12.86 3.34
CA ASN I 47 -7.81 -13.35 3.51
C ASN I 47 -8.61 -13.29 2.22
N ILE I 48 -7.93 -13.21 1.07
CA ILE I 48 -8.60 -13.25 -0.24
C ILE I 48 -8.17 -14.54 -0.93
N TYR I 49 -9.12 -15.44 -1.14
CA TYR I 49 -8.87 -16.67 -1.89
C TYR I 49 -9.36 -16.49 -3.32
N VAL I 50 -8.46 -16.70 -4.28
CA VAL I 50 -8.77 -16.57 -5.70
C VAL I 50 -8.85 -17.98 -6.30
N SER I 51 -10.06 -18.49 -6.48
CA SER I 51 -10.22 -19.77 -7.15
C SER I 51 -10.11 -19.58 -8.67
N ALA I 52 -9.86 -20.66 -9.38
CA ALA I 52 -9.59 -20.54 -10.82
C ALA I 52 -10.21 -21.71 -11.56
N VAL I 53 -10.89 -21.41 -12.65
CA VAL I 53 -11.29 -22.44 -13.60
C VAL I 53 -10.21 -22.51 -14.66
N ILE I 54 -9.67 -23.71 -14.88
CA ILE I 54 -8.51 -23.88 -15.75
C ILE I 54 -8.91 -24.77 -16.92
N LYS I 55 -8.53 -24.36 -18.13
CA LYS I 55 -8.91 -25.02 -19.36
C LYS I 55 -7.67 -25.40 -20.15
N PRO I 56 -7.64 -26.59 -20.72
CA PRO I 56 -6.55 -26.95 -21.63
C PRO I 56 -6.68 -26.16 -22.93
N SER I 57 -5.56 -25.88 -23.56
CA SER I 57 -5.59 -25.04 -24.75
C SER I 57 -4.27 -25.19 -25.52
N LYS I 58 -4.27 -24.62 -26.73
CA LYS I 58 -3.05 -24.40 -27.47
C LYS I 58 -3.05 -22.96 -27.94
N THR I 59 -1.88 -22.33 -27.88
CA THR I 59 -1.79 -20.93 -28.28
C THR I 59 -0.99 -20.84 -29.56
N VAL I 60 -1.61 -20.29 -30.60
CA VAL I 60 -1.03 -20.27 -31.95
C VAL I 60 -0.42 -18.91 -32.21
N TYR I 61 0.89 -18.86 -32.48
CA TYR I 61 1.53 -17.63 -32.96
C TYR I 61 2.58 -18.05 -33.99
N ASN I 62 3.38 -17.07 -34.45
CA ASN I 62 4.25 -17.31 -35.61
C ASN I 62 5.39 -18.24 -35.22
N GLN I 63 5.61 -19.27 -36.04
CA GLN I 63 6.74 -20.16 -35.80
C GLN I 63 8.06 -19.40 -35.81
N GLU I 64 8.13 -18.33 -36.61
CA GLU I 64 9.33 -17.48 -36.62
C GLU I 64 9.67 -16.96 -35.24
N TRP I 65 8.67 -16.77 -34.38
CA TRP I 65 8.86 -16.19 -33.06
C TRP I 65 8.97 -17.24 -31.96
N GLY I 66 9.02 -18.52 -32.32
CA GLY I 66 9.21 -19.59 -31.38
C GLY I 66 8.04 -20.54 -31.23
N CYS I 67 6.93 -20.32 -31.91
CA CYS I 67 5.77 -21.17 -31.70
C CYS I 67 5.97 -22.54 -32.33
N PRO I 68 5.67 -23.62 -31.62
CA PRO I 68 5.67 -24.94 -32.25
C PRO I 68 4.64 -25.00 -33.38
N GLU I 69 4.84 -25.92 -34.31
CA GLU I 69 3.82 -26.21 -35.31
C GLU I 69 2.50 -26.57 -34.64
N ASN I 70 1.40 -25.96 -35.10
CA ASN I 70 0.03 -26.09 -34.62
C ASN I 70 -0.22 -25.44 -33.26
N GLY I 71 0.76 -24.78 -32.67
CA GLY I 71 0.54 -24.04 -31.45
C GLY I 71 1.30 -24.64 -30.27
N GLU I 72 1.42 -23.83 -29.22
CA GLU I 72 2.06 -24.19 -27.96
C GLU I 72 1.02 -24.66 -26.95
N GLU I 73 1.35 -25.73 -26.20
CA GLU I 73 0.45 -26.19 -25.16
C GLU I 73 0.37 -25.15 -24.05
N THR I 74 -0.85 -24.69 -23.74
CA THR I 74 -1.07 -23.64 -22.74
C THR I 74 -2.25 -24.03 -21.84
N VAL I 75 -2.42 -23.26 -20.76
CA VAL I 75 -3.56 -23.41 -19.85
C VAL I 75 -4.18 -22.03 -19.69
N VAL I 76 -5.51 -21.97 -19.73
CA VAL I 76 -6.23 -20.71 -19.53
C VAL I 76 -6.86 -20.76 -18.15
N LEU I 77 -6.57 -19.76 -17.33
CA LEU I 77 -7.11 -19.69 -15.97
C LEU I 77 -8.06 -18.51 -15.87
N THR I 78 -9.27 -18.76 -15.36
CA THR I 78 -10.26 -17.71 -15.24
C THR I 78 -10.90 -17.78 -13.87
N GLY I 79 -11.35 -16.63 -13.39
CA GLY I 79 -12.12 -16.66 -12.15
C GLY I 79 -12.86 -15.35 -11.99
N VAL I 80 -13.81 -15.37 -11.06
CA VAL I 80 -14.73 -14.25 -10.86
C VAL I 80 -14.70 -13.84 -9.40
N ALA I 81 -14.82 -12.53 -9.16
CA ALA I 81 -14.88 -12.01 -7.81
C ALA I 81 -16.31 -12.09 -7.31
N ASN I 82 -16.55 -12.93 -6.32
CA ASN I 82 -17.87 -13.18 -5.78
C ASN I 82 -18.05 -12.34 -4.51
N GLU I 83 -19.09 -11.49 -4.49
CA GLU I 83 -19.26 -10.59 -3.37
C GLU I 83 -19.56 -11.34 -2.07
N GLU I 84 -19.98 -12.60 -2.16
CA GLU I 84 -20.14 -13.41 -0.96
C GLU I 84 -18.79 -13.65 -0.28
N PHE I 85 -17.70 -13.65 -1.06
CA PHE I 85 -16.36 -13.91 -0.54
C PHE I 85 -15.44 -12.68 -0.58
N VAL I 86 -15.78 -11.67 -1.37
CA VAL I 86 -14.94 -10.50 -1.63
C VAL I 86 -15.75 -9.26 -1.31
N ASP I 87 -15.22 -8.38 -0.46
CA ASP I 87 -15.89 -7.11 -0.20
C ASP I 87 -15.17 -5.90 -0.78
N ASP I 88 -14.01 -6.09 -1.42
CA ASP I 88 -13.18 -4.99 -1.91
C ASP I 88 -12.62 -5.40 -3.29
N ILE I 89 -13.21 -4.86 -4.36
CA ILE I 89 -12.85 -5.30 -5.71
C ILE I 89 -11.43 -4.92 -6.06
N GLU I 90 -10.97 -3.75 -5.60
CA GLU I 90 -9.63 -3.32 -5.97
C GLU I 90 -8.58 -4.20 -5.33
N LYS I 91 -8.79 -4.57 -4.06
CA LYS I 91 -7.86 -5.48 -3.40
C LYS I 91 -7.92 -6.87 -4.01
N TRP I 92 -9.10 -7.31 -4.47
CA TRP I 92 -9.15 -8.57 -5.21
C TRP I 92 -8.36 -8.46 -6.51
N LYS I 93 -8.50 -7.35 -7.21
CA LYS I 93 -7.75 -7.13 -8.45
C LYS I 93 -6.25 -7.18 -8.21
N ASP I 94 -5.78 -6.46 -7.18
CA ASP I 94 -4.36 -6.49 -6.85
C ASP I 94 -3.91 -7.89 -6.44
N THR I 95 -4.79 -8.67 -5.79
CA THR I 95 -4.44 -10.03 -5.43
C THR I 95 -4.27 -10.91 -6.67
N VAL I 96 -5.17 -10.76 -7.66
CA VAL I 96 -5.05 -11.54 -8.86
C VAL I 96 -3.78 -11.20 -9.61
N ILE I 97 -3.44 -9.91 -9.70
CA ILE I 97 -2.20 -9.51 -10.35
C ILE I 97 -0.99 -10.12 -9.65
N LYS I 98 -0.99 -10.14 -8.31
CA LYS I 98 0.09 -10.77 -7.58
C LYS I 98 0.21 -12.24 -7.93
N LEU I 99 -0.92 -12.97 -7.95
CA LEU I 99 -0.89 -14.39 -8.26
C LEU I 99 -0.47 -14.62 -9.71
N ALA I 100 -0.87 -13.73 -10.63
CA ALA I 100 -0.46 -13.87 -12.02
C ALA I 100 1.04 -13.74 -12.16
N LYS I 101 1.63 -12.78 -11.46
CA LYS I 101 3.09 -12.62 -11.50
C LYS I 101 3.78 -13.81 -10.85
N GLU I 102 3.21 -14.32 -9.76
CA GLU I 102 3.78 -15.49 -9.13
C GLU I 102 3.68 -16.71 -10.04
N LEU I 103 2.52 -16.89 -10.70
CA LEU I 103 2.39 -17.99 -11.65
C LEU I 103 3.41 -17.85 -12.77
N LYS I 104 3.57 -16.63 -13.30
CA LYS I 104 4.56 -16.41 -14.35
C LYS I 104 5.95 -16.83 -13.88
N ASN I 105 6.27 -16.54 -12.63
CA ASN I 105 7.58 -16.88 -12.10
C ASN I 105 7.69 -18.40 -11.89
N GLN I 106 6.66 -19.01 -11.30
CA GLN I 106 6.77 -20.43 -10.98
C GLN I 106 6.70 -21.30 -12.24
N MET I 107 6.04 -20.84 -13.29
CA MET I 107 6.04 -21.55 -14.56
C MET I 107 7.22 -21.15 -15.44
N LYS I 108 8.07 -20.23 -14.97
CA LYS I 108 9.20 -19.71 -15.73
C LYS I 108 8.80 -19.36 -17.16
N GLN I 109 7.75 -18.55 -17.25
CA GLN I 109 7.30 -18.01 -18.52
C GLN I 109 7.99 -16.68 -18.78
N SER I 110 8.36 -16.46 -20.04
CA SER I 110 8.96 -15.18 -20.41
C SER I 110 7.92 -14.06 -20.44
N THR I 111 6.70 -14.37 -20.88
CA THR I 111 5.61 -13.42 -20.90
C THR I 111 4.34 -14.09 -20.39
N LEU I 112 3.39 -13.26 -19.95
CA LEU I 112 2.10 -13.77 -19.49
C LEU I 112 1.07 -12.65 -19.57
N THR I 113 -0.14 -12.99 -20.02
CA THR I 113 -1.24 -12.02 -20.06
C THR I 113 -2.20 -12.29 -18.91
N CYS I 114 -2.72 -11.20 -18.34
CA CYS I 114 -3.73 -11.27 -17.30
C CYS I 114 -4.77 -10.19 -17.60
N GLU I 115 -6.00 -10.61 -17.88
CA GLU I 115 -7.06 -9.71 -18.31
C GLU I 115 -8.13 -9.60 -17.24
N PHE I 116 -8.76 -8.43 -17.19
CA PHE I 116 -9.94 -8.24 -16.35
C PHE I 116 -11.11 -7.83 -17.25
N ILE I 117 -12.25 -8.47 -17.05
CA ILE I 117 -13.44 -8.28 -17.87
C ILE I 117 -14.62 -8.03 -16.95
N GLU I 118 -15.40 -6.99 -17.24
CA GLU I 118 -16.57 -6.69 -16.42
C GLU I 118 -17.67 -7.72 -16.66
N THR I 119 -18.33 -8.14 -15.58
CA THR I 119 -19.27 -9.24 -15.67
C THR I 119 -20.34 -9.09 -14.61
N GLU I 120 -21.48 -9.74 -14.85
CA GLU I 120 -22.59 -9.72 -13.90
C GLU I 120 -22.77 -11.15 -13.38
N LEU I 121 -22.45 -11.36 -12.11
CA LEU I 121 -22.43 -12.71 -11.54
C LEU I 121 -23.75 -13.02 -10.85
N HIS I 122 -24.36 -14.13 -11.22
CA HIS I 122 -25.46 -14.70 -10.47
C HIS I 122 -24.93 -15.95 -9.80
N TYR I 123 -25.01 -15.99 -8.47
CA TYR I 123 -24.45 -17.07 -7.67
C TYR I 123 -25.60 -17.81 -7.01
N PHE I 124 -25.73 -19.10 -7.31
CA PHE I 124 -26.83 -19.91 -6.80
C PHE I 124 -26.29 -20.88 -5.76
N LYS I 125 -26.92 -20.89 -4.58
CA LYS I 125 -26.42 -21.68 -3.46
C LYS I 125 -27.53 -22.33 -2.65
N SER J 1 -6.88 10.76 -27.82
CA SER J 1 -8.13 11.39 -28.23
C SER J 1 -9.33 10.71 -27.58
N MET J 2 -9.37 9.36 -27.59
CA MET J 2 -10.48 8.61 -27.01
C MET J 2 -9.96 7.50 -26.11
N GLY J 3 -10.83 7.07 -25.18
CA GLY J 3 -10.51 6.02 -24.21
C GLY J 3 -11.59 5.77 -23.16
N LYS J 4 -11.68 4.53 -22.70
CA LYS J 4 -12.56 4.18 -21.60
C LYS J 4 -12.01 4.71 -20.27
N THR J 5 -12.89 5.28 -19.46
CA THR J 5 -12.43 5.95 -18.23
C THR J 5 -13.63 6.10 -17.29
N LEU J 6 -13.49 6.97 -16.31
CA LEU J 6 -14.53 7.20 -15.31
C LEU J 6 -14.87 8.68 -15.24
N ARG J 7 -16.14 8.96 -14.94
CA ARG J 7 -16.51 10.28 -14.49
C ARG J 7 -17.05 10.18 -13.06
N PHE J 8 -16.99 11.30 -12.34
CA PHE J 8 -17.60 11.36 -11.03
C PHE J 8 -18.77 12.33 -11.06
N GLU J 9 -19.69 12.13 -10.13
CA GLU J 9 -20.75 13.09 -9.87
C GLU J 9 -20.99 13.21 -8.38
N ILE J 10 -20.96 14.43 -7.88
CA ILE J 10 -21.16 14.74 -6.47
C ILE J 10 -22.36 15.69 -6.37
N VAL J 11 -23.24 15.46 -5.39
CA VAL J 11 -24.36 16.34 -5.13
C VAL J 11 -24.16 16.91 -3.74
N SER J 12 -24.13 18.24 -3.63
CA SER J 12 -23.87 18.91 -2.36
C SER J 12 -24.96 19.94 -2.08
N GLY J 13 -25.33 20.01 -0.81
CA GLY J 13 -26.19 21.13 -0.41
C GLY J 13 -25.35 22.40 -0.28
N VAL J 14 -25.99 23.55 -0.05
CA VAL J 14 -25.26 24.86 -0.03
C VAL J 14 -25.34 25.52 1.35
N ASN J 15 -26.09 24.95 2.29
CA ASN J 15 -26.14 25.43 3.71
C ASN J 15 -26.45 26.91 3.95
N LYS J 16 -27.57 27.37 3.41
CA LYS J 16 -27.90 28.83 3.49
C LYS J 16 -27.92 29.24 4.97
N GLY J 17 -28.30 28.33 5.85
CA GLY J 17 -28.29 28.66 7.26
C GLY J 17 -26.92 29.03 7.79
N TYR J 18 -25.86 28.58 7.11
CA TYR J 18 -24.49 28.88 7.51
C TYR J 18 -23.83 29.94 6.65
N PHE J 19 -23.98 29.87 5.32
CA PHE J 19 -23.27 30.78 4.42
C PHE J 19 -24.08 32.00 4.03
N HIS J 20 -25.40 31.94 4.18
CA HIS J 20 -26.28 33.10 3.97
C HIS J 20 -26.29 33.57 2.52
N THR J 21 -26.17 32.64 1.57
CA THR J 21 -26.32 33.02 0.16
C THR J 21 -27.79 33.15 -0.20
N ASN J 22 -28.07 34.01 -1.18
CA ASN J 22 -29.45 34.35 -1.52
C ASN J 22 -29.69 34.34 -3.03
N SER J 23 -28.93 33.54 -3.77
CA SER J 23 -29.18 33.33 -5.19
C SER J 23 -28.44 32.08 -5.63
N GLN J 24 -28.96 31.44 -6.67
CA GLN J 24 -28.29 30.26 -7.20
C GLN J 24 -26.91 30.62 -7.75
N SER J 25 -26.79 31.80 -8.36
CA SER J 25 -25.48 32.26 -8.83
C SER J 25 -24.49 32.36 -7.67
N GLU J 26 -24.95 32.85 -6.52
CA GLU J 26 -24.06 33.01 -5.38
C GLU J 26 -23.68 31.65 -4.79
N SER J 27 -24.63 30.72 -4.68
CA SER J 27 -24.27 29.43 -4.13
C SER J 27 -23.40 28.63 -5.11
N LEU J 28 -23.58 28.84 -6.42
CA LEU J 28 -22.68 28.24 -7.40
C LEU J 28 -21.26 28.72 -7.19
N ASP J 29 -21.08 30.03 -7.04
CA ASP J 29 -19.75 30.58 -6.87
C ASP J 29 -19.12 30.16 -5.55
N LEU J 30 -19.93 29.98 -4.52
CA LEU J 30 -19.41 29.51 -3.24
C LEU J 30 -18.84 28.11 -3.37
N VAL J 31 -19.61 27.18 -3.93
CA VAL J 31 -19.14 25.81 -4.09
C VAL J 31 -17.97 25.77 -5.06
N GLY J 32 -18.07 26.52 -6.18
CA GLY J 32 -16.98 26.52 -7.14
C GLY J 32 -15.68 27.02 -6.54
N GLY J 33 -15.75 28.06 -5.71
CA GLY J 33 -14.55 28.58 -5.07
C GLY J 33 -13.94 27.60 -4.08
N ILE J 34 -14.79 26.89 -3.33
CA ILE J 34 -14.27 25.91 -2.38
C ILE J 34 -13.62 24.75 -3.13
N TRP J 35 -14.29 24.25 -4.17
CA TRP J 35 -13.71 23.17 -4.96
C TRP J 35 -12.37 23.59 -5.58
N GLN J 36 -12.32 24.81 -6.14
CA GLN J 36 -11.07 25.30 -6.72
C GLN J 36 -9.94 25.25 -5.70
N LYS J 37 -10.24 25.64 -4.46
CA LYS J 37 -9.21 25.65 -3.43
C LYS J 37 -8.76 24.23 -3.05
N ILE J 38 -9.72 23.34 -2.76
CA ILE J 38 -9.31 22.01 -2.34
C ILE J 38 -8.68 21.24 -3.49
N ALA J 39 -9.11 21.49 -4.73
CA ALA J 39 -8.50 20.79 -5.86
C ALA J 39 -7.06 21.23 -6.06
N LYS J 40 -6.81 22.54 -5.96
CA LYS J 40 -5.43 23.02 -6.04
C LYS J 40 -4.58 22.41 -4.93
N GLU J 41 -5.09 22.43 -3.68
CA GLU J 41 -4.34 21.90 -2.55
C GLU J 41 -3.96 20.45 -2.76
N GLU J 42 -4.88 19.65 -3.32
CA GLU J 42 -4.59 18.23 -3.52
C GLU J 42 -3.61 18.02 -4.67
N PHE J 43 -3.75 18.79 -5.76
CA PHE J 43 -2.85 18.67 -6.89
C PHE J 43 -1.41 18.91 -6.46
N GLU J 44 -1.21 19.86 -5.56
CA GLU J 44 0.15 20.14 -5.09
C GLU J 44 0.76 18.99 -4.32
N LYS J 45 -0.08 18.09 -3.77
CA LYS J 45 0.41 16.94 -3.01
C LYS J 45 0.58 15.70 -3.87
N SER J 46 -0.40 15.41 -4.73
CA SER J 46 -0.44 14.16 -5.46
C SER J 46 -0.20 14.30 -6.96
N ASN J 47 -0.11 15.52 -7.48
CA ASN J 47 -0.02 15.79 -8.91
C ASN J 47 -1.27 15.36 -9.68
N ILE J 48 -2.39 15.19 -8.99
CA ILE J 48 -3.67 14.88 -9.62
C ILE J 48 -4.59 16.08 -9.41
N TYR J 49 -4.92 16.78 -10.48
CA TYR J 49 -5.85 17.89 -10.42
C TYR J 49 -7.22 17.42 -10.89
N VAL J 50 -8.23 17.57 -10.05
CA VAL J 50 -9.61 17.19 -10.40
C VAL J 50 -10.39 18.46 -10.67
N SER J 51 -10.56 18.82 -11.95
CA SER J 51 -11.46 19.91 -12.30
C SER J 51 -12.90 19.44 -12.16
N ALA J 52 -13.84 20.39 -12.12
CA ALA J 52 -15.23 20.03 -11.94
C ALA J 52 -16.12 20.96 -12.77
N VAL J 53 -17.14 20.36 -13.38
CA VAL J 53 -18.24 21.13 -13.95
C VAL J 53 -19.33 21.18 -12.91
N ILE J 54 -19.81 22.38 -12.61
CA ILE J 54 -20.75 22.58 -11.51
C ILE J 54 -22.06 23.12 -12.07
N LYS J 55 -23.16 22.51 -11.65
CA LYS J 55 -24.48 22.87 -12.17
C LYS J 55 -25.41 23.26 -11.03
N PRO J 56 -26.24 24.29 -11.22
CA PRO J 56 -27.27 24.59 -10.22
C PRO J 56 -28.36 23.55 -10.25
N SER J 57 -28.98 23.34 -9.10
CA SER J 57 -29.99 22.30 -8.99
C SER J 57 -30.82 22.51 -7.72
N LYS J 58 -31.91 21.75 -7.64
CA LYS J 58 -32.67 21.58 -6.41
C LYS J 58 -32.84 20.09 -6.20
N THR J 59 -32.74 19.65 -4.95
CA THR J 59 -32.92 18.25 -4.64
C THR J 59 -34.21 18.07 -3.85
N VAL J 60 -35.06 17.18 -4.33
CA VAL J 60 -36.40 17.00 -3.82
C VAL J 60 -36.41 15.72 -2.98
N TYR J 61 -36.71 15.85 -1.70
CA TYR J 61 -36.93 14.69 -0.84
C TYR J 61 -38.07 15.03 0.11
N ASN J 62 -38.29 14.18 1.11
CA ASN J 62 -39.48 14.31 1.94
C ASN J 62 -39.36 15.51 2.87
N GLN J 63 -40.41 16.33 2.92
CA GLN J 63 -40.40 17.48 3.82
C GLN J 63 -40.30 17.05 5.28
N GLU J 64 -40.79 15.85 5.59
CA GLU J 64 -40.71 15.32 6.95
C GLU J 64 -39.27 15.04 7.36
N TRP J 65 -38.36 14.94 6.39
CA TRP J 65 -36.93 14.73 6.64
C TRP J 65 -36.15 16.04 6.55
N GLY J 66 -36.82 17.17 6.42
CA GLY J 66 -36.16 18.47 6.42
C GLY J 66 -36.12 19.18 5.09
N CYS J 67 -36.62 18.57 4.02
CA CYS J 67 -36.58 19.24 2.73
C CYS J 67 -37.57 20.40 2.71
N PRO J 68 -37.16 21.56 2.19
CA PRO J 68 -38.13 22.63 1.90
C PRO J 68 -39.15 22.16 0.87
N GLU J 69 -40.33 22.77 0.93
CA GLU J 69 -41.30 22.58 -0.14
C GLU J 69 -40.65 22.87 -1.49
N ASN J 70 -40.85 21.98 -2.45
CA ASN J 70 -40.34 22.05 -3.81
C ASN J 70 -38.85 21.78 -3.92
N GLY J 71 -38.16 21.48 -2.82
CA GLY J 71 -36.79 21.01 -2.93
C GLY J 71 -35.74 21.93 -2.32
N GLU J 72 -34.57 21.38 -2.03
CA GLU J 72 -33.48 22.09 -1.39
C GLU J 72 -32.43 22.51 -2.40
N GLU J 73 -31.94 23.74 -2.28
CA GLU J 73 -30.92 24.22 -3.22
C GLU J 73 -29.66 23.37 -3.10
N THR J 74 -29.18 22.87 -4.23
CA THR J 74 -27.99 22.02 -4.27
C THR J 74 -27.12 22.40 -5.46
N VAL J 75 -25.90 21.85 -5.47
CA VAL J 75 -24.99 21.98 -6.62
C VAL J 75 -24.55 20.57 -7.00
N VAL J 76 -24.52 20.30 -8.31
CA VAL J 76 -24.00 19.03 -8.84
C VAL J 76 -22.62 19.28 -9.43
N LEU J 77 -21.62 18.53 -8.97
CA LEU J 77 -20.27 18.63 -9.50
C LEU J 77 -19.92 17.36 -10.26
N THR J 78 -19.44 17.51 -11.49
CA THR J 78 -19.01 16.36 -12.29
C THR J 78 -17.63 16.61 -12.88
N GLY J 79 -16.98 15.51 -13.22
CA GLY J 79 -15.68 15.59 -13.85
C GLY J 79 -15.29 14.24 -14.37
N VAL J 80 -14.30 14.22 -15.26
CA VAL J 80 -13.92 12.99 -15.92
C VAL J 80 -12.40 12.85 -15.87
N ALA J 81 -11.94 11.61 -15.75
CA ALA J 81 -10.51 11.33 -15.68
C ALA J 81 -9.97 11.28 -17.10
N ASN J 82 -9.14 12.25 -17.45
CA ASN J 82 -8.58 12.38 -18.78
C ASN J 82 -7.18 11.78 -18.79
N GLU J 83 -6.98 10.75 -19.63
CA GLU J 83 -5.69 10.07 -19.66
C GLU J 83 -4.53 10.98 -20.07
N GLU J 84 -4.82 12.14 -20.66
CA GLU J 84 -3.77 13.11 -20.94
C GLU J 84 -3.14 13.64 -19.65
N PHE J 85 -3.92 13.63 -18.56
CA PHE J 85 -3.49 14.17 -17.27
C PHE J 85 -3.38 13.11 -16.18
N VAL J 86 -4.02 11.95 -16.36
CA VAL J 86 -4.21 10.93 -15.33
C VAL J 86 -3.65 9.63 -15.88
N ASP J 87 -2.71 9.02 -15.16
CA ASP J 87 -2.14 7.74 -15.59
C ASP J 87 -2.60 6.56 -14.76
N ASP J 88 -3.32 6.79 -13.67
CA ASP J 88 -3.65 5.77 -12.67
C ASP J 88 -5.08 6.03 -12.24
N ILE J 89 -6.03 5.28 -12.82
CA ILE J 89 -7.44 5.55 -12.54
C ILE J 89 -7.77 5.31 -11.07
N GLU J 90 -7.08 4.38 -10.41
CA GLU J 90 -7.41 4.10 -9.01
C GLU J 90 -6.97 5.25 -8.12
N LYS J 91 -5.80 5.83 -8.38
CA LYS J 91 -5.38 6.99 -7.59
C LYS J 91 -6.30 8.18 -7.85
N TRP J 92 -6.77 8.33 -9.09
CA TRP J 92 -7.72 9.38 -9.40
C TRP J 92 -9.01 9.22 -8.60
N LYS J 93 -9.57 8.01 -8.58
CA LYS J 93 -10.76 7.74 -7.77
C LYS J 93 -10.53 8.10 -6.31
N ASP J 94 -9.42 7.62 -5.73
CA ASP J 94 -9.12 7.92 -4.33
C ASP J 94 -9.05 9.41 -4.11
N THR J 95 -8.53 10.14 -5.11
CA THR J 95 -8.43 11.59 -5.00
C THR J 95 -9.81 12.24 -5.00
N VAL J 96 -10.69 11.81 -5.92
CA VAL J 96 -12.05 12.34 -5.97
C VAL J 96 -12.78 12.11 -4.65
N ILE J 97 -12.66 10.89 -4.11
CA ILE J 97 -13.30 10.57 -2.84
C ILE J 97 -12.74 11.46 -1.73
N LYS J 98 -11.43 11.64 -1.71
CA LYS J 98 -10.81 12.53 -0.75
C LYS J 98 -11.39 13.93 -0.87
N LEU J 99 -11.54 14.43 -2.10
CA LEU J 99 -12.07 15.77 -2.29
C LEU J 99 -13.55 15.85 -1.94
N ALA J 100 -14.32 14.79 -2.24
CA ALA J 100 -15.73 14.81 -1.89
C ALA J 100 -15.92 14.89 -0.39
N LYS J 101 -15.13 14.14 0.37
CA LYS J 101 -15.21 14.20 1.82
C LYS J 101 -14.84 15.58 2.35
N GLU J 102 -13.80 16.21 1.78
CA GLU J 102 -13.45 17.57 2.17
C GLU J 102 -14.56 18.56 1.80
N LEU J 103 -15.18 18.38 0.63
CA LEU J 103 -16.26 19.29 0.28
C LEU J 103 -17.43 19.14 1.24
N LYS J 104 -17.78 17.91 1.61
CA LYS J 104 -18.82 17.67 2.60
C LYS J 104 -18.53 18.39 3.90
N ASN J 105 -17.28 18.33 4.35
CA ASN J 105 -16.90 18.99 5.60
C ASN J 105 -16.99 20.51 5.47
N GLN J 106 -16.46 21.06 4.38
CA GLN J 106 -16.41 22.52 4.26
C GLN J 106 -17.79 23.11 4.00
N MET J 107 -18.68 22.40 3.32
CA MET J 107 -20.05 22.85 3.15
C MET J 107 -20.94 22.50 4.33
N LYS J 108 -20.37 21.84 5.37
CA LYS J 108 -21.10 21.50 6.59
C LYS J 108 -22.31 20.62 6.30
N GLN J 109 -22.12 19.61 5.46
CA GLN J 109 -23.20 18.73 5.04
C GLN J 109 -23.23 17.47 5.90
N SER J 110 -24.44 17.07 6.30
N SER J 110 -24.43 17.06 6.30
CA SER J 110 -24.57 15.84 7.08
CA SER J 110 -24.51 15.83 7.09
C SER J 110 -24.38 14.61 6.22
C SER J 110 -24.38 14.59 6.22
N THR J 111 -24.82 14.66 4.96
CA THR J 111 -24.64 13.56 4.02
C THR J 111 -24.20 14.12 2.68
N LEU J 112 -23.56 13.26 1.88
CA LEU J 112 -23.16 13.64 0.54
C LEU J 112 -23.01 12.37 -0.29
N THR J 113 -23.40 12.44 -1.56
CA THR J 113 -23.23 11.33 -2.50
C THR J 113 -22.09 11.64 -3.45
N CYS J 114 -21.32 10.60 -3.78
CA CYS J 114 -20.25 10.69 -4.76
C CYS J 114 -20.32 9.42 -5.60
N GLU J 115 -20.57 9.58 -6.89
CA GLU J 115 -20.79 8.46 -7.80
C GLU J 115 -19.68 8.39 -8.83
N PHE J 116 -19.37 7.18 -9.27
CA PHE J 116 -18.50 6.97 -10.42
C PHE J 116 -19.25 6.21 -11.50
N ILE J 117 -19.15 6.71 -12.72
CA ILE J 117 -19.86 6.16 -13.87
C ILE J 117 -18.83 5.92 -14.97
N GLU J 118 -18.89 4.75 -15.59
CA GLU J 118 -18.01 4.44 -16.70
C GLU J 118 -18.41 5.24 -17.93
N THR J 119 -17.41 5.73 -18.65
CA THR J 119 -17.62 6.68 -19.74
C THR J 119 -16.50 6.51 -20.76
N GLU J 120 -16.81 6.82 -22.03
CA GLU J 120 -15.81 6.79 -23.08
C GLU J 120 -15.53 8.23 -23.48
N LEU J 121 -14.35 8.72 -23.14
CA LEU J 121 -13.99 10.12 -23.29
C LEU J 121 -13.31 10.35 -24.64
N HIS J 122 -13.87 11.27 -25.42
CA HIS J 122 -13.22 11.79 -26.61
C HIS J 122 -12.79 13.22 -26.29
N TYR J 123 -11.49 13.47 -26.35
CA TYR J 123 -10.90 14.75 -25.98
C TYR J 123 -10.35 15.42 -27.23
N PHE J 124 -10.90 16.57 -27.59
CA PHE J 124 -10.48 17.30 -28.78
C PHE J 124 -9.66 18.51 -28.37
N LYS J 125 -8.44 18.60 -28.88
CA LYS J 125 -7.57 19.73 -28.57
C LYS J 125 -6.83 20.22 -29.81
N GLY K 3 -34.32 -1.11 -23.54
CA GLY K 3 -33.55 -0.68 -24.70
C GLY K 3 -32.17 -0.12 -24.38
N LYS K 4 -31.17 -1.01 -24.37
CA LYS K 4 -29.78 -0.63 -24.11
C LYS K 4 -29.22 0.21 -25.24
N THR K 5 -28.65 1.37 -24.92
CA THR K 5 -28.25 2.32 -25.96
C THR K 5 -27.13 3.21 -25.41
N LEU K 6 -26.86 4.33 -26.07
CA LEU K 6 -25.82 5.26 -25.68
C LEU K 6 -26.41 6.65 -25.44
N ARG K 7 -25.81 7.35 -24.49
CA ARG K 7 -26.01 8.78 -24.35
C ARG K 7 -24.67 9.47 -24.53
N PHE K 8 -24.72 10.75 -24.89
CA PHE K 8 -23.51 11.55 -25.01
C PHE K 8 -23.56 12.70 -24.02
N GLU K 9 -22.39 13.21 -23.67
CA GLU K 9 -22.29 14.45 -22.90
C GLU K 9 -21.13 15.26 -23.45
N ILE K 10 -21.41 16.52 -23.77
CA ILE K 10 -20.43 17.45 -24.32
C ILE K 10 -20.35 18.64 -23.36
N VAL K 11 -19.14 19.13 -23.10
CA VAL K 11 -18.97 20.34 -22.29
C VAL K 11 -18.24 21.38 -23.11
N SER K 12 -18.84 22.56 -23.23
CA SER K 12 -18.25 23.64 -24.02
C SER K 12 -18.29 24.94 -23.25
N GLY K 13 -17.27 25.77 -23.48
CA GLY K 13 -17.35 27.16 -23.07
C GLY K 13 -18.34 27.90 -23.94
N VAL K 14 -18.63 29.15 -23.54
CA VAL K 14 -19.59 29.97 -24.26
C VAL K 14 -18.95 31.15 -24.98
N ASN K 15 -17.66 31.38 -24.78
CA ASN K 15 -16.88 32.38 -25.53
C ASN K 15 -17.57 33.75 -25.57
N LYS K 16 -17.79 34.30 -24.38
CA LYS K 16 -18.35 35.65 -24.25
C LYS K 16 -17.51 36.66 -25.02
N GLY K 17 -16.20 36.45 -25.11
CA GLY K 17 -15.34 37.40 -25.81
C GLY K 17 -15.57 37.45 -27.30
N TYR K 18 -16.03 36.34 -27.90
CA TYR K 18 -16.29 36.28 -29.33
C TYR K 18 -17.74 36.64 -29.66
N PHE K 19 -18.70 36.16 -28.86
CA PHE K 19 -20.11 36.38 -29.12
C PHE K 19 -20.68 37.57 -28.36
N HIS K 20 -19.95 38.10 -27.38
CA HIS K 20 -20.31 39.33 -26.70
C HIS K 20 -21.65 39.21 -25.97
N THR K 21 -21.97 38.01 -25.50
CA THR K 21 -23.13 37.80 -24.65
C THR K 21 -22.80 38.24 -23.22
N ASN K 22 -23.84 38.38 -22.40
CA ASN K 22 -23.60 38.89 -21.05
C ASN K 22 -24.26 38.03 -19.97
N SER K 23 -25.42 37.46 -20.27
CA SER K 23 -26.17 36.68 -19.29
C SER K 23 -26.07 35.19 -19.58
N GLN K 24 -26.28 34.40 -18.53
CA GLN K 24 -26.27 32.94 -18.67
C GLN K 24 -27.35 32.48 -19.65
N SER K 25 -28.57 33.02 -19.51
CA SER K 25 -29.66 32.61 -20.39
C SER K 25 -29.36 32.94 -21.84
N GLU K 26 -28.63 34.02 -22.10
CA GLU K 26 -28.22 34.35 -23.46
C GLU K 26 -27.26 33.32 -24.01
N SER K 27 -26.28 32.89 -23.19
CA SER K 27 -25.33 31.88 -23.62
C SER K 27 -26.01 30.55 -23.88
N LEU K 28 -26.97 30.18 -23.03
CA LEU K 28 -27.82 29.02 -23.28
C LEU K 28 -28.48 29.11 -24.65
N ASP K 29 -29.15 30.23 -24.91
CA ASP K 29 -29.83 30.40 -26.19
C ASP K 29 -28.85 30.42 -27.35
N LEU K 30 -27.67 31.01 -27.14
CA LEU K 30 -26.66 31.05 -28.18
C LEU K 30 -26.20 29.64 -28.57
N VAL K 31 -25.85 28.84 -27.57
CA VAL K 31 -25.41 27.47 -27.86
C VAL K 31 -26.57 26.64 -28.40
N GLY K 32 -27.77 26.84 -27.85
CA GLY K 32 -28.93 26.13 -28.34
C GLY K 32 -29.21 26.39 -29.81
N GLY K 33 -29.08 27.66 -30.23
CA GLY K 33 -29.30 27.97 -31.63
C GLY K 33 -28.22 27.39 -32.53
N ILE K 34 -26.98 27.38 -32.06
CA ILE K 34 -25.90 26.81 -32.86
C ILE K 34 -26.09 25.30 -33.01
N TRP K 35 -26.42 24.63 -31.91
CA TRP K 35 -26.69 23.20 -31.99
C TRP K 35 -27.86 22.92 -32.92
N GLN K 36 -28.93 23.70 -32.80
CA GLN K 36 -30.09 23.54 -33.68
C GLN K 36 -29.67 23.61 -35.14
N LYS K 37 -28.84 24.60 -35.47
CA LYS K 37 -28.38 24.77 -36.85
C LYS K 37 -27.55 23.58 -37.31
N ILE K 38 -26.53 23.18 -36.53
CA ILE K 38 -25.65 22.14 -37.02
C ILE K 38 -26.33 20.77 -36.97
N ALA K 39 -27.25 20.55 -36.03
CA ALA K 39 -27.95 19.27 -36.01
C ALA K 39 -28.84 19.13 -37.24
N LYS K 40 -29.47 20.23 -37.66
CA LYS K 40 -30.31 20.17 -38.86
C LYS K 40 -29.50 19.92 -40.12
N GLU K 41 -28.37 20.60 -40.28
CA GLU K 41 -27.53 20.38 -41.46
C GLU K 41 -27.10 18.91 -41.55
N GLU K 42 -26.70 18.33 -40.43
CA GLU K 42 -26.28 16.94 -40.43
C GLU K 42 -27.45 15.99 -40.73
N PHE K 43 -28.62 16.28 -40.15
CA PHE K 43 -29.80 15.47 -40.41
C PHE K 43 -30.15 15.46 -41.90
N GLU K 44 -29.98 16.61 -42.55
CA GLU K 44 -30.32 16.66 -43.98
C GLU K 44 -29.42 15.75 -44.80
N LYS K 45 -28.20 15.50 -44.32
CA LYS K 45 -27.24 14.72 -45.07
C LYS K 45 -27.27 13.23 -44.71
N SER K 46 -27.47 12.89 -43.44
CA SER K 46 -27.38 11.53 -42.96
C SER K 46 -28.71 10.93 -42.51
N ASN K 47 -29.76 11.74 -42.40
CA ASN K 47 -31.06 11.32 -41.85
C ASN K 47 -30.99 10.96 -40.38
N ILE K 48 -29.93 11.38 -39.68
CA ILE K 48 -29.80 11.20 -38.24
C ILE K 48 -29.89 12.58 -37.60
N TYR K 49 -30.94 12.81 -36.80
CA TYR K 49 -31.09 14.04 -36.04
C TYR K 49 -30.66 13.79 -34.61
N VAL K 50 -29.72 14.60 -34.13
CA VAL K 50 -29.26 14.52 -32.74
C VAL K 50 -29.80 15.72 -31.97
N SER K 51 -30.78 15.47 -31.11
CA SER K 51 -31.26 16.52 -30.23
C SER K 51 -30.32 16.63 -29.04
N ALA K 52 -30.41 17.73 -28.32
CA ALA K 52 -29.55 17.91 -27.16
C ALA K 52 -30.31 18.59 -26.04
N VAL K 53 -30.14 18.06 -24.83
CA VAL K 53 -30.55 18.77 -23.63
C VAL K 53 -29.37 19.62 -23.19
N ILE K 54 -29.60 20.89 -22.91
CA ILE K 54 -28.52 21.82 -22.64
C ILE K 54 -28.70 22.40 -21.24
N LYS K 55 -27.66 22.30 -20.40
CA LYS K 55 -27.75 22.75 -19.02
C LYS K 55 -26.73 23.85 -18.77
N PRO K 56 -27.10 24.89 -18.02
CA PRO K 56 -26.11 25.90 -17.65
C PRO K 56 -25.16 25.34 -16.61
N SER K 57 -23.94 25.87 -16.59
CA SER K 57 -22.92 25.34 -15.69
C SER K 57 -21.78 26.34 -15.57
N LYS K 58 -20.89 26.05 -14.62
CA LYS K 58 -19.57 26.64 -14.61
C LYS K 58 -18.55 25.52 -14.52
N THR K 59 -17.37 25.74 -15.08
CA THR K 59 -16.32 24.75 -15.01
C THR K 59 -15.18 25.33 -14.21
N VAL K 60 -14.76 24.60 -13.17
CA VAL K 60 -13.74 25.02 -12.22
C VAL K 60 -12.44 24.32 -12.56
N TYR K 61 -11.38 25.11 -12.80
CA TYR K 61 -10.03 24.55 -12.90
C TYR K 61 -9.06 25.56 -12.31
N ASN K 62 -7.77 25.28 -12.42
CA ASN K 62 -6.78 26.05 -11.67
C ASN K 62 -6.67 27.48 -12.19
N GLN K 63 -6.77 28.46 -11.28
CA GLN K 63 -6.62 29.85 -11.69
C GLN K 63 -5.22 30.13 -12.23
N GLU K 64 -4.22 29.39 -11.76
CA GLU K 64 -2.88 29.54 -12.30
C GLU K 64 -2.82 29.17 -13.78
N TRP K 65 -3.82 28.45 -14.29
CA TRP K 65 -3.88 28.05 -15.69
C TRP K 65 -4.85 28.90 -16.51
N GLY K 66 -5.37 29.98 -15.94
CA GLY K 66 -6.25 30.88 -16.66
C GLY K 66 -7.72 30.79 -16.32
N CYS K 67 -8.12 29.95 -15.36
CA CYS K 67 -9.53 29.89 -14.99
C CYS K 67 -9.90 31.13 -14.20
N PRO K 68 -11.05 31.75 -14.47
CA PRO K 68 -11.54 32.80 -13.58
C PRO K 68 -11.81 32.24 -12.19
N GLU K 69 -11.77 33.12 -11.19
CA GLU K 69 -12.14 32.71 -9.84
C GLU K 69 -13.57 32.18 -9.83
N ASN K 70 -13.75 30.98 -9.25
CA ASN K 70 -14.99 30.23 -9.06
C ASN K 70 -15.44 29.53 -10.34
N GLY K 71 -14.83 29.78 -11.49
CA GLY K 71 -15.05 28.98 -12.68
C GLY K 71 -15.41 29.82 -13.89
N GLU K 72 -15.43 29.12 -15.02
CA GLU K 72 -15.74 29.68 -16.32
C GLU K 72 -17.17 29.31 -16.70
N GLU K 73 -17.90 30.24 -17.33
CA GLU K 73 -19.25 29.92 -17.75
C GLU K 73 -19.23 28.90 -18.88
N THR K 74 -19.98 27.81 -18.71
CA THR K 74 -19.98 26.71 -19.65
C THR K 74 -21.39 26.20 -19.85
N VAL K 75 -21.53 25.31 -20.83
CA VAL K 75 -22.79 24.65 -21.14
C VAL K 75 -22.53 23.15 -21.23
N VAL K 76 -23.46 22.35 -20.70
CA VAL K 76 -23.39 20.89 -20.77
C VAL K 76 -24.49 20.44 -21.71
N LEU K 77 -24.13 19.71 -22.77
CA LEU K 77 -25.08 19.21 -23.75
C LEU K 77 -25.14 17.69 -23.68
N THR K 78 -26.35 17.14 -23.56
CA THR K 78 -26.51 15.69 -23.46
C THR K 78 -27.60 15.23 -24.41
N GLY K 79 -27.51 13.96 -24.82
CA GLY K 79 -28.59 13.40 -25.60
C GLY K 79 -28.47 11.89 -25.62
N VAL K 80 -29.51 11.24 -26.14
CA VAL K 80 -29.57 9.79 -26.07
C VAL K 80 -30.05 9.24 -27.41
N ALA K 81 -29.46 8.12 -27.82
CA ALA K 81 -29.84 7.47 -29.07
C ALA K 81 -31.14 6.71 -28.87
N ASN K 82 -32.20 7.11 -29.56
CA ASN K 82 -33.51 6.51 -29.42
C ASN K 82 -33.77 5.61 -30.62
N GLU K 83 -33.99 4.32 -30.38
CA GLU K 83 -34.20 3.38 -31.48
C GLU K 83 -35.47 3.68 -32.28
N GLU K 84 -36.38 4.48 -31.72
CA GLU K 84 -37.51 4.98 -32.49
C GLU K 84 -37.05 5.82 -33.67
N PHE K 85 -35.88 6.46 -33.55
CA PHE K 85 -35.44 7.46 -34.51
C PHE K 85 -34.19 7.08 -35.27
N VAL K 86 -33.34 6.22 -34.71
CA VAL K 86 -32.10 5.83 -35.35
C VAL K 86 -31.92 4.32 -35.18
N ASP K 87 -31.40 3.65 -36.21
CA ASP K 87 -31.30 2.20 -36.23
C ASP K 87 -29.87 1.68 -36.19
N ASP K 88 -28.87 2.56 -36.26
CA ASP K 88 -27.46 2.16 -36.29
C ASP K 88 -26.74 2.99 -35.24
N ILE K 89 -26.47 2.39 -34.09
CA ILE K 89 -25.84 3.13 -33.00
C ILE K 89 -24.47 3.65 -33.38
N GLU K 90 -23.75 2.92 -34.24
CA GLU K 90 -22.42 3.38 -34.62
C GLU K 90 -22.49 4.61 -35.53
N LYS K 91 -23.46 4.63 -36.45
CA LYS K 91 -23.66 5.83 -37.25
C LYS K 91 -24.08 7.00 -36.37
N TRP K 92 -24.91 6.74 -35.36
CA TRP K 92 -25.30 7.80 -34.43
C TRP K 92 -24.09 8.33 -33.67
N LYS K 93 -23.26 7.43 -33.15
CA LYS K 93 -22.05 7.83 -32.45
C LYS K 93 -21.15 8.67 -33.35
N ASP K 94 -20.95 8.25 -34.59
CA ASP K 94 -20.14 9.02 -35.52
C ASP K 94 -20.74 10.39 -35.78
N THR K 95 -22.07 10.49 -35.81
CA THR K 95 -22.72 11.77 -36.01
C THR K 95 -22.50 12.69 -34.81
N VAL K 96 -22.65 12.16 -33.60
CA VAL K 96 -22.40 12.97 -32.39
C VAL K 96 -20.98 13.50 -32.39
N ILE K 97 -20.00 12.67 -32.74
CA ILE K 97 -18.62 13.11 -32.75
C ILE K 97 -18.42 14.22 -33.78
N LYS K 98 -19.02 14.06 -34.97
CA LYS K 98 -18.95 15.11 -35.98
C LYS K 98 -19.55 16.42 -35.46
N LEU K 99 -20.70 16.34 -34.77
CA LEU K 99 -21.33 17.55 -34.25
C LEU K 99 -20.49 18.16 -33.13
N ALA K 100 -19.87 17.32 -32.31
CA ALA K 100 -19.03 17.84 -31.24
C ALA K 100 -17.87 18.63 -31.81
N LYS K 101 -17.22 18.09 -32.85
CA LYS K 101 -16.13 18.81 -33.48
C LYS K 101 -16.62 20.11 -34.13
N GLU K 102 -17.81 20.08 -34.75
CA GLU K 102 -18.32 21.31 -35.35
C GLU K 102 -18.69 22.32 -34.29
N LEU K 103 -19.23 21.85 -33.15
CA LEU K 103 -19.52 22.78 -32.06
C LEU K 103 -18.24 23.41 -31.53
N LYS K 104 -17.20 22.61 -31.35
CA LYS K 104 -15.91 23.15 -30.91
C LYS K 104 -15.44 24.24 -31.86
N ASN K 105 -15.59 24.04 -33.17
CA ASN K 105 -15.12 25.04 -34.12
C ASN K 105 -15.97 26.30 -34.08
N GLN K 106 -17.30 26.14 -34.05
CA GLN K 106 -18.18 27.32 -34.10
C GLN K 106 -18.12 28.12 -32.81
N MET K 107 -17.87 27.47 -31.69
CA MET K 107 -17.68 28.15 -30.42
C MET K 107 -16.25 28.63 -30.22
N LYS K 108 -15.34 28.32 -31.16
CA LYS K 108 -13.94 28.74 -31.09
C LYS K 108 -13.28 28.29 -29.78
N GLN K 109 -13.53 27.03 -29.42
CA GLN K 109 -13.01 26.46 -28.17
C GLN K 109 -11.65 25.81 -28.41
N SER K 110 -10.72 26.06 -27.49
CA SER K 110 -9.40 25.45 -27.58
C SER K 110 -9.47 23.94 -27.36
N THR K 111 -10.29 23.49 -26.40
CA THR K 111 -10.46 22.08 -26.11
C THR K 111 -11.94 21.81 -25.90
N LEU K 112 -12.32 20.53 -26.02
CA LEU K 112 -13.71 20.13 -25.84
C LEU K 112 -13.76 18.64 -25.50
N THR K 113 -14.62 18.29 -24.55
CA THR K 113 -14.85 16.89 -24.19
C THR K 113 -16.17 16.40 -24.77
N CYS K 114 -16.15 15.14 -25.25
CA CYS K 114 -17.35 14.46 -25.73
C CYS K 114 -17.31 13.05 -25.19
N GLU K 115 -18.25 12.72 -24.29
CA GLU K 115 -18.32 11.41 -23.66
C GLU K 115 -19.49 10.60 -24.18
N PHE K 116 -19.35 9.28 -24.13
CA PHE K 116 -20.44 8.35 -24.38
C PHE K 116 -20.58 7.41 -23.19
N ILE K 117 -21.83 7.18 -22.78
CA ILE K 117 -22.15 6.41 -21.59
C ILE K 117 -23.25 5.43 -21.96
N GLU K 118 -23.13 4.19 -21.48
CA GLU K 118 -24.20 3.25 -21.73
C GLU K 118 -25.39 3.54 -20.84
N THR K 119 -26.58 3.46 -21.43
CA THR K 119 -27.81 3.81 -20.72
C THR K 119 -28.93 2.93 -21.24
N GLU K 120 -29.93 2.72 -20.39
CA GLU K 120 -31.12 1.96 -20.75
C GLU K 120 -32.26 2.96 -20.88
N LEU K 121 -32.75 3.15 -22.11
CA LEU K 121 -33.75 4.16 -22.39
C LEU K 121 -35.16 3.58 -22.38
N HIS K 122 -36.04 4.20 -21.60
CA HIS K 122 -37.47 3.94 -21.64
C HIS K 122 -38.13 5.17 -22.24
N TYR K 123 -38.87 5.00 -23.32
CA TYR K 123 -39.40 6.13 -24.08
C TYR K 123 -40.93 6.03 -24.05
N PHE K 124 -41.57 7.01 -23.41
CA PHE K 124 -43.02 7.00 -23.24
C PHE K 124 -43.66 7.98 -24.23
N LYS K 125 -44.62 7.48 -25.01
CA LYS K 125 -45.28 8.30 -26.02
C LYS K 125 -46.77 7.95 -26.10
N LYS L 4 -22.18 -0.22 -7.46
N LYS L 4 -22.39 -2.45 -7.82
CA LYS L 4 -22.87 -1.20 -8.33
CA LYS L 4 -22.90 -1.22 -8.45
C LYS L 4 -24.39 -1.03 -8.18
C LYS L 4 -24.37 -1.02 -8.13
N THR L 5 -24.87 0.19 -8.38
CA THR L 5 -26.29 0.44 -8.26
C THR L 5 -26.75 1.14 -9.54
N LEU L 6 -27.94 1.72 -9.52
CA LEU L 6 -28.48 2.44 -10.66
C LEU L 6 -28.78 3.89 -10.31
N ARG L 7 -28.72 4.75 -11.32
CA ARG L 7 -29.31 6.06 -11.24
C ARG L 7 -30.31 6.20 -12.39
N PHE L 8 -31.31 7.06 -12.21
CA PHE L 8 -32.25 7.35 -13.30
C PHE L 8 -32.05 8.78 -13.75
N GLU L 9 -32.51 9.06 -14.98
CA GLU L 9 -32.58 10.43 -15.47
C GLU L 9 -33.82 10.59 -16.32
N ILE L 10 -34.62 11.60 -15.99
CA ILE L 10 -35.86 11.91 -16.69
C ILE L 10 -35.74 13.30 -17.28
N VAL L 11 -36.24 13.50 -18.49
CA VAL L 11 -36.28 14.84 -19.07
C VAL L 11 -37.73 15.22 -19.33
N SER L 12 -38.17 16.34 -18.77
CA SER L 12 -39.56 16.77 -18.90
C SER L 12 -39.66 18.24 -19.30
N GLY L 13 -40.59 18.54 -20.21
CA GLY L 13 -40.98 19.91 -20.44
C GLY L 13 -41.71 20.46 -19.22
N VAL L 14 -41.91 21.76 -19.20
CA VAL L 14 -42.52 22.44 -18.06
C VAL L 14 -43.90 22.98 -18.35
N ASN L 15 -44.34 22.98 -19.61
CA ASN L 15 -45.70 23.31 -19.99
C ASN L 15 -46.12 24.67 -19.42
N LYS L 16 -45.43 25.71 -19.89
CA LYS L 16 -45.82 27.07 -19.52
C LYS L 16 -47.25 27.35 -19.94
N GLY L 17 -47.68 26.80 -21.08
CA GLY L 17 -49.03 27.03 -21.56
C GLY L 17 -50.10 26.58 -20.59
N TYR L 18 -49.84 25.52 -19.83
CA TYR L 18 -50.80 25.02 -18.86
C TYR L 18 -50.56 25.51 -17.45
N PHE L 19 -49.30 25.84 -17.10
CA PHE L 19 -48.96 26.25 -15.75
C PHE L 19 -48.56 27.71 -15.62
N HIS L 20 -48.32 28.41 -16.74
CA HIS L 20 -48.18 29.87 -16.76
C HIS L 20 -47.01 30.36 -15.93
N THR L 21 -45.92 29.60 -15.85
CA THR L 21 -44.70 30.10 -15.24
C THR L 21 -43.88 30.85 -16.29
N ASN L 22 -43.10 31.84 -15.83
CA ASN L 22 -42.33 32.67 -16.74
C ASN L 22 -40.87 32.84 -16.33
N SER L 23 -40.39 32.09 -15.36
CA SER L 23 -38.99 32.13 -14.98
C SER L 23 -38.46 30.72 -14.79
N GLN L 24 -37.14 30.59 -14.87
CA GLN L 24 -36.48 29.30 -14.66
C GLN L 24 -36.80 28.74 -13.29
N SER L 25 -36.65 29.57 -12.25
CA SER L 25 -36.89 29.11 -10.89
C SER L 25 -38.34 28.73 -10.66
N GLU L 26 -39.27 29.44 -11.31
CA GLU L 26 -40.68 29.11 -11.19
C GLU L 26 -40.98 27.73 -11.77
N SER L 27 -40.42 27.43 -12.94
CA SER L 27 -40.64 26.12 -13.55
C SER L 27 -39.94 25.02 -12.77
N LEU L 28 -38.78 25.31 -12.18
CA LEU L 28 -38.13 24.32 -11.32
C LEU L 28 -39.01 23.99 -10.11
N ASP L 29 -39.60 25.01 -9.51
CA ASP L 29 -40.43 24.79 -8.33
C ASP L 29 -41.71 24.05 -8.67
N LEU L 30 -42.24 24.27 -9.88
CA LEU L 30 -43.42 23.54 -10.34
C LEU L 30 -43.14 22.05 -10.41
N VAL L 31 -42.13 21.66 -11.21
CA VAL L 31 -41.80 20.24 -11.37
C VAL L 31 -41.31 19.67 -10.04
N GLY L 32 -40.54 20.44 -9.29
CA GLY L 32 -40.04 19.97 -8.00
C GLY L 32 -41.17 19.68 -7.02
N GLY L 33 -42.18 20.54 -6.98
CA GLY L 33 -43.30 20.30 -6.09
C GLY L 33 -44.15 19.12 -6.53
N ILE L 34 -44.30 18.94 -7.85
CA ILE L 34 -45.05 17.80 -8.35
C ILE L 34 -44.33 16.51 -8.05
N TRP L 35 -43.01 16.48 -8.24
CA TRP L 35 -42.23 15.29 -7.91
C TRP L 35 -42.31 15.00 -6.42
N GLN L 36 -42.19 16.04 -5.59
CA GLN L 36 -42.27 15.86 -4.15
C GLN L 36 -43.57 15.17 -3.76
N LYS L 37 -44.66 15.59 -4.37
CA LYS L 37 -45.97 15.01 -4.02
C LYS L 37 -46.08 13.57 -4.50
N ILE L 38 -45.69 13.29 -5.75
CA ILE L 38 -45.87 11.92 -6.22
C ILE L 38 -44.88 10.98 -5.55
N ALA L 39 -43.67 11.45 -5.24
CA ALA L 39 -42.73 10.61 -4.50
C ALA L 39 -43.22 10.30 -3.10
N LYS L 40 -43.81 11.29 -2.42
CA LYS L 40 -44.37 11.04 -1.10
C LYS L 40 -45.51 10.04 -1.17
N GLU L 41 -46.42 10.23 -2.12
CA GLU L 41 -47.53 9.31 -2.27
C GLU L 41 -47.04 7.89 -2.46
N GLU L 42 -46.05 7.70 -3.34
CA GLU L 42 -45.58 6.35 -3.61
C GLU L 42 -44.84 5.78 -2.40
N PHE L 43 -44.05 6.60 -1.72
CA PHE L 43 -43.38 6.13 -0.51
C PHE L 43 -44.38 5.61 0.52
N GLU L 44 -45.53 6.28 0.66
CA GLU L 44 -46.51 5.83 1.65
C GLU L 44 -47.13 4.49 1.28
N LYS L 45 -47.16 4.15 0.00
CA LYS L 45 -47.74 2.88 -0.46
C LYS L 45 -46.74 1.73 -0.45
N SER L 46 -45.51 1.98 -0.89
CA SER L 46 -44.55 0.92 -1.13
C SER L 46 -43.31 0.98 -0.26
N ASN L 47 -43.16 2.05 0.54
CA ASN L 47 -41.99 2.30 1.37
C ASN L 47 -40.73 2.56 0.56
N ILE L 48 -40.89 2.87 -0.74
CA ILE L 48 -39.79 3.27 -1.61
C ILE L 48 -39.95 4.75 -1.91
N TYR L 49 -39.00 5.56 -1.44
CA TYR L 49 -38.97 6.99 -1.73
C TYR L 49 -37.91 7.25 -2.79
N VAL L 50 -38.32 7.81 -3.92
CA VAL L 50 -37.40 8.14 -5.02
C VAL L 50 -37.13 9.64 -4.94
N SER L 51 -36.02 10.02 -4.31
CA SER L 51 -35.62 11.42 -4.32
C SER L 51 -35.03 11.79 -5.68
N ALA L 52 -35.00 13.10 -5.98
CA ALA L 52 -34.56 13.53 -7.31
C ALA L 52 -33.83 14.86 -7.24
N VAL L 53 -32.71 14.93 -7.93
CA VAL L 53 -31.99 16.19 -8.14
C VAL L 53 -32.48 16.77 -9.46
N ILE L 54 -32.95 18.01 -9.45
CA ILE L 54 -33.56 18.61 -10.63
C ILE L 54 -32.71 19.79 -11.10
N LYS L 55 -32.43 19.83 -12.39
CA LYS L 55 -31.60 20.86 -13.01
C LYS L 55 -32.37 21.61 -14.08
N PRO L 56 -32.21 22.93 -14.16
CA PRO L 56 -32.80 23.69 -15.26
C PRO L 56 -32.10 23.37 -16.57
N SER L 57 -32.85 23.47 -17.66
CA SER L 57 -32.28 23.10 -18.94
C SER L 57 -33.13 23.65 -20.06
N LYS L 58 -32.61 23.51 -21.27
CA LYS L 58 -33.36 23.71 -22.50
C LYS L 58 -33.10 22.52 -23.39
N THR L 59 -34.13 22.06 -24.08
CA THR L 59 -33.98 20.93 -24.98
C THR L 59 -34.17 21.39 -26.41
N VAL L 60 -33.21 21.05 -27.26
CA VAL L 60 -33.10 21.53 -28.63
C VAL L 60 -33.42 20.39 -29.60
N TYR L 61 -34.42 20.60 -30.45
CA TYR L 61 -34.65 19.70 -31.57
C TYR L 61 -35.17 20.53 -32.74
N ASN L 62 -35.65 19.86 -33.78
CA ASN L 62 -35.97 20.54 -35.03
C ASN L 62 -37.17 21.46 -34.87
N GLN L 63 -36.99 22.73 -35.28
CA GLN L 63 -38.11 23.67 -35.19
C GLN L 63 -39.30 23.18 -36.00
N GLU L 64 -39.03 22.49 -37.10
CA GLU L 64 -40.10 22.01 -37.97
C GLU L 64 -40.90 20.89 -37.32
N TRP L 65 -40.41 20.31 -36.22
CA TRP L 65 -41.07 19.23 -35.52
C TRP L 65 -41.67 19.69 -34.21
N GLY L 66 -41.73 20.99 -33.98
CA GLY L 66 -42.38 21.56 -32.82
C GLY L 66 -41.48 22.38 -31.91
N CYS L 67 -40.18 22.33 -32.08
CA CYS L 67 -39.29 22.96 -31.10
C CYS L 67 -39.29 24.47 -31.28
N PRO L 68 -39.41 25.24 -30.19
CA PRO L 68 -39.17 26.69 -30.28
C PRO L 68 -37.75 26.96 -30.75
N GLU L 69 -37.54 28.13 -31.35
CA GLU L 69 -36.19 28.51 -31.73
C GLU L 69 -35.32 28.61 -30.49
N ASN L 70 -34.13 27.99 -30.56
CA ASN L 70 -33.14 27.91 -29.48
C ASN L 70 -33.50 26.93 -28.38
N GLY L 71 -34.64 26.25 -28.44
CA GLY L 71 -34.92 25.14 -27.55
C GLY L 71 -36.14 25.39 -26.66
N GLU L 72 -36.60 24.30 -26.06
CA GLU L 72 -37.74 24.31 -25.16
C GLU L 72 -37.27 24.25 -23.71
N GLU L 73 -37.89 25.04 -22.85
CA GLU L 73 -37.53 25.02 -21.44
C GLU L 73 -37.93 23.68 -20.82
N THR L 74 -36.96 23.01 -20.18
CA THR L 74 -37.15 21.67 -19.65
C THR L 74 -36.49 21.57 -18.29
N VAL L 75 -36.74 20.45 -17.62
CA VAL L 75 -36.10 20.12 -16.37
C VAL L 75 -35.54 18.71 -16.50
N VAL L 76 -34.37 18.47 -15.91
CA VAL L 76 -33.75 17.16 -15.88
C VAL L 76 -33.78 16.68 -14.44
N LEU L 77 -34.39 15.52 -14.20
CA LEU L 77 -34.46 14.92 -12.87
C LEU L 77 -33.57 13.69 -12.84
N THR L 78 -32.72 13.59 -11.83
CA THR L 78 -31.80 12.47 -11.71
C THR L 78 -31.79 12.01 -10.27
N GLY L 79 -31.60 10.71 -10.06
CA GLY L 79 -31.48 10.21 -8.70
C GLY L 79 -30.88 8.82 -8.68
N VAL L 80 -30.34 8.46 -7.52
CA VAL L 80 -29.59 7.22 -7.38
C VAL L 80 -30.35 6.29 -6.45
N ALA L 81 -30.23 4.99 -6.71
CA ALA L 81 -30.78 3.96 -5.82
C ALA L 81 -29.75 3.67 -4.72
N ASN L 82 -29.99 4.19 -3.53
CA ASN L 82 -29.05 4.10 -2.42
C ASN L 82 -29.30 2.82 -1.64
N GLU L 83 -28.28 1.94 -1.59
CA GLU L 83 -28.38 0.68 -0.89
C GLU L 83 -28.78 0.85 0.58
N GLU L 84 -28.50 2.03 1.15
CA GLU L 84 -28.95 2.30 2.52
C GLU L 84 -30.47 2.25 2.63
N PHE L 85 -31.19 2.66 1.58
CA PHE L 85 -32.64 2.78 1.59
C PHE L 85 -33.34 1.74 0.72
N VAL L 86 -32.65 1.18 -0.27
CA VAL L 86 -33.25 0.35 -1.30
C VAL L 86 -32.76 -1.08 -1.11
N ASP L 87 -33.69 -1.99 -0.80
CA ASP L 87 -33.36 -3.41 -0.66
C ASP L 87 -33.39 -4.12 -2.01
N ASP L 88 -34.29 -3.71 -2.90
CA ASP L 88 -34.62 -4.43 -4.12
C ASP L 88 -34.51 -3.46 -5.30
N ILE L 89 -33.42 -3.57 -6.05
CA ILE L 89 -33.16 -2.63 -7.14
C ILE L 89 -34.24 -2.72 -8.21
N GLU L 90 -34.75 -3.92 -8.47
CA GLU L 90 -35.80 -4.06 -9.49
C GLU L 90 -37.07 -3.35 -9.07
N LYS L 91 -37.48 -3.49 -7.80
CA LYS L 91 -38.65 -2.77 -7.32
C LYS L 91 -38.42 -1.27 -7.38
N TRP L 92 -37.21 -0.82 -7.09
CA TRP L 92 -36.91 0.61 -7.24
C TRP L 92 -37.05 1.04 -8.69
N LYS L 93 -36.51 0.24 -9.61
CA LYS L 93 -36.64 0.53 -11.04
C LYS L 93 -38.11 0.65 -11.45
N ASP L 94 -38.95 -0.29 -11.00
CA ASP L 94 -40.38 -0.22 -11.32
C ASP L 94 -41.01 1.03 -10.73
N THR L 95 -40.57 1.42 -9.54
CA THR L 95 -41.11 2.63 -8.92
C THR L 95 -40.73 3.87 -9.73
N VAL L 96 -39.48 3.95 -10.20
CA VAL L 96 -39.08 5.12 -10.99
C VAL L 96 -39.91 5.21 -12.26
N ILE L 97 -40.09 4.08 -12.96
CA ILE L 97 -40.90 4.07 -14.18
C ILE L 97 -42.33 4.50 -13.87
N LYS L 98 -42.90 3.99 -12.78
CA LYS L 98 -44.25 4.39 -12.40
C LYS L 98 -44.32 5.90 -12.16
N LEU L 99 -43.33 6.46 -11.46
CA LEU L 99 -43.33 7.89 -11.19
C LEU L 99 -43.08 8.71 -12.44
N ALA L 100 -42.21 8.22 -13.32
CA ALA L 100 -41.97 8.89 -14.60
C ALA L 100 -43.25 9.01 -15.40
N LYS L 101 -44.04 7.95 -15.44
CA LYS L 101 -45.30 8.01 -16.18
C LYS L 101 -46.27 8.97 -15.51
N GLU L 102 -46.28 9.02 -14.17
CA GLU L 102 -47.15 9.96 -13.47
C GLU L 102 -46.72 11.39 -13.74
N LEU L 103 -45.41 11.64 -13.75
CA LEU L 103 -44.93 12.98 -14.06
C LEU L 103 -45.31 13.38 -15.48
N LYS L 104 -45.14 12.47 -16.44
CA LYS L 104 -45.54 12.75 -17.81
C LYS L 104 -47.01 13.16 -17.86
N ASN L 105 -47.87 12.44 -17.14
CA ASN L 105 -49.30 12.74 -17.14
C ASN L 105 -49.56 14.08 -16.46
N GLN L 106 -49.00 14.31 -15.27
CA GLN L 106 -49.28 15.54 -14.56
C GLN L 106 -48.68 16.76 -15.27
N MET L 107 -47.56 16.58 -15.96
CA MET L 107 -47.01 17.70 -16.71
C MET L 107 -47.64 17.82 -18.10
N LYS L 108 -48.58 16.94 -18.44
CA LYS L 108 -49.29 16.99 -19.73
C LYS L 108 -48.30 16.91 -20.90
N GLN L 109 -47.29 16.05 -20.75
CA GLN L 109 -46.26 15.90 -21.78
C GLN L 109 -46.67 14.84 -22.79
N SER L 110 -46.45 15.14 -24.06
CA SER L 110 -46.74 14.16 -25.10
C SER L 110 -45.77 13.00 -25.04
N THR L 111 -44.48 13.27 -24.82
CA THR L 111 -43.47 12.23 -24.73
C THR L 111 -42.58 12.50 -23.53
N LEU L 112 -41.91 11.45 -23.07
CA LEU L 112 -40.97 11.59 -21.96
C LEU L 112 -39.92 10.50 -22.03
N THR L 113 -38.66 10.84 -21.74
CA THR L 113 -37.60 9.86 -21.64
C THR L 113 -37.29 9.57 -20.18
N CYS L 114 -37.00 8.29 -19.88
CA CYS L 114 -36.56 7.88 -18.55
C CYS L 114 -35.42 6.89 -18.75
N GLU L 115 -34.23 7.22 -18.24
CA GLU L 115 -33.05 6.41 -18.45
C GLU L 115 -32.57 5.80 -17.15
N PHE L 116 -31.93 4.64 -17.26
CA PHE L 116 -31.21 4.04 -16.13
C PHE L 116 -29.75 3.85 -16.51
N ILE L 117 -28.86 4.21 -15.60
CA ILE L 117 -27.42 4.18 -15.83
C ILE L 117 -26.77 3.48 -14.65
N GLU L 118 -25.85 2.56 -14.93
CA GLU L 118 -25.10 1.92 -13.86
C GLU L 118 -24.14 2.90 -13.21
N THR L 119 -24.06 2.85 -11.88
CA THR L 119 -23.22 3.80 -11.16
C THR L 119 -22.66 3.13 -9.91
N GLU L 120 -21.52 3.63 -9.47
CA GLU L 120 -20.92 3.18 -8.23
C GLU L 120 -21.09 4.28 -7.19
N LEU L 121 -21.95 4.05 -6.21
CA LEU L 121 -22.30 5.06 -5.22
C LEU L 121 -21.42 4.97 -3.98
N HIS L 122 -20.80 6.10 -3.62
CA HIS L 122 -20.18 6.26 -2.33
C HIS L 122 -21.02 7.26 -1.54
N TYR L 123 -21.54 6.82 -0.40
CA TYR L 123 -22.47 7.59 0.41
C TYR L 123 -21.79 7.93 1.72
N PHE L 124 -21.60 9.22 1.99
CA PHE L 124 -20.92 9.68 3.19
C PHE L 124 -21.95 10.25 4.17
N LYS L 125 -21.93 9.75 5.39
CA LYS L 125 -22.89 10.18 6.41
C LYS L 125 -22.20 10.31 7.77
N23 A1EL0 M . 16.71 -20.99 -1.18
C22 A1EL0 M . 16.00 -19.72 -0.95
C21 A1EL0 M . 16.77 -18.88 0.06
C20 A1EL0 M . 16.90 -19.59 1.41
S19 A1EL0 M . 15.37 -19.52 2.25
C24 A1EL0 M . 15.89 -18.94 -2.23
O26 A1EL0 M . 16.40 -19.43 -3.36
O25 A1EL0 M . 15.34 -17.86 -2.25
C18 A1EL0 M . 14.77 -17.86 2.32
C16 A1EL0 M . 13.71 -17.77 3.43
O17 A1EL0 M . 14.29 -18.15 4.69
C14 A1EL0 M . 13.18 -16.36 3.66
O15 A1EL0 M . 11.98 -16.05 2.96
C12 A1EL0 M . 12.97 -16.23 5.15
O13 A1EL0 M . 11.67 -16.68 5.56
C11 A1EL0 M . 14.01 -17.18 5.70
N10 A1EL0 M . 15.23 -16.41 5.99
C68 A1EL0 M . 16.16 -16.00 5.07
N69 A1EL0 M . 17.16 -15.31 5.68
C70 A1EL0 M . 16.88 -15.29 6.99
C75 A1EL0 M . 17.55 -14.74 8.19
N76 A1EL0 M . 18.70 -14.05 8.06
N74 A1EL0 M . 16.96 -14.92 9.39
C73 A1EL0 M . 15.80 -15.60 9.50
N72 A1EL0 M . 15.14 -16.12 8.45
C71 A1EL0 M . 15.63 -16.01 7.20
P27 A1EL0 M . 12.11 -15.07 1.68
O28 A1EL0 M . 12.67 -13.78 2.12
O29 A1EL0 M . 13.00 -15.79 0.57
O30 A1EL0 M . 10.61 -14.83 1.14
C31 A1EL0 M . 10.00 -15.64 0.14
C32 A1EL0 M . 8.51 -15.34 0.18
O38 A1EL0 M . 7.93 -16.01 1.30
C33 A1EL0 M . 8.23 -13.86 0.41
O34 A1EL0 M . 8.00 -13.12 -0.81
C35 A1EL0 M . 7.00 -13.84 1.30
O36 A1EL0 M . 5.80 -13.89 0.52
C37 A1EL0 M . 7.13 -15.13 2.08
N39 A1EL0 M . 7.77 -14.88 3.41
C40 A1EL0 M . 9.00 -15.25 3.77
N41 A1EL0 M . 9.26 -14.88 5.06
C42 A1EL0 M . 8.18 -14.26 5.54
C47 A1EL0 M . 7.79 -13.63 6.82
N48 A1EL0 M . 8.63 -13.60 7.87
N46 A1EL0 M . 6.55 -13.10 6.90
C45 A1EL0 M . 5.69 -13.13 5.86
N44 A1EL0 M . 5.98 -13.69 4.66
C43 A1EL0 M . 7.19 -14.25 4.44
C1 GOL N . 39.86 -9.98 8.59
O1 GOL N . 39.25 -9.92 7.32
C2 GOL N . 38.87 -9.63 9.70
O2 GOL N . 37.58 -10.15 9.39
C3 GOL N . 39.33 -10.14 11.04
O3 GOL N . 40.53 -9.51 11.42
N23 A1EL0 O . 45.00 -20.73 12.24
C22 A1EL0 O . 45.22 -19.28 12.16
C21 A1EL0 O . 44.00 -18.52 12.68
C20 A1EL0 O . 42.75 -18.91 11.90
S19 A1EL0 O . 42.77 -18.17 10.31
C24 A1EL0 O . 46.41 -18.90 12.99
O26 A1EL0 O . 46.73 -17.62 13.11
O25 A1EL0 O . 47.09 -19.74 13.56
C18 A1EL0 O . 43.01 -16.42 10.52
C16 A1EL0 O . 42.48 -15.67 9.29
O17 A1EL0 O . 41.07 -15.91 9.15
C14 A1EL0 O . 42.59 -14.16 9.42
O15 A1EL0 O . 43.80 -13.63 8.90
C12 A1EL0 O . 41.36 -13.60 8.73
O13 A1EL0 O . 41.52 -13.45 7.31
C11 A1EL0 O . 40.35 -14.69 8.95
N10 A1EL0 O . 39.55 -14.38 10.17
C68 A1EL0 O . 39.90 -14.60 11.44
N69 A1EL0 O . 38.94 -14.20 12.31
C70 A1EL0 O . 37.93 -13.70 11.56
C75 A1EL0 O . 36.61 -13.13 11.82
N76 A1EL0 O . 36.19 -12.96 13.09
N74 A1EL0 O . 35.88 -12.73 10.76
C73 A1EL0 O . 36.30 -12.89 9.49
N72 A1EL0 O . 37.51 -13.41 9.18
C71 A1EL0 O . 38.35 -13.83 10.16
P27 A1EL0 O . 44.88 -13.08 9.92
O28 A1EL0 O . 44.39 -11.94 10.74
O29 A1EL0 O . 45.43 -14.27 10.83
O30 A1EL0 O . 46.09 -12.58 8.98
C31 A1EL0 O . 46.83 -13.57 8.26
C32 A1EL0 O . 47.60 -12.93 7.10
O38 A1EL0 O . 46.68 -12.62 6.05
C33 A1EL0 O . 48.28 -11.63 7.47
O34 A1EL0 O . 49.42 -11.46 6.60
C35 A1EL0 O . 47.25 -10.58 7.13
O36 A1EL0 O . 47.85 -9.33 6.76
C37 A1EL0 O . 46.52 -11.20 5.95
N39 A1EL0 O . 45.07 -10.91 5.95
C40 A1EL0 O . 44.11 -11.70 6.49
N41 A1EL0 O . 42.89 -11.15 6.29
C42 A1EL0 O . 43.06 -9.99 5.64
C47 A1EL0 O . 42.18 -8.92 5.12
N48 A1EL0 O . 40.84 -8.99 5.29
N46 A1EL0 O . 42.76 -7.89 4.47
C45 A1EL0 O . 44.08 -7.82 4.30
N44 A1EL0 O . 44.95 -8.75 4.74
C43 A1EL0 O . 44.49 -9.84 5.41
N23 A1EL0 P . 19.63 -27.94 29.27
C22 A1EL0 P . 19.63 -26.74 30.11
C21 A1EL0 P . 19.85 -25.51 29.25
C20 A1EL0 P . 21.09 -25.66 28.36
S19 A1EL0 P . 22.55 -25.44 29.34
C24 A1EL0 P . 18.35 -26.60 30.89
O26 A1EL0 P . 18.19 -25.55 31.68
O25 A1EL0 P . 17.42 -27.42 30.80
C18 A1EL0 P . 22.37 -23.89 30.21
C16 A1EL0 P . 23.74 -23.32 30.63
O17 A1EL0 P . 24.55 -23.00 29.49
C14 A1EL0 P . 23.62 -21.99 31.37
O15 A1EL0 P . 23.49 -22.19 32.77
C12 A1EL0 P . 24.84 -21.17 30.99
O13 A1EL0 P . 25.99 -21.45 31.80
C11 A1EL0 P . 25.11 -21.68 29.59
N10 A1EL0 P . 24.41 -20.82 28.61
C68 A1EL0 P . 23.10 -20.84 28.28
N69 A1EL0 P . 22.83 -19.89 27.35
C70 A1EL0 P . 24.00 -19.26 27.10
C75 A1EL0 P . 24.45 -18.16 26.21
N76 A1EL0 P . 23.57 -17.52 25.41
N74 A1EL0 P . 25.75 -17.82 26.23
C73 A1EL0 P . 26.63 -18.44 27.03
N72 A1EL0 P . 26.30 -19.45 27.85
C71 A1EL0 P . 25.02 -19.87 27.91
P27 A1EL0 P . 22.10 -21.84 33.51
O28 A1EL0 P . 21.03 -22.77 33.10
O29 A1EL0 P . 21.68 -20.33 33.27
O30 A1EL0 P . 22.40 -21.98 35.07
C31 A1EL0 P . 22.27 -23.23 35.75
C32 A1EL0 P . 22.93 -23.08 37.11
O38 A1EL0 P . 24.33 -23.15 36.91
C33 A1EL0 P . 22.68 -21.67 37.63
O34 A1EL0 P . 21.60 -21.61 38.56
C35 A1EL0 P . 23.98 -21.23 38.27
O36 A1EL0 P . 24.01 -21.66 39.64
C37 A1EL0 P . 24.99 -22.03 37.48
N39 A1EL0 P . 25.64 -21.23 36.41
C40 A1EL0 P . 25.50 -21.43 35.08
N41 A1EL0 P . 26.25 -20.53 34.39
C42 A1EL0 P . 26.86 -19.75 35.28
C47 A1EL0 P . 27.79 -18.61 35.23
N48 A1EL0 P . 28.21 -18.13 34.04
N46 A1EL0 P . 28.20 -18.10 36.41
C45 A1EL0 P . 27.79 -18.57 37.59
N44 A1EL0 P . 26.94 -19.60 37.72
C43 A1EL0 P . 26.45 -20.22 36.61
C1 GOL Q . 14.58 -11.88 7.02
O1 GOL Q . 14.17 -11.72 5.68
C2 GOL Q . 13.73 -12.91 7.73
O2 GOL Q . 14.00 -12.88 9.11
C3 GOL Q . 12.25 -12.71 7.43
O3 GOL Q . 11.53 -13.75 8.05
N23 A1EL0 R . 25.76 32.22 14.66
C22 A1EL0 R . 26.60 31.02 14.54
C21 A1EL0 R . 25.74 29.78 14.76
C20 A1EL0 R . 25.17 29.72 16.17
S19 A1EL0 R . 26.43 29.25 17.33
C24 A1EL0 R . 27.25 30.93 13.18
O26 A1EL0 R . 27.20 31.97 12.32
O25 A1EL0 R . 27.83 29.91 12.86
C18 A1EL0 R . 27.20 27.71 16.88
C16 A1EL0 R . 28.02 27.26 18.15
O17 A1EL0 R . 27.12 27.00 19.24
C14 A1EL0 R . 28.79 25.95 17.99
O15 A1EL0 R . 30.16 26.12 17.69
C12 A1EL0 R . 28.54 25.11 19.23
O13 A1EL0 R . 29.51 25.32 20.27
C11 A1EL0 R . 27.21 25.65 19.72
N10 A1EL0 R . 26.13 24.82 19.15
C68 A1EL0 R . 25.61 24.89 17.90
N69 A1EL0 R . 24.66 23.96 17.69
C70 A1EL0 R . 24.56 23.27 18.83
C75 A1EL0 R . 23.72 22.15 19.28
N76 A1EL0 R . 22.82 21.62 18.42
N74 A1EL0 R . 23.91 21.71 20.55
C73 A1EL0 R . 24.81 22.27 21.38
N72 A1EL0 R . 25.62 23.30 21.02
C71 A1EL0 R . 25.53 23.82 19.79
P27 A1EL0 R . 30.60 25.96 16.16
O28 A1EL0 R . 30.42 24.57 15.69
O29 A1EL0 R . 29.90 27.05 15.26
O30 A1EL0 R . 32.19 26.30 16.22
C31 A1EL0 R . 32.56 27.66 16.48
C32 A1EL0 R . 34.03 27.67 16.92
O38 A1EL0 R . 34.11 27.15 18.24
C33 A1EL0 R . 34.89 26.76 16.05
O34 A1EL0 R . 36.22 27.31 15.95
C35 A1EL0 R . 34.97 25.46 16.81
O36 A1EL0 R . 36.23 24.80 16.69
C37 A1EL0 R . 34.79 25.90 18.25
N39 A1EL0 R . 33.95 24.97 19.03
C40 A1EL0 R . 32.61 25.06 19.13
N41 A1EL0 R . 32.13 24.09 19.94
C42 A1EL0 R . 33.18 23.35 20.35
C47 A1EL0 R . 33.37 22.19 21.22
N48 A1EL0 R . 32.29 21.62 21.80
N46 A1EL0 R . 34.64 21.75 21.42
C45 A1EL0 R . 35.69 22.34 20.83
N44 A1EL0 R . 35.59 23.41 20.03
C43 A1EL0 R . 34.38 23.94 19.75
C1 GOL S . 3.59 17.39 9.80
O1 GOL S . 4.36 17.73 8.68
C2 GOL S . 4.37 16.47 10.72
O2 GOL S . 5.62 17.03 11.04
C3 GOL S . 3.56 16.17 11.97
O3 GOL S . 2.34 15.60 11.55
N23 A1EL0 T . -3.31 22.65 15.46
C22 A1EL0 T . -2.53 23.65 16.20
C21 A1EL0 T . -1.11 23.72 15.68
C20 A1EL0 T . -1.07 23.45 14.18
S19 A1EL0 T . -1.31 21.74 13.76
C24 A1EL0 T . -3.22 24.99 16.15
O26 A1EL0 T . -2.53 26.12 16.22
O25 A1EL0 T . -4.44 25.06 16.06
C18 A1EL0 T . -1.30 22.10 12.05
C16 A1EL0 T . 0.03 21.77 11.40
O17 A1EL0 T . 1.22 21.98 12.17
C14 A1EL0 T . 0.05 20.28 11.16
O15 A1EL0 T . -0.88 20.01 10.13
C12 A1EL0 T . 1.48 20.06 10.77
O13 A1EL0 T . 1.74 20.57 9.45
C11 A1EL0 T . 2.17 21.01 11.75
N10 A1EL0 T . 2.61 20.20 12.91
C68 A1EL0 T . 1.83 19.76 13.93
N69 A1EL0 T . 2.56 19.04 14.82
C70 A1EL0 T . 3.83 19.05 14.37
C75 A1EL0 T . 5.10 18.49 14.85
N76 A1EL0 T . 5.15 17.77 15.98
N74 A1EL0 T . 6.21 18.71 14.10
C73 A1EL0 T . 6.15 19.44 12.96
N72 A1EL0 T . 5.03 19.96 12.46
C71 A1EL0 T . 3.85 19.81 13.11
P27 A1EL0 T . -2.10 19.02 10.41
O28 A1EL0 T . -1.58 17.67 10.73
O29 A1EL0 T . -3.10 19.62 11.48
O30 A1EL0 T . -2.79 18.97 8.95
C31 A1EL0 T . -3.88 19.82 8.63
C32 A1EL0 T . -4.08 19.60 7.15
O38 A1EL0 T . -2.99 20.26 6.49
C33 A1EL0 T . -3.93 18.13 6.78
O34 A1EL0 T . -5.14 17.36 6.68
C35 A1EL0 T . -3.22 18.15 5.46
O36 A1EL0 T . -4.18 18.30 4.40
C37 A1EL0 T . -2.40 19.41 5.53
N39 A1EL0 T . -0.99 19.15 5.93
C40 A1EL0 T . -0.42 19.48 7.10
N41 A1EL0 T . 0.89 19.12 7.09
C42 A1EL0 T . 1.15 18.56 5.90
C47 A1EL0 T . 2.32 17.96 5.23
N48 A1EL0 T . 3.52 17.89 5.84
N46 A1EL0 T . 2.14 17.50 3.96
C45 A1EL0 T . 0.96 17.57 3.33
N44 A1EL0 T . -0.14 18.09 3.86
C43 A1EL0 T . -0.10 18.59 5.13
C1 GOL U . 11.10 12.61 35.65
O1 GOL U . 11.55 12.27 36.95
C2 GOL U . 9.61 12.92 35.61
O2 GOL U . 9.16 12.84 34.29
C3 GOL U . 8.77 12.04 36.53
O3 GOL U . 7.44 12.53 36.52
C1 GOL V . 29.12 21.59 19.82
O1 GOL V . 29.61 21.57 21.14
C2 GOL V . 28.10 20.50 19.55
O2 GOL V . 27.10 20.42 20.55
C3 GOL V . 27.41 20.74 18.22
O3 GOL V . 28.32 20.69 17.15
N23 A1EL0 W . 12.93 22.98 41.89
C22 A1EL0 W . 12.96 21.51 41.95
C21 A1EL0 W . 13.34 20.94 40.58
C20 A1EL0 W . 12.36 21.37 39.48
S19 A1EL0 W . 10.81 20.57 39.69
C24 A1EL0 W . 13.98 21.03 42.95
O26 A1EL0 W . 14.67 21.90 43.71
O25 A1EL0 W . 14.17 19.82 43.06
C18 A1EL0 W . 11.06 18.83 39.89
C16 A1EL0 W . 9.73 18.08 39.54
O17 A1EL0 W . 9.30 18.38 38.19
C14 A1EL0 W . 9.88 16.56 39.53
O15 A1EL0 W . 9.56 15.91 40.75
C12 A1EL0 W . 9.02 16.04 38.39
O13 A1EL0 W . 7.67 15.80 38.80
C11 A1EL0 W . 9.05 17.19 37.41
N10 A1EL0 W . 10.14 16.97 36.44
C68 A1EL0 W . 11.47 17.16 36.66
N69 A1EL0 W . 12.20 16.87 35.56
C70 A1EL0 W . 11.33 16.50 34.60
C75 A1EL0 W . 11.42 16.06 33.21
N76 A1EL0 W . 12.63 15.95 32.63
N74 A1EL0 W . 10.29 15.76 32.55
C73 A1EL0 W . 9.08 15.85 33.14
N72 A1EL0 W . 8.91 16.23 34.43
C71 A1EL0 W . 9.98 16.56 35.18
P27 A1EL0 W . 10.77 15.35 41.66
O28 A1EL0 W . 11.51 14.29 40.95
O29 A1EL0 W . 11.69 16.57 42.14
O30 A1EL0 W . 10.08 14.68 42.95
C31 A1EL0 W . 9.58 15.52 43.98
C32 A1EL0 W . 8.70 14.63 44.84
O38 A1EL0 W . 7.42 14.65 44.23
C33 A1EL0 W . 9.20 13.19 44.72
O34 A1EL0 W . 9.98 12.75 45.85
C35 A1EL0 W . 7.97 12.35 44.56
O36 A1EL0 W . 7.55 11.87 45.82
C37 A1EL0 W . 6.95 13.33 44.01
N39 A1EL0 W . 6.80 13.13 42.55
C40 A1EL0 W . 7.28 13.92 41.56
N41 A1EL0 W . 6.95 13.43 40.34
C42 A1EL0 W . 6.23 12.30 40.56
C47 A1EL0 W . 5.57 11.29 39.72
N48 A1EL0 W . 5.61 11.41 38.37
N46 A1EL0 W . 4.93 10.28 40.36
C45 A1EL0 W . 4.88 10.16 41.69
N44 A1EL0 W . 5.48 11.04 42.52
C43 A1EL0 W . 6.15 12.10 42.01
N23 A1EL0 X . -19.35 -29.65 -7.27
C22 A1EL0 X . -19.49 -28.33 -6.62
C21 A1EL0 X . -19.51 -27.22 -7.66
C20 A1EL0 X . -18.20 -27.10 -8.42
S19 A1EL0 X . -16.96 -26.44 -7.34
C24 A1EL0 X . -20.80 -28.28 -5.88
O26 A1EL0 X . -21.11 -27.18 -5.16
O25 A1EL0 X . -21.59 -29.21 -5.92
C18 A1EL0 X . -17.52 -24.90 -6.66
C16 A1EL0 X . -16.27 -24.14 -6.19
O17 A1EL0 X . -15.39 -23.89 -7.29
C14 A1EL0 X . -16.61 -22.76 -5.66
O15 A1EL0 X . -16.77 -22.77 -4.24
C12 A1EL0 X . -15.47 -21.84 -6.10
O13 A1EL0 X . -14.41 -21.88 -5.15
C11 A1EL0 X . -15.01 -22.51 -7.37
N10 A1EL0 X . -15.72 -21.89 -8.50
C68 A1EL0 X . -16.95 -22.24 -8.96
N69 A1EL0 X . -17.30 -21.47 -10.01
C70 A1EL0 X . -16.29 -20.61 -10.24
C75 A1EL0 X . -16.01 -19.53 -11.21
N76 A1EL0 X . -16.92 -19.19 -12.16
N74 A1EL0 X . -14.82 -18.90 -11.11
C73 A1EL0 X . -13.91 -19.21 -10.17
N72 A1EL0 X . -14.10 -20.17 -9.25
C71 A1EL0 X . -15.25 -20.91 -9.25
P27 A1EL0 X . -18.25 -22.61 -3.64
O28 A1EL0 X . -18.82 -21.31 -4.03
O29 A1EL0 X . -19.17 -23.85 -4.10
O30 A1EL0 X . -18.06 -22.70 -2.05
C31 A1EL0 X . -17.58 -23.94 -1.54
C32 A1EL0 X . -17.10 -23.75 -0.10
O38 A1EL0 X . -15.83 -23.13 -0.14
C33 A1EL0 X . -18.00 -22.83 0.70
O34 A1EL0 X . -17.97 -23.30 2.05
C35 A1EL0 X . -17.35 -21.48 0.62
O36 A1EL0 X . -17.39 -20.81 1.89
C37 A1EL0 X . -15.90 -21.79 0.36
N39 A1EL0 X . -15.30 -20.91 -0.67
C40 A1EL0 X . -15.26 -21.22 -1.98
N41 A1EL0 X . -14.63 -20.25 -2.68
C42 A1EL0 X . -14.27 -19.29 -1.82
C47 A1EL0 X . -13.56 -18.00 -1.91
N48 A1EL0 X . -13.14 -17.57 -3.13
N46 A1EL0 X . -13.38 -17.31 -0.78
C45 A1EL0 X . -13.81 -17.77 0.41
N44 A1EL0 X . -14.45 -18.94 0.59
C43 A1EL0 X . -14.72 -19.73 -0.48
C1 GOL Y . -25.14 -17.69 -31.59
O1 GOL Y . -25.60 -17.64 -32.91
C2 GOL Y . -25.82 -18.80 -30.80
O2 GOL Y . -25.69 -18.48 -29.43
C3 GOL Y . -27.27 -18.96 -31.26
O3 GOL Y . -27.97 -19.87 -30.43
N23 A1EL0 Z . -21.05 -27.23 -38.28
C22 A1EL0 Z . -21.86 -25.98 -38.25
C21 A1EL0 Z . -21.23 -24.97 -37.31
C20 A1EL0 Z . -21.09 -25.50 -35.88
S19 A1EL0 Z . -22.69 -25.61 -35.14
C24 A1EL0 Z . -21.92 -25.35 -39.61
O26 A1EL0 Z . -21.27 -25.93 -40.63
O25 A1EL0 Z . -22.54 -24.31 -39.78
C18 A1EL0 Z . -23.51 -24.06 -35.33
C16 A1EL0 Z . -24.68 -24.02 -34.31
O17 A1EL0 Z . -24.14 -24.08 -32.99
C14 A1EL0 Z . -25.45 -22.72 -34.34
O15 A1EL0 Z . -26.59 -22.79 -35.18
C12 A1EL0 Z . -25.79 -22.38 -32.89
O13 A1EL0 Z . -27.04 -22.93 -32.46
C11 A1EL0 Z . -24.65 -23.05 -32.15
N10 A1EL0 Z . -23.58 -22.05 -31.93
C68 A1EL0 Z . -22.70 -21.62 -32.86
N69 A1EL0 Z . -21.89 -20.66 -32.35
C70 A1EL0 Z . -22.24 -20.50 -31.05
C75 A1EL0 Z . -21.78 -19.64 -29.95
N76 A1EL0 Z . -20.74 -18.79 -30.16
N74 A1EL0 Z . -22.40 -19.77 -28.75
C73 A1EL0 Z . -23.44 -20.62 -28.57
N72 A1EL0 Z . -23.92 -21.42 -29.55
C71 A1EL0 Z . -23.37 -21.39 -30.78
P27 A1EL0 Z . -26.56 -21.97 -36.57
O28 A1EL0 Z . -26.40 -20.53 -36.37
O29 A1EL0 Z . -25.48 -22.60 -37.56
O30 A1EL0 Z . -28.02 -22.22 -37.21
C31 A1EL0 Z . -28.27 -23.46 -37.87
C32 A1EL0 Z . -29.76 -23.73 -37.93
O38 A1EL0 Z . -30.31 -23.84 -36.61
C33 A1EL0 Z . -30.48 -22.57 -38.60
O34 A1EL0 Z . -31.61 -23.13 -39.28
C35 A1EL0 Z . -30.99 -21.74 -37.44
O36 A1EL0 Z . -32.26 -21.18 -37.75
C37 A1EL0 Z . -31.20 -22.75 -36.33
N39 A1EL0 Z . -30.83 -22.21 -35.01
C40 A1EL0 Z . -29.59 -22.31 -34.47
N41 A1EL0 Z . -29.55 -21.72 -33.25
C42 A1EL0 Z . -30.79 -21.24 -33.01
C47 A1EL0 Z . -31.44 -20.52 -31.89
N48 A1EL0 Z . -30.74 -20.19 -30.79
N46 A1EL0 Z . -32.76 -20.22 -32.03
C45 A1EL0 Z . -33.46 -20.53 -33.13
N44 A1EL0 Z . -32.93 -21.18 -34.19
C43 A1EL0 Z . -31.63 -21.56 -34.17
C1 GOL AA . -1.48 -11.06 -26.42
O1 GOL AA . -0.36 -10.30 -26.05
C2 GOL AA . -1.77 -10.88 -27.89
O2 GOL AA . -2.96 -11.60 -28.16
C3 GOL AA . -0.57 -11.34 -28.72
O3 GOL AA . -0.80 -11.18 -30.09
N23 A1EL0 BA . 5.78 -20.02 -23.20
C22 A1EL0 BA . 5.78 -18.58 -23.53
C21 A1EL0 BA . 4.42 -17.99 -23.22
C20 A1EL0 BA . 3.33 -18.74 -24.00
S19 A1EL0 BA . 3.41 -18.22 -25.69
C24 A1EL0 BA . 6.82 -17.82 -22.75
O26 A1EL0 BA . 7.58 -18.43 -21.85
O25 A1EL0 BA . 6.94 -16.61 -22.91
C18 A1EL0 BA . 3.38 -16.45 -25.73
C16 A1EL0 BA . 2.79 -16.03 -27.09
O17 A1EL0 BA . 1.46 -16.53 -27.19
C14 A1EL0 BA . 2.62 -14.52 -27.21
O15 A1EL0 BA . 3.75 -13.91 -27.77
C12 A1EL0 BA . 1.40 -14.35 -28.08
O13 A1EL0 BA . 1.76 -14.40 -29.47
C11 A1EL0 BA . 0.56 -15.56 -27.73
N10 A1EL0 BA . -0.40 -15.20 -26.65
C68 A1EL0 BA . -0.09 -15.15 -25.33
N69 A1EL0 BA . -1.18 -14.80 -24.59
C70 A1EL0 BA . -2.20 -14.62 -25.46
C75 A1EL0 BA . -3.61 -14.24 -25.34
N76 A1EL0 BA . -4.16 -13.97 -24.13
N74 A1EL0 BA . -4.34 -14.18 -26.48
C73 A1EL0 BA . -3.78 -14.45 -27.69
N72 A1EL0 BA . -2.50 -14.80 -27.88
C71 A1EL0 BA . -1.67 -14.90 -26.81
P27 A1EL0 BA . 4.66 -13.04 -26.76
O28 A1EL0 BA . 3.92 -11.92 -26.16
O29 A1EL0 BA . 5.34 -13.94 -25.63
O30 A1EL0 BA . 5.78 -12.45 -27.73
C31 A1EL0 BA . 7.05 -13.08 -27.92
C32 A1EL0 BA . 7.66 -12.32 -29.08
O38 A1EL0 BA . 7.01 -12.72 -30.29
C33 A1EL0 BA . 7.35 -10.83 -28.94
O34 A1EL0 BA . 8.42 -10.11 -28.31
C35 A1EL0 BA . 7.14 -10.36 -30.35
O36 A1EL0 BA . 8.41 -9.99 -30.90
C37 A1EL0 BA . 6.62 -11.60 -31.08
N39 A1EL0 BA . 5.15 -11.55 -31.14
C40 A1EL0 BA . 4.31 -12.35 -30.44
N41 A1EL0 BA . 3.01 -12.06 -30.73
C42 A1EL0 BA . 3.02 -11.07 -31.64
C47 A1EL0 BA . 1.98 -10.29 -32.39
N48 A1EL0 BA . 0.67 -10.53 -32.20
N46 A1EL0 BA . 2.41 -9.34 -33.24
C45 A1EL0 BA . 3.72 -9.09 -33.43
N44 A1EL0 BA . 4.70 -9.75 -32.79
C43 A1EL0 BA . 4.42 -10.73 -31.90
N23 A1EL0 CA . -28.34 19.43 3.30
C22 A1EL0 CA . -28.26 17.96 3.40
C21 A1EL0 CA . -27.69 17.38 2.10
C20 A1EL0 CA . -28.50 17.84 0.89
S19 A1EL0 CA . -30.11 17.10 0.89
C24 A1EL0 CA . -27.39 17.61 4.56
O26 A1EL0 CA . -26.60 18.53 5.11
O25 A1EL0 CA . -27.40 16.48 5.03
C18 A1EL0 CA . -29.83 15.36 1.19
C16 A1EL0 CA . -31.02 14.52 0.69
O17 A1EL0 CA . -31.23 14.75 -0.72
C14 A1EL0 CA . -30.80 13.02 0.77
O15 A1EL0 CA . -31.22 12.44 2.01
C12 A1EL0 CA . -31.58 12.43 -0.39
O13 A1EL0 CA . -32.96 12.26 -0.02
C11 A1EL0 CA . -31.45 13.53 -1.42
N10 A1EL0 CA . -30.25 13.29 -2.28
C68 A1EL0 CA . -28.97 13.64 -1.99
N69 A1EL0 CA . -28.13 13.26 -2.99
C70 A1EL0 CA . -28.90 12.65 -3.92
C75 A1EL0 CA . -28.66 12.01 -5.21
N76 A1EL0 CA . -27.38 11.95 -5.70
N74 A1EL0 CA . -29.72 11.50 -5.87
C73 A1EL0 CA . -30.97 11.56 -5.36
N72 A1EL0 CA . -31.27 12.14 -4.19
C71 A1EL0 CA . -30.29 12.66 -3.44
P27 A1EL0 CA . -30.12 11.90 3.04
O28 A1EL0 CA . -29.24 10.94 2.35
O29 A1EL0 CA . -29.38 13.14 3.71
O30 A1EL0 CA . -30.95 11.11 4.17
C31 A1EL0 CA . -31.30 11.78 5.37
C32 A1EL0 CA . -32.34 10.91 6.04
O38 A1EL0 CA . -33.60 11.09 5.39
C33 A1EL0 CA . -32.03 9.42 5.88
O34 A1EL0 CA . -31.28 8.90 6.97
C35 A1EL0 CA . -33.39 8.78 5.82
O36 A1EL0 CA . -33.96 8.65 7.12
C37 A1EL0 CA . -34.18 9.83 5.06
N39 A1EL0 CA . -34.09 9.59 3.61
C40 A1EL0 CA . -33.52 10.41 2.69
N41 A1EL0 CA . -33.66 9.89 1.43
C42 A1EL0 CA . -34.34 8.74 1.56
C47 A1EL0 CA . -34.83 7.70 0.63
N48 A1EL0 CA . -34.58 7.85 -0.70
N46 A1EL0 CA . -35.50 6.66 1.15
C45 A1EL0 CA . -35.73 6.53 2.47
N44 A1EL0 CA . -35.32 7.45 3.38
C43 A1EL0 CA . -34.63 8.55 2.98
C1 GOL DA . -11.47 16.41 -18.72
O1 GOL DA . -10.46 16.74 -19.65
C2 GOL DA . -11.19 17.08 -17.39
O2 GOL DA . -11.89 16.37 -16.38
C3 GOL DA . -9.70 17.15 -17.09
O3 GOL DA . -9.53 17.77 -15.83
N23 A1EL0 EA . -12.91 25.95 -22.82
C22 A1EL0 EA . -13.95 26.43 -21.90
C21 A1EL0 EA . -13.55 26.13 -20.44
C20 A1EL0 EA . -13.46 24.63 -20.22
S19 A1EL0 EA . -11.90 24.03 -20.82
C24 A1EL0 EA . -14.10 27.92 -22.09
O26 A1EL0 EA . -13.33 28.54 -22.97
O25 A1EL0 EA . -14.92 28.56 -21.44
C18 A1EL0 EA . -10.71 24.48 -19.61
C16 A1EL0 EA . -10.65 23.45 -18.49
O17 A1EL0 EA . -11.93 23.08 -17.97
C14 A1EL0 EA . -10.10 22.12 -18.95
O15 A1EL0 EA . -8.70 22.15 -19.23
C12 A1EL0 EA . -10.46 21.23 -17.79
O13 A1EL0 EA . -9.62 21.49 -16.65
C11 A1EL0 EA . -11.86 21.74 -17.47
N10 A1EL0 EA . -12.86 20.86 -18.13
C68 A1EL0 EA . -13.22 20.88 -19.43
N69 A1EL0 EA . -14.15 19.94 -19.69
C70 A1EL0 EA . -14.39 19.28 -18.54
C75 A1EL0 EA . -15.27 18.18 -18.12
N76 A1EL0 EA . -16.06 17.55 -19.02
N74 A1EL0 EA . -15.22 17.80 -16.82
C73 A1EL0 EA . -14.42 18.42 -15.93
N72 A1EL0 EA . -13.59 19.43 -16.25
C71 A1EL0 EA . -13.54 19.90 -17.52
P27 A1EL0 EA . -8.15 21.80 -20.70
O28 A1EL0 EA . -8.50 20.42 -21.15
O29 A1EL0 EA . -8.67 22.95 -21.70
O30 A1EL0 EA . -6.56 21.89 -20.56
C31 A1EL0 EA . -5.89 23.13 -20.73
C32 A1EL0 EA . -4.53 22.98 -20.06
O38 A1EL0 EA . -4.70 23.13 -18.65
C33 A1EL0 EA . -3.93 21.60 -20.27
O34 A1EL0 EA . -3.10 21.52 -21.43
C35 A1EL0 EA . -3.13 21.39 -19.01
O36 A1EL0 EA . -1.88 22.08 -19.14
C37 A1EL0 EA . -3.97 22.10 -17.98
N39 A1EL0 EA . -4.94 21.18 -17.36
C40 A1EL0 EA . -6.29 21.23 -17.50
N41 A1EL0 EA . -6.88 20.23 -16.78
C42 A1EL0 EA . -5.89 19.54 -16.17
C47 A1EL0 EA . -5.82 18.39 -15.25
N48 A1EL0 EA . -6.93 17.74 -14.84
N46 A1EL0 EA . -4.59 18.00 -14.85
C45 A1EL0 EA . -3.46 18.63 -15.25
N44 A1EL0 EA . -3.44 19.69 -16.08
C43 A1EL0 EA . -4.62 20.18 -16.55
C1 GOL FA . -34.42 12.21 -29.21
O1 GOL FA . -33.60 12.58 -30.28
C2 GOL FA . -33.67 11.33 -28.22
O2 GOL FA . -32.48 11.94 -27.74
C3 GOL FA . -34.53 10.92 -27.05
O3 GOL FA . -35.81 10.54 -27.50
N23 A1EL0 GA . -43.06 19.22 -24.23
C22 A1EL0 GA . -42.76 18.00 -25.00
C21 A1EL0 GA . -41.58 17.26 -24.38
C20 A1EL0 GA . -40.30 18.10 -24.39
S19 A1EL0 GA . -39.61 18.15 -26.01
C24 A1EL0 GA . -43.96 17.08 -25.06
O26 A1EL0 GA . -45.14 17.45 -24.58
O25 A1EL0 GA . -43.86 15.98 -25.56
C18 A1EL0 GA . -39.35 16.48 -26.50
C16 A1EL0 GA . -38.31 16.48 -27.63
O17 A1EL0 GA . -37.05 16.89 -27.07
C14 A1EL0 GA . -38.08 15.08 -28.19
O15 A1EL0 GA . -38.84 14.83 -29.37
C12 A1EL0 GA . -36.60 15.00 -28.44
O13 A1EL0 GA . -36.21 15.51 -29.72
C11 A1EL0 GA . -36.02 15.94 -27.41
N10 A1EL0 GA . -35.66 15.17 -26.21
C68 A1EL0 GA . -36.51 14.74 -25.24
N69 A1EL0 GA . -35.83 14.07 -24.27
C70 A1EL0 GA . -34.53 14.08 -24.64
C75 A1EL0 GA . -33.29 13.55 -24.06
N76 A1EL0 GA . -33.38 12.88 -22.90
N74 A1EL0 GA . -32.14 13.76 -24.73
C73 A1EL0 GA . -32.10 14.46 -25.88
N72 A1EL0 GA . -33.21 14.96 -26.48
C71 A1EL0 GA . -34.43 14.81 -25.90
P27 A1EL0 GA . -40.08 13.81 -29.29
O28 A1EL0 GA . -39.58 12.45 -29.02
O29 A1EL0 GA . -41.13 14.33 -28.21
O30 A1EL0 GA . -40.75 13.90 -30.75
C31 A1EL0 GA . -41.27 15.16 -31.18
C32 A1EL0 GA . -41.47 15.17 -32.69
O38 A1EL0 GA . -40.21 15.35 -33.35
C33 A1EL0 GA . -41.98 13.85 -33.22
O34 A1EL0 GA . -42.67 14.15 -34.44
C35 A1EL0 GA . -40.73 13.06 -33.56
O36 A1EL0 GA . -40.98 12.16 -34.65
C37 A1EL0 GA . -39.76 14.15 -33.96
N39 A1EL0 GA . -38.38 13.93 -33.45
C40 A1EL0 GA . -37.90 14.40 -32.30
N41 A1EL0 GA . -36.58 14.05 -32.14
C42 A1EL0 GA . -36.25 13.34 -33.24
C47 A1EL0 GA . -35.03 12.66 -33.74
N48 A1EL0 GA . -33.87 12.66 -33.02
N46 A1EL0 GA . -35.10 12.05 -34.95
C45 A1EL0 GA . -36.23 12.04 -35.68
N44 A1EL0 GA . -37.37 12.62 -35.28
C43 A1EL0 GA . -37.43 13.28 -34.10
#